data_7XCD
# 
_entry.id   7XCD 
# 
_audit_conform.dict_name       mmcif_pdbx.dic 
_audit_conform.dict_version    5.397 
_audit_conform.dict_location   http://mmcif.pdb.org/dictionaries/ascii/mmcif_pdbx.dic 
# 
loop_
_database_2.database_id 
_database_2.database_code 
_database_2.pdbx_database_accession 
_database_2.pdbx_DOI 
PDB   7XCD         pdb_00007xcd 10.2210/pdb7xcd/pdb 
WWPDB D_1300028530 ?            ?                   
# 
loop_
_pdbx_audit_revision_history.ordinal 
_pdbx_audit_revision_history.data_content_type 
_pdbx_audit_revision_history.major_revision 
_pdbx_audit_revision_history.minor_revision 
_pdbx_audit_revision_history.revision_date 
1 'Structure model' 1 0 2023-04-26 
2 'Structure model' 1 1 2023-11-29 
3 'Structure model' 1 2 2024-10-30 
# 
_pdbx_audit_revision_details.ordinal             1 
_pdbx_audit_revision_details.revision_ordinal    1 
_pdbx_audit_revision_details.data_content_type   'Structure model' 
_pdbx_audit_revision_details.provider            repository 
_pdbx_audit_revision_details.type                'Initial release' 
_pdbx_audit_revision_details.description         ? 
_pdbx_audit_revision_details.details             ? 
# 
loop_
_pdbx_audit_revision_group.ordinal 
_pdbx_audit_revision_group.revision_ordinal 
_pdbx_audit_revision_group.data_content_type 
_pdbx_audit_revision_group.group 
1 2 'Structure model' 'Data collection'        
2 2 'Structure model' 'Refinement description' 
3 3 'Structure model' 'Structure summary'      
# 
loop_
_pdbx_audit_revision_category.ordinal 
_pdbx_audit_revision_category.revision_ordinal 
_pdbx_audit_revision_category.data_content_type 
_pdbx_audit_revision_category.category 
1 2 'Structure model' chem_comp_atom                
2 2 'Structure model' chem_comp_bond                
3 2 'Structure model' pdbx_initial_refinement_model 
4 3 'Structure model' pdbx_entry_details            
5 3 'Structure model' pdbx_modification_feature     
# 
_pdbx_audit_revision_item.ordinal             1 
_pdbx_audit_revision_item.revision_ordinal    3 
_pdbx_audit_revision_item.data_content_type   'Structure model' 
_pdbx_audit_revision_item.item                '_pdbx_entry_details.has_protein_modification' 
# 
_pdbx_database_status.status_code                     REL 
_pdbx_database_status.status_code_sf                  REL 
_pdbx_database_status.status_code_mr                  ? 
_pdbx_database_status.entry_id                        7XCD 
_pdbx_database_status.recvd_initial_deposition_date   2022-03-24 
_pdbx_database_status.SG_entry                        N 
_pdbx_database_status.deposit_site                    PDBJ 
_pdbx_database_status.process_site                    PDBJ 
_pdbx_database_status.status_code_cs                  ? 
_pdbx_database_status.status_code_nmr_data            ? 
_pdbx_database_status.methods_development_category    ? 
_pdbx_database_status.pdb_format_compatible           Y 
# 
_pdbx_contact_author.id                 2 
_pdbx_contact_author.email              chenlf@fjnu.edu.cn 
_pdbx_contact_author.name_first         Lifei 
_pdbx_contact_author.name_last          Chen 
_pdbx_contact_author.name_mi            ? 
_pdbx_contact_author.role               'principal investigator/group leader' 
_pdbx_contact_author.identifier_ORCID   0000-0002-9057-909X 
# 
loop_
_audit_author.name 
_audit_author.pdbx_ordinal 
_audit_author.identifier_ORCID 
'Wu, Y.K.'   1 ? 
'Chen, L.F.' 2 ? 
'Chen, P.'   3 ? 
# 
_citation.abstract                  ? 
_citation.abstract_id_CAS           ? 
_citation.book_id_ISBN              ? 
_citation.book_publisher            ? 
_citation.book_publisher_city       ? 
_citation.book_title                ? 
_citation.coordinate_linkage        ? 
_citation.country                   ? 
_citation.database_id_Medline       ? 
_citation.details                   ? 
_citation.id                        primary 
_citation.journal_abbrev            'To Be Published' 
_citation.journal_id_ASTM           ? 
_citation.journal_id_CSD            0353 
_citation.journal_id_ISSN           ? 
_citation.journal_full              ? 
_citation.journal_issue             ? 
_citation.journal_volume            ? 
_citation.language                  ? 
_citation.page_first                ? 
_citation.page_last                 ? 
_citation.title                     'Crystal Structure of the Disease-Specific Protein of Rice Stripe Virus' 
_citation.year                      ? 
_citation.database_id_CSD           ? 
_citation.pdbx_database_id_DOI      ? 
_citation.pdbx_database_id_PubMed   ? 
_citation.pdbx_database_id_patent   ? 
_citation.unpublished_flag          ? 
# 
loop_
_citation_author.citation_id 
_citation_author.name 
_citation_author.ordinal 
_citation_author.identifier_ORCID 
primary 'Wu, Y.K.'   1 0000-0002-9057-909X 
primary 'Chen, L.F.' 2 0000-0002-9057-909X 
# 
loop_
_entity.id 
_entity.type 
_entity.src_method 
_entity.pdbx_description 
_entity.formula_weight 
_entity.pdbx_number_of_molecules 
_entity.pdbx_ec 
_entity.pdbx_mutation 
_entity.pdbx_fragment 
_entity.details 
1 polymer man 'Disease specific protein' 20850.100 1   ? ? ? ? 
2 water   nat water                      18.015    148 ? ? ? ? 
# 
_entity_name_com.entity_id   1 
_entity_name_com.name        'Non-capsid protein,Putative SP,SP protein' 
# 
_entity_poly.entity_id                      1 
_entity_poly.type                           'polypeptide(L)' 
_entity_poly.nstd_linkage                   no 
_entity_poly.nstd_monomer                   yes 
_entity_poly.pdbx_seq_one_letter_code       
;(MSE)QDVQRTIEVSVGPIVGLDYTLLYDTLPETVSDNITLPDLKDPERVTEDTKKLILKGCVYIAYHHPLETDTLFIKV
HKHIPEFCHSFLSHLLGGEDDDNALIDIGLFFN(MSE)LQPSLGGWITKNFLRHPNR(MSE)SKDQIK(MSE)LLDQIIK
(MSE)AKAESSDTEEYEKVWKK(MSE)PTYFESIIQPLLHKT
;
_entity_poly.pdbx_seq_one_letter_code_can   
;MQDVQRTIEVSVGPIVGLDYTLLYDTLPETVSDNITLPDLKDPERVTEDTKKLILKGCVYIAYHHPLETDTLFIKVHKHI
PEFCHSFLSHLLGGEDDDNALIDIGLFFNMLQPSLGGWITKNFLRHPNRMSKDQIKMLLDQIIKMAKAESSDTEEYEKVW
KKMPTYFESIIQPLLHKT
;
_entity_poly.pdbx_strand_id                 A 
_entity_poly.pdbx_target_identifier         ? 
# 
_pdbx_entity_nonpoly.entity_id   2 
_pdbx_entity_nonpoly.name        water 
_pdbx_entity_nonpoly.comp_id     HOH 
# 
loop_
_entity_poly_seq.entity_id 
_entity_poly_seq.num 
_entity_poly_seq.mon_id 
_entity_poly_seq.hetero 
1 1   MSE n 
1 2   GLN n 
1 3   ASP n 
1 4   VAL n 
1 5   GLN n 
1 6   ARG n 
1 7   THR n 
1 8   ILE n 
1 9   GLU n 
1 10  VAL n 
1 11  SER n 
1 12  VAL n 
1 13  GLY n 
1 14  PRO n 
1 15  ILE n 
1 16  VAL n 
1 17  GLY n 
1 18  LEU n 
1 19  ASP n 
1 20  TYR n 
1 21  THR n 
1 22  LEU n 
1 23  LEU n 
1 24  TYR n 
1 25  ASP n 
1 26  THR n 
1 27  LEU n 
1 28  PRO n 
1 29  GLU n 
1 30  THR n 
1 31  VAL n 
1 32  SER n 
1 33  ASP n 
1 34  ASN n 
1 35  ILE n 
1 36  THR n 
1 37  LEU n 
1 38  PRO n 
1 39  ASP n 
1 40  LEU n 
1 41  LYS n 
1 42  ASP n 
1 43  PRO n 
1 44  GLU n 
1 45  ARG n 
1 46  VAL n 
1 47  THR n 
1 48  GLU n 
1 49  ASP n 
1 50  THR n 
1 51  LYS n 
1 52  LYS n 
1 53  LEU n 
1 54  ILE n 
1 55  LEU n 
1 56  LYS n 
1 57  GLY n 
1 58  CYS n 
1 59  VAL n 
1 60  TYR n 
1 61  ILE n 
1 62  ALA n 
1 63  TYR n 
1 64  HIS n 
1 65  HIS n 
1 66  PRO n 
1 67  LEU n 
1 68  GLU n 
1 69  THR n 
1 70  ASP n 
1 71  THR n 
1 72  LEU n 
1 73  PHE n 
1 74  ILE n 
1 75  LYS n 
1 76  VAL n 
1 77  HIS n 
1 78  LYS n 
1 79  HIS n 
1 80  ILE n 
1 81  PRO n 
1 82  GLU n 
1 83  PHE n 
1 84  CYS n 
1 85  HIS n 
1 86  SER n 
1 87  PHE n 
1 88  LEU n 
1 89  SER n 
1 90  HIS n 
1 91  LEU n 
1 92  LEU n 
1 93  GLY n 
1 94  GLY n 
1 95  GLU n 
1 96  ASP n 
1 97  ASP n 
1 98  ASP n 
1 99  ASN n 
1 100 ALA n 
1 101 LEU n 
1 102 ILE n 
1 103 ASP n 
1 104 ILE n 
1 105 GLY n 
1 106 LEU n 
1 107 PHE n 
1 108 PHE n 
1 109 ASN n 
1 110 MSE n 
1 111 LEU n 
1 112 GLN n 
1 113 PRO n 
1 114 SER n 
1 115 LEU n 
1 116 GLY n 
1 117 GLY n 
1 118 TRP n 
1 119 ILE n 
1 120 THR n 
1 121 LYS n 
1 122 ASN n 
1 123 PHE n 
1 124 LEU n 
1 125 ARG n 
1 126 HIS n 
1 127 PRO n 
1 128 ASN n 
1 129 ARG n 
1 130 MSE n 
1 131 SER n 
1 132 LYS n 
1 133 ASP n 
1 134 GLN n 
1 135 ILE n 
1 136 LYS n 
1 137 MSE n 
1 138 LEU n 
1 139 LEU n 
1 140 ASP n 
1 141 GLN n 
1 142 ILE n 
1 143 ILE n 
1 144 LYS n 
1 145 MSE n 
1 146 ALA n 
1 147 LYS n 
1 148 ALA n 
1 149 GLU n 
1 150 SER n 
1 151 SER n 
1 152 ASP n 
1 153 THR n 
1 154 GLU n 
1 155 GLU n 
1 156 TYR n 
1 157 GLU n 
1 158 LYS n 
1 159 VAL n 
1 160 TRP n 
1 161 LYS n 
1 162 LYS n 
1 163 MSE n 
1 164 PRO n 
1 165 THR n 
1 166 TYR n 
1 167 PHE n 
1 168 GLU n 
1 169 SER n 
1 170 ILE n 
1 171 ILE n 
1 172 GLN n 
1 173 PRO n 
1 174 LEU n 
1 175 LEU n 
1 176 HIS n 
1 177 LYS n 
1 178 THR n 
# 
_entity_src_gen.entity_id                          1 
_entity_src_gen.pdbx_src_id                        1 
_entity_src_gen.pdbx_alt_source_flag               sample 
_entity_src_gen.pdbx_seq_type                      'Biological sequence' 
_entity_src_gen.pdbx_beg_seq_num                   1 
_entity_src_gen.pdbx_end_seq_num                   178 
_entity_src_gen.gene_src_common_name               ? 
_entity_src_gen.gene_src_genus                     ? 
_entity_src_gen.pdbx_gene_src_gene                 'SP, sp' 
_entity_src_gen.gene_src_species                   ? 
_entity_src_gen.gene_src_strain                    ? 
_entity_src_gen.gene_src_tissue                    ? 
_entity_src_gen.gene_src_tissue_fraction           ? 
_entity_src_gen.gene_src_details                   ? 
_entity_src_gen.pdbx_gene_src_fragment             ? 
_entity_src_gen.pdbx_gene_src_scientific_name      'Rice stripe tenuivirus' 
_entity_src_gen.pdbx_gene_src_ncbi_taxonomy_id     12331 
_entity_src_gen.pdbx_gene_src_variant              ? 
_entity_src_gen.pdbx_gene_src_cell_line            ? 
_entity_src_gen.pdbx_gene_src_atcc                 ? 
_entity_src_gen.pdbx_gene_src_organ                ? 
_entity_src_gen.pdbx_gene_src_organelle            ? 
_entity_src_gen.pdbx_gene_src_cell                 ? 
_entity_src_gen.pdbx_gene_src_cellular_location    ? 
_entity_src_gen.host_org_common_name               ? 
_entity_src_gen.pdbx_host_org_scientific_name      'Escherichia coli' 
_entity_src_gen.pdbx_host_org_ncbi_taxonomy_id     562 
_entity_src_gen.host_org_genus                     ? 
_entity_src_gen.pdbx_host_org_gene                 ? 
_entity_src_gen.pdbx_host_org_organ                ? 
_entity_src_gen.host_org_species                   ? 
_entity_src_gen.pdbx_host_org_tissue               ? 
_entity_src_gen.pdbx_host_org_tissue_fraction      ? 
_entity_src_gen.pdbx_host_org_strain               ? 
_entity_src_gen.pdbx_host_org_variant              ? 
_entity_src_gen.pdbx_host_org_cell_line            ? 
_entity_src_gen.pdbx_host_org_atcc                 ? 
_entity_src_gen.pdbx_host_org_culture_collection   ? 
_entity_src_gen.pdbx_host_org_cell                 ? 
_entity_src_gen.pdbx_host_org_organelle            ? 
_entity_src_gen.pdbx_host_org_cellular_location    ? 
_entity_src_gen.pdbx_host_org_vector_type          ? 
_entity_src_gen.pdbx_host_org_vector               ? 
_entity_src_gen.host_org_details                   ? 
_entity_src_gen.expression_system_id               ? 
_entity_src_gen.plasmid_name                       ? 
_entity_src_gen.plasmid_details                    ? 
_entity_src_gen.pdbx_description                   ? 
# 
loop_
_chem_comp.id 
_chem_comp.type 
_chem_comp.mon_nstd_flag 
_chem_comp.name 
_chem_comp.pdbx_synonyms 
_chem_comp.formula 
_chem_comp.formula_weight 
ALA 'L-peptide linking' y ALANINE          ? 'C3 H7 N O2'     89.093  
ARG 'L-peptide linking' y ARGININE         ? 'C6 H15 N4 O2 1' 175.209 
ASN 'L-peptide linking' y ASPARAGINE       ? 'C4 H8 N2 O3'    132.118 
ASP 'L-peptide linking' y 'ASPARTIC ACID'  ? 'C4 H7 N O4'     133.103 
CYS 'L-peptide linking' y CYSTEINE         ? 'C3 H7 N O2 S'   121.158 
GLN 'L-peptide linking' y GLUTAMINE        ? 'C5 H10 N2 O3'   146.144 
GLU 'L-peptide linking' y 'GLUTAMIC ACID'  ? 'C5 H9 N O4'     147.129 
GLY 'peptide linking'   y GLYCINE          ? 'C2 H5 N O2'     75.067  
HIS 'L-peptide linking' y HISTIDINE        ? 'C6 H10 N3 O2 1' 156.162 
HOH non-polymer         . WATER            ? 'H2 O'           18.015  
ILE 'L-peptide linking' y ISOLEUCINE       ? 'C6 H13 N O2'    131.173 
LEU 'L-peptide linking' y LEUCINE          ? 'C6 H13 N O2'    131.173 
LYS 'L-peptide linking' y LYSINE           ? 'C6 H15 N2 O2 1' 147.195 
MSE 'L-peptide linking' n SELENOMETHIONINE ? 'C5 H11 N O2 Se' 196.106 
PHE 'L-peptide linking' y PHENYLALANINE    ? 'C9 H11 N O2'    165.189 
PRO 'L-peptide linking' y PROLINE          ? 'C5 H9 N O2'     115.130 
SER 'L-peptide linking' y SERINE           ? 'C3 H7 N O3'     105.093 
THR 'L-peptide linking' y THREONINE        ? 'C4 H9 N O3'     119.119 
TRP 'L-peptide linking' y TRYPTOPHAN       ? 'C11 H12 N2 O2'  204.225 
TYR 'L-peptide linking' y TYROSINE         ? 'C9 H11 N O3'    181.189 
VAL 'L-peptide linking' y VALINE           ? 'C5 H11 N O2'    117.146 
# 
loop_
_pdbx_poly_seq_scheme.asym_id 
_pdbx_poly_seq_scheme.entity_id 
_pdbx_poly_seq_scheme.seq_id 
_pdbx_poly_seq_scheme.mon_id 
_pdbx_poly_seq_scheme.ndb_seq_num 
_pdbx_poly_seq_scheme.pdb_seq_num 
_pdbx_poly_seq_scheme.auth_seq_num 
_pdbx_poly_seq_scheme.pdb_mon_id 
_pdbx_poly_seq_scheme.auth_mon_id 
_pdbx_poly_seq_scheme.pdb_strand_id 
_pdbx_poly_seq_scheme.pdb_ins_code 
_pdbx_poly_seq_scheme.hetero 
A 1 1   MSE 1   1   1   MSE MSE A . n 
A 1 2   GLN 2   2   2   GLN GLN A . n 
A 1 3   ASP 3   3   3   ASP ASP A . n 
A 1 4   VAL 4   4   4   VAL VAL A . n 
A 1 5   GLN 5   5   5   GLN GLN A . n 
A 1 6   ARG 6   6   6   ARG ARG A . n 
A 1 7   THR 7   7   7   THR THR A . n 
A 1 8   ILE 8   8   8   ILE ILE A . n 
A 1 9   GLU 9   9   9   GLU GLU A . n 
A 1 10  VAL 10  10  10  VAL VAL A . n 
A 1 11  SER 11  11  11  SER SER A . n 
A 1 12  VAL 12  12  12  VAL VAL A . n 
A 1 13  GLY 13  13  13  GLY GLY A . n 
A 1 14  PRO 14  14  14  PRO PRO A . n 
A 1 15  ILE 15  15  15  ILE ILE A . n 
A 1 16  VAL 16  16  16  VAL VAL A . n 
A 1 17  GLY 17  17  17  GLY GLY A . n 
A 1 18  LEU 18  18  18  LEU LEU A . n 
A 1 19  ASP 19  19  19  ASP ASP A . n 
A 1 20  TYR 20  20  20  TYR TYR A . n 
A 1 21  THR 21  21  21  THR THR A . n 
A 1 22  LEU 22  22  22  LEU LEU A . n 
A 1 23  LEU 23  23  23  LEU LEU A . n 
A 1 24  TYR 24  24  24  TYR TYR A . n 
A 1 25  ASP 25  25  25  ASP ASP A . n 
A 1 26  THR 26  26  26  THR THR A . n 
A 1 27  LEU 27  27  27  LEU LEU A . n 
A 1 28  PRO 28  28  28  PRO PRO A . n 
A 1 29  GLU 29  29  29  GLU GLU A . n 
A 1 30  THR 30  30  30  THR THR A . n 
A 1 31  VAL 31  31  31  VAL VAL A . n 
A 1 32  SER 32  32  32  SER SER A . n 
A 1 33  ASP 33  33  33  ASP ASP A . n 
A 1 34  ASN 34  34  34  ASN ASN A . n 
A 1 35  ILE 35  35  35  ILE ILE A . n 
A 1 36  THR 36  36  36  THR THR A . n 
A 1 37  LEU 37  37  37  LEU LEU A . n 
A 1 38  PRO 38  38  38  PRO PRO A . n 
A 1 39  ASP 39  39  39  ASP ASP A . n 
A 1 40  LEU 40  40  40  LEU LEU A . n 
A 1 41  LYS 41  41  41  LYS LYS A . n 
A 1 42  ASP 42  42  42  ASP ASP A . n 
A 1 43  PRO 43  43  43  PRO PRO A . n 
A 1 44  GLU 44  44  44  GLU GLU A . n 
A 1 45  ARG 45  45  45  ARG ARG A . n 
A 1 46  VAL 46  46  46  VAL VAL A . n 
A 1 47  THR 47  47  47  THR THR A . n 
A 1 48  GLU 48  48  48  GLU GLU A . n 
A 1 49  ASP 49  49  49  ASP ASP A . n 
A 1 50  THR 50  50  50  THR THR A . n 
A 1 51  LYS 51  51  51  LYS LYS A . n 
A 1 52  LYS 52  52  52  LYS LYS A . n 
A 1 53  LEU 53  53  53  LEU LEU A . n 
A 1 54  ILE 54  54  54  ILE ILE A . n 
A 1 55  LEU 55  55  55  LEU LEU A . n 
A 1 56  LYS 56  56  56  LYS LYS A . n 
A 1 57  GLY 57  57  57  GLY GLY A . n 
A 1 58  CYS 58  58  58  CYS CYS A . n 
A 1 59  VAL 59  59  59  VAL VAL A . n 
A 1 60  TYR 60  60  60  TYR TYR A . n 
A 1 61  ILE 61  61  61  ILE ILE A . n 
A 1 62  ALA 62  62  62  ALA ALA A . n 
A 1 63  TYR 63  63  63  TYR TYR A . n 
A 1 64  HIS 64  64  64  HIS HIS A . n 
A 1 65  HIS 65  65  65  HIS HIS A . n 
A 1 66  PRO 66  66  66  PRO PRO A . n 
A 1 67  LEU 67  67  67  LEU LEU A . n 
A 1 68  GLU 68  68  68  GLU GLU A . n 
A 1 69  THR 69  69  69  THR THR A . n 
A 1 70  ASP 70  70  70  ASP ASP A . n 
A 1 71  THR 71  71  71  THR THR A . n 
A 1 72  LEU 72  72  72  LEU LEU A . n 
A 1 73  PHE 73  73  73  PHE PHE A . n 
A 1 74  ILE 74  74  74  ILE ILE A . n 
A 1 75  LYS 75  75  75  LYS LYS A . n 
A 1 76  VAL 76  76  76  VAL VAL A . n 
A 1 77  HIS 77  77  77  HIS HIS A . n 
A 1 78  LYS 78  78  78  LYS LYS A . n 
A 1 79  HIS 79  79  79  HIS HIS A . n 
A 1 80  ILE 80  80  80  ILE ILE A . n 
A 1 81  PRO 81  81  81  PRO PRO A . n 
A 1 82  GLU 82  82  82  GLU GLU A . n 
A 1 83  PHE 83  83  83  PHE PHE A . n 
A 1 84  CYS 84  84  84  CYS CYS A . n 
A 1 85  HIS 85  85  85  HIS HIS A . n 
A 1 86  SER 86  86  86  SER SER A . n 
A 1 87  PHE 87  87  87  PHE PHE A . n 
A 1 88  LEU 88  88  88  LEU LEU A . n 
A 1 89  SER 89  89  89  SER SER A . n 
A 1 90  HIS 90  90  90  HIS HIS A . n 
A 1 91  LEU 91  91  91  LEU LEU A . n 
A 1 92  LEU 92  92  92  LEU LEU A . n 
A 1 93  GLY 93  93  93  GLY GLY A . n 
A 1 94  GLY 94  94  94  GLY GLY A . n 
A 1 95  GLU 95  95  95  GLU GLU A . n 
A 1 96  ASP 96  96  96  ASP ASP A . n 
A 1 97  ASP 97  97  97  ASP ASP A . n 
A 1 98  ASP 98  98  98  ASP ASP A . n 
A 1 99  ASN 99  99  99  ASN ASN A . n 
A 1 100 ALA 100 100 100 ALA ALA A . n 
A 1 101 LEU 101 101 101 LEU LEU A . n 
A 1 102 ILE 102 102 102 ILE ILE A . n 
A 1 103 ASP 103 103 103 ASP ASP A . n 
A 1 104 ILE 104 104 104 ILE ILE A . n 
A 1 105 GLY 105 105 105 GLY GLY A . n 
A 1 106 LEU 106 106 106 LEU LEU A . n 
A 1 107 PHE 107 107 107 PHE PHE A . n 
A 1 108 PHE 108 108 108 PHE PHE A . n 
A 1 109 ASN 109 109 109 ASN ASN A . n 
A 1 110 MSE 110 110 110 MSE MSE A . n 
A 1 111 LEU 111 111 111 LEU LEU A . n 
A 1 112 GLN 112 112 112 GLN GLN A . n 
A 1 113 PRO 113 113 113 PRO PRO A . n 
A 1 114 SER 114 114 114 SER SER A . n 
A 1 115 LEU 115 115 115 LEU LEU A . n 
A 1 116 GLY 116 116 116 GLY GLY A . n 
A 1 117 GLY 117 117 117 GLY GLY A . n 
A 1 118 TRP 118 118 118 TRP TRP A . n 
A 1 119 ILE 119 119 119 ILE ILE A . n 
A 1 120 THR 120 120 120 THR THR A . n 
A 1 121 LYS 121 121 121 LYS LYS A . n 
A 1 122 ASN 122 122 122 ASN ASN A . n 
A 1 123 PHE 123 123 123 PHE PHE A . n 
A 1 124 LEU 124 124 124 LEU LEU A . n 
A 1 125 ARG 125 125 125 ARG ARG A . n 
A 1 126 HIS 126 126 126 HIS HIS A . n 
A 1 127 PRO 127 127 127 PRO PRO A . n 
A 1 128 ASN 128 128 128 ASN ASN A . n 
A 1 129 ARG 129 129 129 ARG ARG A . n 
A 1 130 MSE 130 130 130 MSE MSE A . n 
A 1 131 SER 131 131 131 SER SER A . n 
A 1 132 LYS 132 132 132 LYS LYS A . n 
A 1 133 ASP 133 133 133 ASP ASP A . n 
A 1 134 GLN 134 134 134 GLN GLN A . n 
A 1 135 ILE 135 135 135 ILE ILE A . n 
A 1 136 LYS 136 136 136 LYS LYS A . n 
A 1 137 MSE 137 137 137 MSE MSE A . n 
A 1 138 LEU 138 138 138 LEU LEU A . n 
A 1 139 LEU 139 139 139 LEU LEU A . n 
A 1 140 ASP 140 140 140 ASP ASP A . n 
A 1 141 GLN 141 141 141 GLN GLN A . n 
A 1 142 ILE 142 142 142 ILE ILE A . n 
A 1 143 ILE 143 143 143 ILE ILE A . n 
A 1 144 LYS 144 144 144 LYS LYS A . n 
A 1 145 MSE 145 145 145 MSE MSE A . n 
A 1 146 ALA 146 146 146 ALA ALA A . n 
A 1 147 LYS 147 147 147 LYS LYS A . n 
A 1 148 ALA 148 148 148 ALA ALA A . n 
A 1 149 GLU 149 149 149 GLU GLU A . n 
A 1 150 SER 150 150 150 SER SER A . n 
A 1 151 SER 151 151 151 SER SER A . n 
A 1 152 ASP 152 152 152 ASP ASP A . n 
A 1 153 THR 153 153 153 THR THR A . n 
A 1 154 GLU 154 154 154 GLU GLU A . n 
A 1 155 GLU 155 155 155 GLU GLU A . n 
A 1 156 TYR 156 156 156 TYR TYR A . n 
A 1 157 GLU 157 157 157 GLU GLU A . n 
A 1 158 LYS 158 158 158 LYS LYS A . n 
A 1 159 VAL 159 159 159 VAL VAL A . n 
A 1 160 TRP 160 160 160 TRP TRP A . n 
A 1 161 LYS 161 161 161 LYS LYS A . n 
A 1 162 LYS 162 162 162 LYS LYS A . n 
A 1 163 MSE 163 163 163 MSE MSE A . n 
A 1 164 PRO 164 164 164 PRO PRO A . n 
A 1 165 THR 165 165 165 THR THR A . n 
A 1 166 TYR 166 166 166 TYR TYR A . n 
A 1 167 PHE 167 167 167 PHE PHE A . n 
A 1 168 GLU 168 168 168 GLU GLU A . n 
A 1 169 SER 169 169 169 SER SER A . n 
A 1 170 ILE 170 170 170 ILE ILE A . n 
A 1 171 ILE 171 171 171 ILE ILE A . n 
A 1 172 GLN 172 172 172 GLN GLN A . n 
A 1 173 PRO 173 173 173 PRO PRO A . n 
A 1 174 LEU 174 174 174 LEU LEU A . n 
A 1 175 LEU 175 175 175 LEU LEU A . n 
A 1 176 HIS 176 176 176 HIS HIS A . n 
A 1 177 LYS 177 177 177 LYS LYS A . n 
A 1 178 THR 178 178 178 THR THR A . n 
# 
loop_
_pdbx_nonpoly_scheme.asym_id 
_pdbx_nonpoly_scheme.entity_id 
_pdbx_nonpoly_scheme.mon_id 
_pdbx_nonpoly_scheme.ndb_seq_num 
_pdbx_nonpoly_scheme.pdb_seq_num 
_pdbx_nonpoly_scheme.auth_seq_num 
_pdbx_nonpoly_scheme.pdb_mon_id 
_pdbx_nonpoly_scheme.auth_mon_id 
_pdbx_nonpoly_scheme.pdb_strand_id 
_pdbx_nonpoly_scheme.pdb_ins_code 
B 2 HOH 1   201 95  HOH HOH A . 
B 2 HOH 2   202 41  HOH HOH A . 
B 2 HOH 3   203 108 HOH HOH A . 
B 2 HOH 4   204 58  HOH HOH A . 
B 2 HOH 5   205 43  HOH HOH A . 
B 2 HOH 6   206 76  HOH HOH A . 
B 2 HOH 7   207 98  HOH HOH A . 
B 2 HOH 8   208 123 HOH HOH A . 
B 2 HOH 9   209 143 HOH HOH A . 
B 2 HOH 10  210 148 HOH HOH A . 
B 2 HOH 11  211 21  HOH HOH A . 
B 2 HOH 12  212 114 HOH HOH A . 
B 2 HOH 13  213 72  HOH HOH A . 
B 2 HOH 14  214 6   HOH HOH A . 
B 2 HOH 15  215 8   HOH HOH A . 
B 2 HOH 16  216 138 HOH HOH A . 
B 2 HOH 17  217 4   HOH HOH A . 
B 2 HOH 18  218 12  HOH HOH A . 
B 2 HOH 19  219 2   HOH HOH A . 
B 2 HOH 20  220 119 HOH HOH A . 
B 2 HOH 21  221 129 HOH HOH A . 
B 2 HOH 22  222 18  HOH HOH A . 
B 2 HOH 23  223 1   HOH HOH A . 
B 2 HOH 24  224 113 HOH HOH A . 
B 2 HOH 25  225 15  HOH HOH A . 
B 2 HOH 26  226 27  HOH HOH A . 
B 2 HOH 27  227 16  HOH HOH A . 
B 2 HOH 28  228 75  HOH HOH A . 
B 2 HOH 29  229 89  HOH HOH A . 
B 2 HOH 30  230 14  HOH HOH A . 
B 2 HOH 31  231 69  HOH HOH A . 
B 2 HOH 32  232 52  HOH HOH A . 
B 2 HOH 33  233 3   HOH HOH A . 
B 2 HOH 34  234 13  HOH HOH A . 
B 2 HOH 35  235 31  HOH HOH A . 
B 2 HOH 36  236 39  HOH HOH A . 
B 2 HOH 37  237 79  HOH HOH A . 
B 2 HOH 38  238 38  HOH HOH A . 
B 2 HOH 39  239 78  HOH HOH A . 
B 2 HOH 40  240 23  HOH HOH A . 
B 2 HOH 41  241 53  HOH HOH A . 
B 2 HOH 42  242 66  HOH HOH A . 
B 2 HOH 43  243 10  HOH HOH A . 
B 2 HOH 44  244 112 HOH HOH A . 
B 2 HOH 45  245 26  HOH HOH A . 
B 2 HOH 46  246 111 HOH HOH A . 
B 2 HOH 47  247 57  HOH HOH A . 
B 2 HOH 48  248 63  HOH HOH A . 
B 2 HOH 49  249 130 HOH HOH A . 
B 2 HOH 50  250 25  HOH HOH A . 
B 2 HOH 51  251 28  HOH HOH A . 
B 2 HOH 52  252 64  HOH HOH A . 
B 2 HOH 53  253 126 HOH HOH A . 
B 2 HOH 54  254 5   HOH HOH A . 
B 2 HOH 55  255 145 HOH HOH A . 
B 2 HOH 56  256 17  HOH HOH A . 
B 2 HOH 57  257 11  HOH HOH A . 
B 2 HOH 58  258 29  HOH HOH A . 
B 2 HOH 59  259 20  HOH HOH A . 
B 2 HOH 60  260 42  HOH HOH A . 
B 2 HOH 61  261 19  HOH HOH A . 
B 2 HOH 62  262 92  HOH HOH A . 
B 2 HOH 63  263 67  HOH HOH A . 
B 2 HOH 64  264 45  HOH HOH A . 
B 2 HOH 65  265 61  HOH HOH A . 
B 2 HOH 66  266 30  HOH HOH A . 
B 2 HOH 67  267 7   HOH HOH A . 
B 2 HOH 68  268 40  HOH HOH A . 
B 2 HOH 69  269 105 HOH HOH A . 
B 2 HOH 70  270 106 HOH HOH A . 
B 2 HOH 71  271 55  HOH HOH A . 
B 2 HOH 72  272 73  HOH HOH A . 
B 2 HOH 73  273 62  HOH HOH A . 
B 2 HOH 74  274 102 HOH HOH A . 
B 2 HOH 75  275 24  HOH HOH A . 
B 2 HOH 76  276 83  HOH HOH A . 
B 2 HOH 77  277 68  HOH HOH A . 
B 2 HOH 78  278 94  HOH HOH A . 
B 2 HOH 79  279 132 HOH HOH A . 
B 2 HOH 80  280 59  HOH HOH A . 
B 2 HOH 81  281 37  HOH HOH A . 
B 2 HOH 82  282 51  HOH HOH A . 
B 2 HOH 83  283 71  HOH HOH A . 
B 2 HOH 84  284 35  HOH HOH A . 
B 2 HOH 85  285 33  HOH HOH A . 
B 2 HOH 86  286 56  HOH HOH A . 
B 2 HOH 87  287 70  HOH HOH A . 
B 2 HOH 88  288 65  HOH HOH A . 
B 2 HOH 89  289 36  HOH HOH A . 
B 2 HOH 90  290 140 HOH HOH A . 
B 2 HOH 91  291 139 HOH HOH A . 
B 2 HOH 92  292 110 HOH HOH A . 
B 2 HOH 93  293 46  HOH HOH A . 
B 2 HOH 94  294 49  HOH HOH A . 
B 2 HOH 95  295 54  HOH HOH A . 
B 2 HOH 96  296 91  HOH HOH A . 
B 2 HOH 97  297 134 HOH HOH A . 
B 2 HOH 98  298 118 HOH HOH A . 
B 2 HOH 99  299 34  HOH HOH A . 
B 2 HOH 100 300 9   HOH HOH A . 
B 2 HOH 101 301 101 HOH HOH A . 
B 2 HOH 102 302 127 HOH HOH A . 
B 2 HOH 103 303 47  HOH HOH A . 
B 2 HOH 104 304 84  HOH HOH A . 
B 2 HOH 105 305 97  HOH HOH A . 
B 2 HOH 106 306 144 HOH HOH A . 
B 2 HOH 107 307 100 HOH HOH A . 
B 2 HOH 108 308 137 HOH HOH A . 
B 2 HOH 109 309 88  HOH HOH A . 
B 2 HOH 110 310 125 HOH HOH A . 
B 2 HOH 111 311 74  HOH HOH A . 
B 2 HOH 112 312 121 HOH HOH A . 
B 2 HOH 113 313 50  HOH HOH A . 
B 2 HOH 114 314 48  HOH HOH A . 
B 2 HOH 115 315 81  HOH HOH A . 
B 2 HOH 116 316 60  HOH HOH A . 
B 2 HOH 117 317 93  HOH HOH A . 
B 2 HOH 118 318 147 HOH HOH A . 
B 2 HOH 119 319 124 HOH HOH A . 
B 2 HOH 120 320 96  HOH HOH A . 
B 2 HOH 121 321 99  HOH HOH A . 
B 2 HOH 122 322 104 HOH HOH A . 
B 2 HOH 123 323 77  HOH HOH A . 
B 2 HOH 124 324 135 HOH HOH A . 
B 2 HOH 125 325 136 HOH HOH A . 
B 2 HOH 126 326 146 HOH HOH A . 
B 2 HOH 127 327 133 HOH HOH A . 
B 2 HOH 128 328 122 HOH HOH A . 
B 2 HOH 129 329 32  HOH HOH A . 
B 2 HOH 130 330 120 HOH HOH A . 
B 2 HOH 131 331 116 HOH HOH A . 
B 2 HOH 132 332 107 HOH HOH A . 
B 2 HOH 133 333 128 HOH HOH A . 
B 2 HOH 134 334 109 HOH HOH A . 
B 2 HOH 135 335 82  HOH HOH A . 
B 2 HOH 136 336 142 HOH HOH A . 
B 2 HOH 137 337 141 HOH HOH A . 
B 2 HOH 138 338 22  HOH HOH A . 
B 2 HOH 139 339 87  HOH HOH A . 
B 2 HOH 140 340 80  HOH HOH A . 
B 2 HOH 141 341 103 HOH HOH A . 
B 2 HOH 142 342 86  HOH HOH A . 
B 2 HOH 143 343 85  HOH HOH A . 
B 2 HOH 144 344 115 HOH HOH A . 
B 2 HOH 145 345 44  HOH HOH A . 
B 2 HOH 146 346 117 HOH HOH A . 
B 2 HOH 147 347 90  HOH HOH A . 
B 2 HOH 148 348 131 HOH HOH A . 
# 
loop_
_software.citation_id 
_software.classification 
_software.compiler_name 
_software.compiler_version 
_software.contact_author 
_software.contact_author_email 
_software.date 
_software.description 
_software.dependencies 
_software.hardware 
_software.language 
_software.location 
_software.mods 
_software.name 
_software.os 
_software.os_version 
_software.type 
_software.version 
_software.pdbx_ordinal 
? 'data scaling'    ? ? ? ? ? ? ? ? ? ? ? HKL-2000    ? ? ? .           1 
? refinement        ? ? ? ? ? ? ? ? ? ? ? PHENIX      ? ? ? 1.10.1_2155 2 
? 'data extraction' ? ? ? ? ? ? ? ? ? ? ? PDB_EXTRACT ? ? ? 3.27        3 
? 'data reduction'  ? ? ? ? ? ? ? ? ? ? ? HKL-2000    ? ? ? .           4 
? phasing           ? ? ? ? ? ? ? ? ? ? ? PHENIX      ? ? ? .           5 
# 
_cell.angle_alpha                  90.000 
_cell.angle_alpha_esd              ? 
_cell.angle_beta                   90.000 
_cell.angle_beta_esd               ? 
_cell.angle_gamma                  90.000 
_cell.angle_gamma_esd              ? 
_cell.entry_id                     7XCD 
_cell.details                      ? 
_cell.formula_units_Z              ? 
_cell.length_a                     45.327 
_cell.length_a_esd                 ? 
_cell.length_b                     81.311 
_cell.length_b_esd                 ? 
_cell.length_c                     122.037 
_cell.length_c_esd                 ? 
_cell.volume                       ? 
_cell.volume_esd                   ? 
_cell.Z_PDB                        8 
_cell.reciprocal_angle_alpha       ? 
_cell.reciprocal_angle_beta        ? 
_cell.reciprocal_angle_gamma       ? 
_cell.reciprocal_angle_alpha_esd   ? 
_cell.reciprocal_angle_beta_esd    ? 
_cell.reciprocal_angle_gamma_esd   ? 
_cell.reciprocal_length_a          ? 
_cell.reciprocal_length_b          ? 
_cell.reciprocal_length_c          ? 
_cell.reciprocal_length_a_esd      ? 
_cell.reciprocal_length_b_esd      ? 
_cell.reciprocal_length_c_esd      ? 
_cell.pdbx_unique_axis             ? 
# 
_symmetry.entry_id                         7XCD 
_symmetry.cell_setting                     ? 
_symmetry.Int_Tables_number                20 
_symmetry.space_group_name_Hall            ? 
_symmetry.space_group_name_H-M             'C 2 2 21' 
_symmetry.pdbx_full_space_group_name_H-M   ? 
# 
_exptl.absorpt_coefficient_mu     ? 
_exptl.absorpt_correction_T_max   ? 
_exptl.absorpt_correction_T_min   ? 
_exptl.absorpt_correction_type    ? 
_exptl.absorpt_process_details    ? 
_exptl.entry_id                   7XCD 
_exptl.crystals_number            1 
_exptl.details                    ? 
_exptl.method                     'X-RAY DIFFRACTION' 
_exptl.method_details             ? 
# 
_exptl_crystal.colour                      ? 
_exptl_crystal.density_diffrn              ? 
_exptl_crystal.density_Matthews            2.73 
_exptl_crystal.density_method              ? 
_exptl_crystal.density_percent_sol         55.00 
_exptl_crystal.description                 ? 
_exptl_crystal.F_000                       ? 
_exptl_crystal.id                          1 
_exptl_crystal.preparation                 ? 
_exptl_crystal.size_max                    ? 
_exptl_crystal.size_mid                    ? 
_exptl_crystal.size_min                    ? 
_exptl_crystal.size_rad                    ? 
_exptl_crystal.colour_lustre               ? 
_exptl_crystal.colour_modifier             ? 
_exptl_crystal.colour_primary              ? 
_exptl_crystal.density_meas                ? 
_exptl_crystal.density_meas_esd            ? 
_exptl_crystal.density_meas_gt             ? 
_exptl_crystal.density_meas_lt             ? 
_exptl_crystal.density_meas_temp           ? 
_exptl_crystal.density_meas_temp_esd       ? 
_exptl_crystal.density_meas_temp_gt        ? 
_exptl_crystal.density_meas_temp_lt        ? 
_exptl_crystal.pdbx_crystal_image_url      ? 
_exptl_crystal.pdbx_crystal_image_format   ? 
_exptl_crystal.pdbx_mosaicity              ? 
_exptl_crystal.pdbx_mosaicity_esd          ? 
# 
_exptl_crystal_grow.apparatus       ? 
_exptl_crystal_grow.atmosphere      ? 
_exptl_crystal_grow.crystal_id      1 
_exptl_crystal_grow.details         ? 
_exptl_crystal_grow.method          'VAPOR DIFFUSION, SITTING DROP' 
_exptl_crystal_grow.method_ref      ? 
_exptl_crystal_grow.pH              8.5 
_exptl_crystal_grow.pressure        ? 
_exptl_crystal_grow.pressure_esd    ? 
_exptl_crystal_grow.seeding         ? 
_exptl_crystal_grow.seeding_ref     ? 
_exptl_crystal_grow.temp            289 
_exptl_crystal_grow.temp_details    ? 
_exptl_crystal_grow.temp_esd        ? 
_exptl_crystal_grow.time            ? 
_exptl_crystal_grow.pdbx_details    'PEG 8000, KCl, Tris' 
_exptl_crystal_grow.pdbx_pH_range   ? 
# 
_diffrn.ambient_environment              ? 
_diffrn.ambient_temp                     100 
_diffrn.ambient_temp_details             ? 
_diffrn.ambient_temp_esd                 ? 
_diffrn.crystal_id                       1 
_diffrn.crystal_support                  ? 
_diffrn.crystal_treatment                ? 
_diffrn.details                          ? 
_diffrn.id                               1 
_diffrn.ambient_pressure                 ? 
_diffrn.ambient_pressure_esd             ? 
_diffrn.ambient_pressure_gt              ? 
_diffrn.ambient_pressure_lt              ? 
_diffrn.ambient_temp_gt                  ? 
_diffrn.ambient_temp_lt                  ? 
_diffrn.pdbx_serial_crystal_experiment   N 
# 
_diffrn_detector.details                      ? 
_diffrn_detector.detector                     CCD 
_diffrn_detector.diffrn_id                    1 
_diffrn_detector.type                         'ADSC QUANTUM 315r' 
_diffrn_detector.area_resol_mean              ? 
_diffrn_detector.dtime                        ? 
_diffrn_detector.pdbx_frames_total            ? 
_diffrn_detector.pdbx_collection_time_total   ? 
_diffrn_detector.pdbx_collection_date         2016-10-11 
_diffrn_detector.pdbx_frequency               ? 
# 
_diffrn_radiation.collimation                      ? 
_diffrn_radiation.diffrn_id                        1 
_diffrn_radiation.filter_edge                      ? 
_diffrn_radiation.inhomogeneity                    ? 
_diffrn_radiation.monochromator                    ? 
_diffrn_radiation.polarisn_norm                    ? 
_diffrn_radiation.polarisn_ratio                   ? 
_diffrn_radiation.probe                            ? 
_diffrn_radiation.type                             ? 
_diffrn_radiation.xray_symbol                      ? 
_diffrn_radiation.wavelength_id                    1 
_diffrn_radiation.pdbx_monochromatic_or_laue_m_l   M 
_diffrn_radiation.pdbx_wavelength_list             ? 
_diffrn_radiation.pdbx_wavelength                  ? 
_diffrn_radiation.pdbx_diffrn_protocol             'SINGLE WAVELENGTH' 
_diffrn_radiation.pdbx_analyzer                    ? 
_diffrn_radiation.pdbx_scattering_type             x-ray 
# 
_diffrn_radiation_wavelength.id           1 
_diffrn_radiation_wavelength.wavelength   0.97915 
_diffrn_radiation_wavelength.wt           1.0 
# 
_diffrn_source.current                     ? 
_diffrn_source.details                     ? 
_diffrn_source.diffrn_id                   1 
_diffrn_source.power                       ? 
_diffrn_source.size                        ? 
_diffrn_source.source                      SYNCHROTRON 
_diffrn_source.target                      ? 
_diffrn_source.type                        'SSRF BEAMLINE BL17U1' 
_diffrn_source.voltage                     ? 
_diffrn_source.take-off_angle              ? 
_diffrn_source.pdbx_wavelength_list        0.97915 
_diffrn_source.pdbx_wavelength             ? 
_diffrn_source.pdbx_synchrotron_beamline   BL17U1 
_diffrn_source.pdbx_synchrotron_site       SSRF 
# 
_reflns.B_iso_Wilson_estimate                          ? 
_reflns.entry_id                                       7XCD 
_reflns.data_reduction_details                         ? 
_reflns.data_reduction_method                          ? 
_reflns.d_resolution_high                              1.710 
_reflns.d_resolution_low                               50.000 
_reflns.details                                        ? 
_reflns.limit_h_max                                    ? 
_reflns.limit_h_min                                    ? 
_reflns.limit_k_max                                    ? 
_reflns.limit_k_min                                    ? 
_reflns.limit_l_max                                    ? 
_reflns.limit_l_min                                    ? 
_reflns.number_all                                     ? 
_reflns.number_obs                                     23810 
_reflns.observed_criterion                             ? 
_reflns.observed_criterion_F_max                       ? 
_reflns.observed_criterion_F_min                       ? 
_reflns.observed_criterion_I_max                       ? 
_reflns.observed_criterion_I_min                       ? 
_reflns.observed_criterion_sigma_F                     ? 
_reflns.observed_criterion_sigma_I                     ? 
_reflns.percent_possible_obs                           95.600 
_reflns.R_free_details                                 ? 
_reflns.Rmerge_F_all                                   ? 
_reflns.Rmerge_F_obs                                   ? 
_reflns.Friedel_coverage                               ? 
_reflns.number_gt                                      ? 
_reflns.threshold_expression                           ? 
_reflns.pdbx_redundancy                                6.200 
_reflns.pdbx_Rmerge_I_obs                              0.115 
_reflns.pdbx_Rmerge_I_all                              ? 
_reflns.pdbx_Rsym_value                                ? 
_reflns.pdbx_netI_over_av_sigmaI                       ? 
_reflns.pdbx_netI_over_sigmaI                          8.400 
_reflns.pdbx_res_netI_over_av_sigmaI_2                 ? 
_reflns.pdbx_res_netI_over_sigmaI_2                    ? 
_reflns.pdbx_chi_squared                               2.346 
_reflns.pdbx_scaling_rejects                           ? 
_reflns.pdbx_d_res_high_opt                            ? 
_reflns.pdbx_d_res_low_opt                             ? 
_reflns.pdbx_d_res_opt_method                          ? 
_reflns.phase_calculation_details                      ? 
_reflns.pdbx_Rrim_I_all                                0.125 
_reflns.pdbx_Rpim_I_all                                0.047 
_reflns.pdbx_d_opt                                     ? 
_reflns.pdbx_number_measured_all                       148523 
_reflns.pdbx_diffrn_id                                 1 
_reflns.pdbx_ordinal                                   1 
_reflns.pdbx_CC_half                                   ? 
_reflns.pdbx_CC_star                                   ? 
_reflns.pdbx_R_split                                   ? 
_reflns.pdbx_aniso_diffraction_limit_axis_1_ortho[1]   ? 
_reflns.pdbx_aniso_diffraction_limit_axis_1_ortho[2]   ? 
_reflns.pdbx_aniso_diffraction_limit_axis_1_ortho[3]   ? 
_reflns.pdbx_aniso_diffraction_limit_axis_2_ortho[1]   ? 
_reflns.pdbx_aniso_diffraction_limit_axis_2_ortho[2]   ? 
_reflns.pdbx_aniso_diffraction_limit_axis_2_ortho[3]   ? 
_reflns.pdbx_aniso_diffraction_limit_axis_3_ortho[1]   ? 
_reflns.pdbx_aniso_diffraction_limit_axis_3_ortho[2]   ? 
_reflns.pdbx_aniso_diffraction_limit_axis_3_ortho[3]   ? 
_reflns.pdbx_aniso_diffraction_limit_1                 ? 
_reflns.pdbx_aniso_diffraction_limit_2                 ? 
_reflns.pdbx_aniso_diffraction_limit_3                 ? 
_reflns.pdbx_aniso_B_tensor_eigenvector_1_ortho[1]     ? 
_reflns.pdbx_aniso_B_tensor_eigenvector_1_ortho[2]     ? 
_reflns.pdbx_aniso_B_tensor_eigenvector_1_ortho[3]     ? 
_reflns.pdbx_aniso_B_tensor_eigenvector_2_ortho[1]     ? 
_reflns.pdbx_aniso_B_tensor_eigenvector_2_ortho[2]     ? 
_reflns.pdbx_aniso_B_tensor_eigenvector_2_ortho[3]     ? 
_reflns.pdbx_aniso_B_tensor_eigenvector_3_ortho[1]     ? 
_reflns.pdbx_aniso_B_tensor_eigenvector_3_ortho[2]     ? 
_reflns.pdbx_aniso_B_tensor_eigenvector_3_ortho[3]     ? 
_reflns.pdbx_aniso_B_tensor_eigenvalue_1               ? 
_reflns.pdbx_aniso_B_tensor_eigenvalue_2               ? 
_reflns.pdbx_aniso_B_tensor_eigenvalue_3               ? 
_reflns.pdbx_orthogonalization_convention              ? 
_reflns.pdbx_percent_possible_ellipsoidal              ? 
_reflns.pdbx_percent_possible_spherical                ? 
_reflns.pdbx_percent_possible_ellipsoidal_anomalous    ? 
_reflns.pdbx_percent_possible_spherical_anomalous      ? 
_reflns.pdbx_redundancy_anomalous                      ? 
_reflns.pdbx_CC_half_anomalous                         ? 
_reflns.pdbx_absDiff_over_sigma_anomalous              ? 
_reflns.pdbx_percent_possible_anomalous                ? 
_reflns.pdbx_observed_signal_threshold                 ? 
_reflns.pdbx_signal_type                               ? 
_reflns.pdbx_signal_details                            ? 
_reflns.pdbx_signal_software_id                        ? 
# 
loop_
_reflns_shell.d_res_high 
_reflns_shell.d_res_low 
_reflns_shell.meanI_over_sigI_all 
_reflns_shell.meanI_over_sigI_obs 
_reflns_shell.number_measured_all 
_reflns_shell.number_measured_obs 
_reflns_shell.number_possible 
_reflns_shell.number_unique_all 
_reflns_shell.number_unique_obs 
_reflns_shell.percent_possible_all 
_reflns_shell.percent_possible_obs 
_reflns_shell.Rmerge_F_all 
_reflns_shell.Rmerge_F_obs 
_reflns_shell.Rmerge_I_all 
_reflns_shell.Rmerge_I_obs 
_reflns_shell.meanI_over_sigI_gt 
_reflns_shell.meanI_over_uI_all 
_reflns_shell.meanI_over_uI_gt 
_reflns_shell.number_measured_gt 
_reflns_shell.number_unique_gt 
_reflns_shell.percent_possible_gt 
_reflns_shell.Rmerge_F_gt 
_reflns_shell.Rmerge_I_gt 
_reflns_shell.pdbx_redundancy 
_reflns_shell.pdbx_Rsym_value 
_reflns_shell.pdbx_chi_squared 
_reflns_shell.pdbx_netI_over_sigmaI_all 
_reflns_shell.pdbx_netI_over_sigmaI_obs 
_reflns_shell.pdbx_Rrim_I_all 
_reflns_shell.pdbx_Rpim_I_all 
_reflns_shell.pdbx_rejects 
_reflns_shell.pdbx_ordinal 
_reflns_shell.pdbx_diffrn_id 
_reflns_shell.pdbx_CC_half 
_reflns_shell.pdbx_CC_star 
_reflns_shell.pdbx_R_split 
_reflns_shell.pdbx_percent_possible_ellipsoidal 
_reflns_shell.pdbx_percent_possible_spherical 
_reflns_shell.pdbx_percent_possible_ellipsoidal_anomalous 
_reflns_shell.pdbx_percent_possible_spherical_anomalous 
_reflns_shell.pdbx_redundancy_anomalous 
_reflns_shell.pdbx_CC_half_anomalous 
_reflns_shell.pdbx_absDiff_over_sigma_anomalous 
_reflns_shell.pdbx_percent_possible_anomalous 
1.710 1.740 ? ? ? ? ? ? 927  74.900 ? ? ? ? 1.261 ? ? ? ? ? ? ? ? 3.800 ? 0.904 ? ? 0.99  0.642 ? 1  1 0.279 ? ? ? ? ? ? ? ? ? ? 
1.740 1.770 ? ? ? ? ? ? 1153 95.000 ? ? ? ? 1.145 ? ? ? ? ? ? ? ? 4.600 ? 0.945 ? ? 0.99  0.532 ? 2  1 0.496 ? ? ? ? ? ? ? ? ? ? 
1.770 1.810 ? ? ? ? ? ? 1190 97.100 ? ? ? ? 0.978 ? ? ? ? ? ? ? ? 5.900 ? 1.009 ? ? 0.99  0.405 ? 3  1 0.668 ? ? ? ? ? ? ? ? ? ? 
1.810 1.840 ? ? ? ? ? ? 1212 98.600 ? ? ? ? 0.879 ? ? ? ? ? ? ? ? 6.000 ? 1.125 ? ? 0.953 0.357 ? 4  1 0.709 ? ? ? ? ? ? ? ? ? ? 
1.840 1.880 ? ? ? ? ? ? 1208 98.000 ? ? ? ? 0.779 ? ? ? ? ? ? ? ? 6.300 ? 1.172 ? ? 0.845 0.317 ? 5  1 0.662 ? ? ? ? ? ? ? ? ? ? 
1.880 1.930 ? ? ? ? ? ? 1202 98.600 ? ? ? ? 0.716 ? ? ? ? ? ? ? ? 6.400 ? 1.304 ? ? 0.777 0.293 ? 6  1 0.764 ? ? ? ? ? ? ? ? ? ? 
1.930 1.970 ? ? ? ? ? ? 1218 98.100 ? ? ? ? 0.547 ? ? ? ? ? ? ? ? 6.400 ? 1.415 ? ? 0.593 0.223 ? 7  1 0.871 ? ? ? ? ? ? ? ? ? ? 
1.970 2.030 ? ? ? ? ? ? 1209 98.500 ? ? ? ? 0.493 ? ? ? ? ? ? ? ? 6.500 ? 1.569 ? ? 0.536 0.204 ? 8  1 0.845 ? ? ? ? ? ? ? ? ? ? 
2.030 2.090 ? ? ? ? ? ? 1209 98.500 ? ? ? ? 0.395 ? ? ? ? ? ? ? ? 6.400 ? 1.712 ? ? 0.429 0.163 ? 9  1 0.910 ? ? ? ? ? ? ? ? ? ? 
2.090 2.150 ? ? ? ? ? ? 1199 98.000 ? ? ? ? 0.303 ? ? ? ? ? ? ? ? 6.600 ? 2.018 ? ? 0.328 0.122 ? 10 1 0.959 ? ? ? ? ? ? ? ? ? ? 
2.150 2.230 ? ? ? ? ? ? 1214 98.000 ? ? ? ? 0.275 ? ? ? ? ? ? ? ? 6.600 ? 2.195 ? ? 0.297 0.111 ? 11 1 0.971 ? ? ? ? ? ? ? ? ? ? 
2.230 2.320 ? ? ? ? ? ? 1228 98.100 ? ? ? ? 0.238 ? ? ? ? ? ? ? ? 6.600 ? 2.255 ? ? 0.258 0.097 ? 12 1 0.965 ? ? ? ? ? ? ? ? ? ? 
2.320 2.430 ? ? ? ? ? ? 1199 98.000 ? ? ? ? 0.198 ? ? ? ? ? ? ? ? 6.700 ? 2.461 ? ? 0.214 0.080 ? 13 1 0.979 ? ? ? ? ? ? ? ? ? ? 
2.430 2.550 ? ? ? ? ? ? 1215 96.700 ? ? ? ? 0.173 ? ? ? ? ? ? ? ? 6.700 ? 2.643 ? ? 0.188 0.069 ? 14 1 0.984 ? ? ? ? ? ? ? ? ? ? 
2.550 2.710 ? ? ? ? ? ? 1207 97.000 ? ? ? ? 0.168 ? ? ? ? ? ? ? ? 6.700 ? 2.759 ? ? 0.182 0.068 ? 15 1 0.987 ? ? ? ? ? ? ? ? ? ? 
2.710 2.920 ? ? ? ? ? ? 1205 96.100 ? ? ? ? 0.136 ? ? ? ? ? ? ? ? 6.700 ? 3.118 ? ? 0.147 0.054 ? 16 1 0.991 ? ? ? ? ? ? ? ? ? ? 
2.920 3.220 ? ? ? ? ? ? 1193 95.700 ? ? ? ? 0.119 ? ? ? ? ? ? ? ? 6.500 ? 3.632 ? ? 0.130 0.049 ? 17 1 0.992 ? ? ? ? ? ? ? ? ? ? 
3.220 3.680 ? ? ? ? ? ? 1196 94.900 ? ? ? ? 0.092 ? ? ? ? ? ? ? ? 6.200 ? 4.170 ? ? 0.101 0.039 ? 18 1 0.992 ? ? ? ? ? ? ? ? ? ? 
3.680 4.640 ? ? ? ? ? ? 1216 93.100 ? ? ? ? 0.077 ? ? ? ? ? ? ? ? 6.100 ? 4.784 ? ? 0.084 0.033 ? 19 1 0.993 ? ? ? ? ? ? ? ? ? ? 
4.640 10.0  ? ? ? ? ? ? 1210 89.400 ? ? ? ? 0.071 ? ? ? ? ? ? ? ? 6.500 ? 4.205 ? ? 0.077 0.029 ? 20 1 0.996 ? ? ? ? ? ? ? ? ? ? 
# 
_refine.aniso_B[1][1]                            ? 
_refine.aniso_B[1][2]                            ? 
_refine.aniso_B[1][3]                            ? 
_refine.aniso_B[2][2]                            ? 
_refine.aniso_B[2][3]                            ? 
_refine.aniso_B[3][3]                            ? 
_refine.B_iso_max                                98.160 
_refine.B_iso_mean                               35.5252 
_refine.B_iso_min                                14.100 
_refine.correlation_coeff_Fo_to_Fc               ? 
_refine.correlation_coeff_Fo_to_Fc_free          ? 
_refine.details                                  ? 
_refine.diff_density_max                         ? 
_refine.diff_density_max_esd                     ? 
_refine.diff_density_min                         ? 
_refine.diff_density_min_esd                     ? 
_refine.diff_density_rms                         ? 
_refine.diff_density_rms_esd                     ? 
_refine.entry_id                                 7XCD 
_refine.pdbx_refine_id                           'X-RAY DIFFRACTION' 
_refine.ls_abs_structure_details                 ? 
_refine.ls_abs_structure_Flack                   ? 
_refine.ls_abs_structure_Flack_esd               ? 
_refine.ls_abs_structure_Rogers                  ? 
_refine.ls_abs_structure_Rogers_esd              ? 
_refine.ls_d_res_high                            1.7100 
_refine.ls_d_res_low                             39.5910 
_refine.ls_extinction_coef                       ? 
_refine.ls_extinction_coef_esd                   ? 
_refine.ls_extinction_expression                 ? 
_refine.ls_extinction_method                     ? 
_refine.ls_goodness_of_fit_all                   ? 
_refine.ls_goodness_of_fit_all_esd               ? 
_refine.ls_goodness_of_fit_obs                   ? 
_refine.ls_goodness_of_fit_obs_esd               ? 
_refine.ls_hydrogen_treatment                    ? 
_refine.ls_matrix_type                           ? 
_refine.ls_number_constraints                    ? 
_refine.ls_number_parameters                     ? 
_refine.ls_number_reflns_all                     ? 
_refine.ls_number_reflns_obs                     22209 
_refine.ls_number_reflns_R_free                  1881 
_refine.ls_number_reflns_R_work                  20328 
_refine.ls_number_restraints                     ? 
_refine.ls_percent_reflns_obs                    89.3700 
_refine.ls_percent_reflns_R_free                 8.4700 
_refine.ls_R_factor_all                          ? 
_refine.ls_R_factor_obs                          0.1815 
_refine.ls_R_factor_R_free                       0.1958 
_refine.ls_R_factor_R_free_error                 ? 
_refine.ls_R_factor_R_free_error_details         ? 
_refine.ls_R_factor_R_work                       0.1802 
_refine.ls_R_Fsqd_factor_obs                     ? 
_refine.ls_R_I_factor_obs                        ? 
_refine.ls_redundancy_reflns_all                 ? 
_refine.ls_redundancy_reflns_obs                 ? 
_refine.ls_restrained_S_all                      ? 
_refine.ls_restrained_S_obs                      ? 
_refine.ls_shift_over_esd_max                    ? 
_refine.ls_shift_over_esd_mean                   ? 
_refine.ls_structure_factor_coef                 ? 
_refine.ls_weighting_details                     ? 
_refine.ls_weighting_scheme                      ? 
_refine.ls_wR_factor_all                         ? 
_refine.ls_wR_factor_obs                         ? 
_refine.ls_wR_factor_R_free                      ? 
_refine.ls_wR_factor_R_work                      ? 
_refine.occupancy_max                            ? 
_refine.occupancy_min                            ? 
_refine.solvent_model_details                    'FLAT BULK SOLVENT MODEL' 
_refine.solvent_model_param_bsol                 ? 
_refine.solvent_model_param_ksol                 ? 
_refine.pdbx_R_complete                          ? 
_refine.ls_R_factor_gt                           ? 
_refine.ls_goodness_of_fit_gt                    ? 
_refine.ls_goodness_of_fit_ref                   ? 
_refine.ls_shift_over_su_max                     ? 
_refine.ls_shift_over_su_max_lt                  ? 
_refine.ls_shift_over_su_mean                    ? 
_refine.ls_shift_over_su_mean_lt                 ? 
_refine.pdbx_ls_sigma_I                          ? 
_refine.pdbx_ls_sigma_F                          0.000 
_refine.pdbx_ls_sigma_Fsqd                       ? 
_refine.pdbx_data_cutoff_high_absF               ? 
_refine.pdbx_data_cutoff_high_rms_absF           ? 
_refine.pdbx_data_cutoff_low_absF                ? 
_refine.pdbx_isotropic_thermal_model             ? 
_refine.pdbx_ls_cross_valid_method               THROUGHOUT 
_refine.pdbx_method_to_determine_struct          'MOLECULAR REPLACEMENT' 
_refine.pdbx_starting_model                      7XCC 
_refine.pdbx_stereochemistry_target_values       ML 
_refine.pdbx_R_Free_selection_details            ? 
_refine.pdbx_stereochem_target_val_spec_case     ? 
_refine.pdbx_overall_ESU_R                       ? 
_refine.pdbx_overall_ESU_R_Free                  ? 
_refine.pdbx_solvent_vdw_probe_radii             1.1100 
_refine.pdbx_solvent_ion_probe_radii             ? 
_refine.pdbx_solvent_shrinkage_radii             0.9000 
_refine.pdbx_real_space_R                        ? 
_refine.pdbx_density_correlation                 ? 
_refine.pdbx_pd_number_of_powder_patterns        ? 
_refine.pdbx_pd_number_of_points                 ? 
_refine.pdbx_pd_meas_number_of_points            ? 
_refine.pdbx_pd_proc_ls_prof_R_factor            ? 
_refine.pdbx_pd_proc_ls_prof_wR_factor           ? 
_refine.pdbx_pd_Marquardt_correlation_coeff      ? 
_refine.pdbx_pd_Fsqrd_R_factor                   ? 
_refine.pdbx_pd_ls_matrix_band_width             ? 
_refine.pdbx_overall_phase_error                 22.2700 
_refine.pdbx_overall_SU_R_free_Cruickshank_DPI   ? 
_refine.pdbx_overall_SU_R_free_Blow_DPI          ? 
_refine.pdbx_overall_SU_R_Blow_DPI               ? 
_refine.pdbx_TLS_residual_ADP_flag               ? 
_refine.pdbx_diffrn_id                           1 
_refine.overall_SU_B                             ? 
_refine.overall_SU_ML                            0.1800 
_refine.overall_SU_R_Cruickshank_DPI             ? 
_refine.overall_SU_R_free                        ? 
_refine.overall_FOM_free_R_set                   ? 
_refine.overall_FOM_work_R_set                   ? 
_refine.pdbx_average_fsc_overall                 ? 
_refine.pdbx_average_fsc_work                    ? 
_refine.pdbx_average_fsc_free                    ? 
# 
_refine_hist.pdbx_refine_id                   'X-RAY DIFFRACTION' 
_refine_hist.cycle_id                         final 
_refine_hist.details                          ? 
_refine_hist.d_res_high                       1.7100 
_refine_hist.d_res_low                        39.5910 
_refine_hist.number_atoms_solvent             148 
_refine_hist.number_atoms_total               1592 
_refine_hist.number_reflns_all                ? 
_refine_hist.number_reflns_obs                ? 
_refine_hist.number_reflns_R_free             ? 
_refine_hist.number_reflns_R_work             ? 
_refine_hist.R_factor_all                     ? 
_refine_hist.R_factor_obs                     ? 
_refine_hist.R_factor_R_free                  ? 
_refine_hist.R_factor_R_work                  ? 
_refine_hist.pdbx_number_residues_total       178 
_refine_hist.pdbx_B_iso_mean_ligand           ? 
_refine_hist.pdbx_B_iso_mean_solvent          44.97 
_refine_hist.pdbx_number_atoms_protein        1444 
_refine_hist.pdbx_number_atoms_nucleic_acid   0 
_refine_hist.pdbx_number_atoms_ligand         0 
_refine_hist.pdbx_number_atoms_lipid          ? 
_refine_hist.pdbx_number_atoms_carb           ? 
_refine_hist.pdbx_pseudo_atom_details         ? 
# 
loop_
_refine_ls_restr.pdbx_refine_id 
_refine_ls_restr.criterion 
_refine_ls_restr.dev_ideal 
_refine_ls_restr.dev_ideal_target 
_refine_ls_restr.number 
_refine_ls_restr.rejects 
_refine_ls_restr.type 
_refine_ls_restr.weight 
_refine_ls_restr.pdbx_restraint_function 
'X-RAY DIFFRACTION' ? 0.007  ? 1478 ? f_bond_d           ? ? 
'X-RAY DIFFRACTION' ? 0.827  ? 2003 ? f_angle_d          ? ? 
'X-RAY DIFFRACTION' ? 0.052  ? 229  ? f_chiral_restr     ? ? 
'X-RAY DIFFRACTION' ? 0.007  ? 252  ? f_plane_restr      ? ? 
'X-RAY DIFFRACTION' ? 14.733 ? 898  ? f_dihedral_angle_d ? ? 
# 
loop_
_refine_ls_shell.pdbx_refine_id 
_refine_ls_shell.d_res_high 
_refine_ls_shell.d_res_low 
_refine_ls_shell.number_reflns_all 
_refine_ls_shell.number_reflns_obs 
_refine_ls_shell.number_reflns_R_free 
_refine_ls_shell.number_reflns_R_work 
_refine_ls_shell.percent_reflns_obs 
_refine_ls_shell.percent_reflns_R_free 
_refine_ls_shell.R_factor_all 
_refine_ls_shell.R_factor_obs 
_refine_ls_shell.R_factor_R_free 
_refine_ls_shell.R_factor_R_free_error 
_refine_ls_shell.R_factor_R_work 
_refine_ls_shell.redundancy_reflns_all 
_refine_ls_shell.redundancy_reflns_obs 
_refine_ls_shell.wR_factor_all 
_refine_ls_shell.wR_factor_obs 
_refine_ls_shell.wR_factor_R_free 
_refine_ls_shell.wR_factor_R_work 
_refine_ls_shell.pdbx_R_complete 
_refine_ls_shell.pdbx_total_number_of_bins_used 
_refine_ls_shell.pdbx_phase_error 
_refine_ls_shell.pdbx_fsc_work 
_refine_ls_shell.pdbx_fsc_free 
'X-RAY DIFFRACTION' 1.74   1.7557 . . 97  1114 65.0000 . . . 0.3045 0.0000 0.2966 . . . . . . . . . . . 
'X-RAY DIFFRACTION' 1.7557 1.8074 . . 132 1395 81.0000 . . . 0.3277 0.0000 0.2558 . . . . . . . . . . . 
'X-RAY DIFFRACTION' 1.8074 1.8657 . . 144 1473 86.0000 . . . 0.2805 0.0000 0.2388 . . . . . . . . . . . 
'X-RAY DIFFRACTION' 1.8657 1.9324 . . 137 1513 87.0000 . . . 0.2272 0.0000 0.2193 . . . . . . . . . . . 
'X-RAY DIFFRACTION' 1.9324 2.0098 . . 149 1560 91.0000 . . . 0.2632 0.0000 0.1976 . . . . . . . . . . . 
'X-RAY DIFFRACTION' 2.0098 2.1012 . . 151 1617 93.0000 . . . 0.2131 0.0000 0.1920 . . . . . . . . . . . 
'X-RAY DIFFRACTION' 2.1012 2.2120 . . 152 1630 94.0000 . . . 0.2002 0.0000 0.1725 . . . . . . . . . . . 
'X-RAY DIFFRACTION' 2.2120 2.3506 . . 152 1641 95.0000 . . . 0.2040 0.0000 0.1787 . . . . . . . . . . . 
'X-RAY DIFFRACTION' 2.3506 2.5320 . . 150 1661 95.0000 . . . 0.1794 0.0000 0.179  . . . . . . . . . . . 
'X-RAY DIFFRACTION' 2.5320 2.7868 . . 156 1658 95.0000 . . . 0.2330 0.0000 0.1888 . . . . . . . . . . . 
'X-RAY DIFFRACTION' 2.7868 3.1899 . . 152 1685 95.0000 . . . 0.1929 0.0000 0.1853 . . . . . . . . . . . 
'X-RAY DIFFRACTION' 3.1899 4.0183 . . 156 1682 94.0000 . . . 0.1605 0.0000 0.16   . . . . . . . . . . . 
'X-RAY DIFFRACTION' 4.0183 10.0   . . 153 1699 91.0000 . . . 0.1817 0.0000 0.1664 . . . . . . . . . . . 
# 
_struct.entry_id                     7XCD 
_struct.title                        'Crystal Structure of the Disease-Specific Protein of Rice Stripe Virus' 
_struct.pdbx_model_details           ? 
_struct.pdbx_formula_weight          ? 
_struct.pdbx_formula_weight_method   ? 
_struct.pdbx_model_type_details      ? 
_struct.pdbx_CASP_flag               N 
# 
_struct_keywords.entry_id        7XCD 
_struct_keywords.text            'Rice Stripe Virus, VIRUS, VIRAL PROTEIN' 
_struct_keywords.pdbx_keywords   'VIRAL PROTEIN' 
# 
loop_
_struct_asym.id 
_struct_asym.pdbx_blank_PDB_chainid_flag 
_struct_asym.pdbx_modified 
_struct_asym.entity_id 
_struct_asym.details 
A N N 1 ? 
B N N 2 ? 
# 
_struct_ref.id                         1 
_struct_ref.db_name                    UNP 
_struct_ref.db_code                    Q705B3_9VIRU 
_struct_ref.pdbx_db_accession          Q705B3 
_struct_ref.pdbx_db_isoform            ? 
_struct_ref.entity_id                  1 
_struct_ref.pdbx_seq_one_letter_code   
;MQDVQRTIEVSVGPIVGLDYTLLYDTLPETVSDNITLPDLKDPERVTEDTKKLILKGCVYIAYHHPLETDTLFIKVHKHI
PEFCHSFLSHLLGGEDDDNALIDIGLFFNMLQPSLGGWITKNFLRHPNRMSKDQIKMLLDQIIKMAKAESSDTEEYEKVW
KKMPTYFESIIQPLLHKT
;
_struct_ref.pdbx_align_begin           1 
# 
_struct_ref_seq.align_id                      1 
_struct_ref_seq.ref_id                        1 
_struct_ref_seq.pdbx_PDB_id_code              7XCD 
_struct_ref_seq.pdbx_strand_id                A 
_struct_ref_seq.seq_align_beg                 1 
_struct_ref_seq.pdbx_seq_align_beg_ins_code   ? 
_struct_ref_seq.seq_align_end                 178 
_struct_ref_seq.pdbx_seq_align_end_ins_code   ? 
_struct_ref_seq.pdbx_db_accession             Q705B3 
_struct_ref_seq.db_align_beg                  1 
_struct_ref_seq.pdbx_db_align_beg_ins_code    ? 
_struct_ref_seq.db_align_end                  178 
_struct_ref_seq.pdbx_db_align_end_ins_code    ? 
_struct_ref_seq.pdbx_auth_seq_align_beg       1 
_struct_ref_seq.pdbx_auth_seq_align_end       178 
# 
_pdbx_struct_assembly.id                   1 
_pdbx_struct_assembly.details              author_defined_assembly 
_pdbx_struct_assembly.method_details       ? 
_pdbx_struct_assembly.oligomeric_details   monomeric 
_pdbx_struct_assembly.oligomeric_count     1 
# 
_pdbx_struct_assembly_gen.assembly_id       1 
_pdbx_struct_assembly_gen.oper_expression   1 
_pdbx_struct_assembly_gen.asym_id_list      A,B 
# 
_pdbx_struct_assembly_auth_evidence.id                     1 
_pdbx_struct_assembly_auth_evidence.assembly_id            1 
_pdbx_struct_assembly_auth_evidence.experimental_support   none 
_pdbx_struct_assembly_auth_evidence.details                ? 
# 
_pdbx_struct_oper_list.id                   1 
_pdbx_struct_oper_list.type                 'identity operation' 
_pdbx_struct_oper_list.name                 1_555 
_pdbx_struct_oper_list.symmetry_operation   x,y,z 
_pdbx_struct_oper_list.matrix[1][1]         1.0000000000 
_pdbx_struct_oper_list.matrix[1][2]         0.0000000000 
_pdbx_struct_oper_list.matrix[1][3]         0.0000000000 
_pdbx_struct_oper_list.vector[1]            0.0000000000 
_pdbx_struct_oper_list.matrix[2][1]         0.0000000000 
_pdbx_struct_oper_list.matrix[2][2]         1.0000000000 
_pdbx_struct_oper_list.matrix[2][3]         0.0000000000 
_pdbx_struct_oper_list.vector[2]            0.0000000000 
_pdbx_struct_oper_list.matrix[3][1]         0.0000000000 
_pdbx_struct_oper_list.matrix[3][2]         0.0000000000 
_pdbx_struct_oper_list.matrix[3][3]         1.0000000000 
_pdbx_struct_oper_list.vector[3]            0.0000000000 
# 
loop_
_struct_conf.conf_type_id 
_struct_conf.id 
_struct_conf.pdbx_PDB_helix_id 
_struct_conf.beg_label_comp_id 
_struct_conf.beg_label_asym_id 
_struct_conf.beg_label_seq_id 
_struct_conf.pdbx_beg_PDB_ins_code 
_struct_conf.end_label_comp_id 
_struct_conf.end_label_asym_id 
_struct_conf.end_label_seq_id 
_struct_conf.pdbx_end_PDB_ins_code 
_struct_conf.beg_auth_comp_id 
_struct_conf.beg_auth_asym_id 
_struct_conf.beg_auth_seq_id 
_struct_conf.end_auth_comp_id 
_struct_conf.end_auth_asym_id 
_struct_conf.end_auth_seq_id 
_struct_conf.pdbx_PDB_helix_class 
_struct_conf.details 
_struct_conf.pdbx_PDB_helix_length 
HELX_P HELX_P1  AA1 THR A 7   ? VAL A 12  ? THR A 7   VAL A 12  5 ? 6  
HELX_P HELX_P2  AA2 ASP A 19  ? LEU A 27  ? ASP A 19  LEU A 27  1 ? 9  
HELX_P HELX_P3  AA3 PRO A 28  ? ASP A 33  ? PRO A 28  ASP A 33  1 ? 6  
HELX_P HELX_P4  AA4 THR A 36  ? LYS A 41  ? THR A 36  LYS A 41  1 ? 6  
HELX_P HELX_P5  AA5 ASP A 42  ? VAL A 46  ? ASP A 42  VAL A 46  5 ? 5  
HELX_P HELX_P6  AA6 THR A 47  ? HIS A 64  ? THR A 47  HIS A 64  1 ? 18 
HELX_P HELX_P7  AA7 ASP A 70  ? VAL A 76  ? ASP A 70  VAL A 76  1 ? 7  
HELX_P HELX_P8  AA8 HIS A 79  ? LEU A 92  ? HIS A 79  LEU A 92  1 ? 14 
HELX_P HELX_P9  AA9 ASP A 103 ? LEU A 111 ? ASP A 103 LEU A 111 1 ? 9  
HELX_P HELX_P10 AB1 LEU A 111 ? GLY A 116 ? LEU A 111 GLY A 116 1 ? 6  
HELX_P HELX_P11 AB2 THR A 120 ? HIS A 126 ? THR A 120 HIS A 126 1 ? 7  
HELX_P HELX_P12 AB3 PRO A 127 ? MSE A 130 ? PRO A 127 MSE A 130 5 ? 4  
HELX_P HELX_P13 AB4 SER A 131 ? ALA A 146 ? SER A 131 ALA A 146 1 ? 16 
HELX_P HELX_P14 AB5 ASP A 152 ? VAL A 159 ? ASP A 152 VAL A 159 1 ? 8  
HELX_P HELX_P15 AB6 LYS A 162 ? LEU A 175 ? LYS A 162 LEU A 175 1 ? 14 
# 
_struct_conf_type.id          HELX_P 
_struct_conf_type.criteria    ? 
_struct_conf_type.reference   ? 
# 
loop_
_struct_conn.id 
_struct_conn.conn_type_id 
_struct_conn.pdbx_leaving_atom_flag 
_struct_conn.pdbx_PDB_id 
_struct_conn.ptnr1_label_asym_id 
_struct_conn.ptnr1_label_comp_id 
_struct_conn.ptnr1_label_seq_id 
_struct_conn.ptnr1_label_atom_id 
_struct_conn.pdbx_ptnr1_label_alt_id 
_struct_conn.pdbx_ptnr1_PDB_ins_code 
_struct_conn.pdbx_ptnr1_standard_comp_id 
_struct_conn.ptnr1_symmetry 
_struct_conn.ptnr2_label_asym_id 
_struct_conn.ptnr2_label_comp_id 
_struct_conn.ptnr2_label_seq_id 
_struct_conn.ptnr2_label_atom_id 
_struct_conn.pdbx_ptnr2_label_alt_id 
_struct_conn.pdbx_ptnr2_PDB_ins_code 
_struct_conn.ptnr1_auth_asym_id 
_struct_conn.ptnr1_auth_comp_id 
_struct_conn.ptnr1_auth_seq_id 
_struct_conn.ptnr2_auth_asym_id 
_struct_conn.ptnr2_auth_comp_id 
_struct_conn.ptnr2_auth_seq_id 
_struct_conn.ptnr2_symmetry 
_struct_conn.pdbx_ptnr3_label_atom_id 
_struct_conn.pdbx_ptnr3_label_seq_id 
_struct_conn.pdbx_ptnr3_label_comp_id 
_struct_conn.pdbx_ptnr3_label_asym_id 
_struct_conn.pdbx_ptnr3_label_alt_id 
_struct_conn.pdbx_ptnr3_PDB_ins_code 
_struct_conn.details 
_struct_conn.pdbx_dist_value 
_struct_conn.pdbx_value_order 
_struct_conn.pdbx_role 
covale1  covale both ? A MSE 1   C ? ? ? 1_555 A GLN 2   N ? ? A MSE 1   A GLN 2   1_555 ? ? ? ? ? ? ? 1.337 ? ? 
covale2  covale both ? A ASN 109 C ? ? ? 1_555 A MSE 110 N ? ? A ASN 109 A MSE 110 1_555 ? ? ? ? ? ? ? 1.328 ? ? 
covale3  covale both ? A MSE 110 C ? ? ? 1_555 A LEU 111 N ? ? A MSE 110 A LEU 111 1_555 ? ? ? ? ? ? ? 1.330 ? ? 
covale4  covale both ? A ARG 129 C ? ? ? 1_555 A MSE 130 N ? ? A ARG 129 A MSE 130 1_555 ? ? ? ? ? ? ? 1.328 ? ? 
covale5  covale both ? A MSE 130 C ? ? ? 1_555 A SER 131 N ? ? A MSE 130 A SER 131 1_555 ? ? ? ? ? ? ? 1.329 ? ? 
covale6  covale both ? A LYS 136 C ? ? ? 1_555 A MSE 137 N ? ? A LYS 136 A MSE 137 1_555 ? ? ? ? ? ? ? 1.329 ? ? 
covale7  covale both ? A MSE 137 C ? ? ? 1_555 A LEU 138 N ? ? A MSE 137 A LEU 138 1_555 ? ? ? ? ? ? ? 1.330 ? ? 
covale8  covale both ? A LYS 144 C ? ? ? 1_555 A MSE 145 N ? ? A LYS 144 A MSE 145 1_555 ? ? ? ? ? ? ? 1.333 ? ? 
covale9  covale both ? A MSE 145 C ? ? ? 1_555 A ALA 146 N ? ? A MSE 145 A ALA 146 1_555 ? ? ? ? ? ? ? 1.335 ? ? 
covale10 covale both ? A LYS 162 C ? ? ? 1_555 A MSE 163 N ? ? A LYS 162 A MSE 163 1_555 ? ? ? ? ? ? ? 1.328 ? ? 
covale11 covale both ? A MSE 163 C ? ? ? 1_555 A PRO 164 N ? ? A MSE 163 A PRO 164 1_555 ? ? ? ? ? ? ? 1.352 ? ? 
# 
_struct_conn_type.id          covale 
_struct_conn_type.criteria    ? 
_struct_conn_type.reference   ? 
# 
loop_
_pdbx_modification_feature.ordinal 
_pdbx_modification_feature.label_comp_id 
_pdbx_modification_feature.label_asym_id 
_pdbx_modification_feature.label_seq_id 
_pdbx_modification_feature.label_alt_id 
_pdbx_modification_feature.modified_residue_label_comp_id 
_pdbx_modification_feature.modified_residue_label_asym_id 
_pdbx_modification_feature.modified_residue_label_seq_id 
_pdbx_modification_feature.modified_residue_label_alt_id 
_pdbx_modification_feature.auth_comp_id 
_pdbx_modification_feature.auth_asym_id 
_pdbx_modification_feature.auth_seq_id 
_pdbx_modification_feature.PDB_ins_code 
_pdbx_modification_feature.symmetry 
_pdbx_modification_feature.modified_residue_auth_comp_id 
_pdbx_modification_feature.modified_residue_auth_asym_id 
_pdbx_modification_feature.modified_residue_auth_seq_id 
_pdbx_modification_feature.modified_residue_PDB_ins_code 
_pdbx_modification_feature.modified_residue_symmetry 
_pdbx_modification_feature.comp_id_linking_atom 
_pdbx_modification_feature.modified_residue_id_linking_atom 
_pdbx_modification_feature.modified_residue_id 
_pdbx_modification_feature.ref_pcm_id 
_pdbx_modification_feature.ref_comp_id 
_pdbx_modification_feature.type 
_pdbx_modification_feature.category 
1 MSE A 1   ? . . . . MSE A 1   ? 1_555 . . . . . . . MET 1 MSE Selenomethionine 'Named protein modification' 
2 MSE A 110 ? . . . . MSE A 110 ? 1_555 . . . . . . . MET 1 MSE Selenomethionine 'Named protein modification' 
3 MSE A 130 ? . . . . MSE A 130 ? 1_555 . . . . . . . MET 1 MSE Selenomethionine 'Named protein modification' 
4 MSE A 137 ? . . . . MSE A 137 ? 1_555 . . . . . . . MET 1 MSE Selenomethionine 'Named protein modification' 
5 MSE A 145 ? . . . . MSE A 145 ? 1_555 . . . . . . . MET 1 MSE Selenomethionine 'Named protein modification' 
6 MSE A 163 ? . . . . MSE A 163 ? 1_555 . . . . . . . MET 1 MSE Selenomethionine 'Named protein modification' 
# 
_pdbx_entry_details.entry_id                   7XCD 
_pdbx_entry_details.has_ligand_of_interest     N 
_pdbx_entry_details.compound_details           ? 
_pdbx_entry_details.source_details             ? 
_pdbx_entry_details.nonpolymer_details         ? 
_pdbx_entry_details.sequence_details           ? 
_pdbx_entry_details.has_protein_modification   Y 
# 
loop_
_pdbx_validate_close_contact.id 
_pdbx_validate_close_contact.PDB_model_num 
_pdbx_validate_close_contact.auth_atom_id_1 
_pdbx_validate_close_contact.auth_asym_id_1 
_pdbx_validate_close_contact.auth_comp_id_1 
_pdbx_validate_close_contact.auth_seq_id_1 
_pdbx_validate_close_contact.PDB_ins_code_1 
_pdbx_validate_close_contact.label_alt_id_1 
_pdbx_validate_close_contact.auth_atom_id_2 
_pdbx_validate_close_contact.auth_asym_id_2 
_pdbx_validate_close_contact.auth_comp_id_2 
_pdbx_validate_close_contact.auth_seq_id_2 
_pdbx_validate_close_contact.PDB_ins_code_2 
_pdbx_validate_close_contact.label_alt_id_2 
_pdbx_validate_close_contact.dist 
1  1 OE1 A GLU 68  ? ? O A HOH 201 ? ? 1.90 
2  1 O   A HOH 268 ? ? O A HOH 316 ? ? 1.97 
3  1 O   A HOH 278 ? ? O A HOH 332 ? ? 1.97 
4  1 O   A HOH 318 ? ? O A HOH 327 ? ? 1.98 
5  1 O   A HOH 298 ? ? O A HOH 333 ? ? 1.99 
6  1 O   A HOH 221 ? ? O A HOH 255 ? ? 1.99 
7  1 O   A HOH 216 ? ? O A HOH 291 ? ? 2.06 
8  1 OE2 A GLU 155 ? ? O A HOH 202 ? ? 2.06 
9  1 O   A HOH 208 ? ? O A HOH 289 ? ? 2.12 
10 1 O   A HOH 265 ? ? O A HOH 311 ? ? 2.18 
# 
loop_
_pdbx_validate_symm_contact.id 
_pdbx_validate_symm_contact.PDB_model_num 
_pdbx_validate_symm_contact.auth_atom_id_1 
_pdbx_validate_symm_contact.auth_asym_id_1 
_pdbx_validate_symm_contact.auth_comp_id_1 
_pdbx_validate_symm_contact.auth_seq_id_1 
_pdbx_validate_symm_contact.PDB_ins_code_1 
_pdbx_validate_symm_contact.label_alt_id_1 
_pdbx_validate_symm_contact.site_symmetry_1 
_pdbx_validate_symm_contact.auth_atom_id_2 
_pdbx_validate_symm_contact.auth_asym_id_2 
_pdbx_validate_symm_contact.auth_comp_id_2 
_pdbx_validate_symm_contact.auth_seq_id_2 
_pdbx_validate_symm_contact.PDB_ins_code_2 
_pdbx_validate_symm_contact.label_alt_id_2 
_pdbx_validate_symm_contact.site_symmetry_2 
_pdbx_validate_symm_contact.dist 
1 1 O A HOH 212 ? ? 1_555 O A HOH 330 ? ? 3_757 1.98 
2 1 O A HOH 306 ? ? 1_555 O A HOH 340 ? ? 8_577 2.02 
3 1 O A HOH 206 ? ? 1_555 O A HOH 313 ? ? 8_577 2.11 
# 
loop_
_pdbx_validate_torsion.id 
_pdbx_validate_torsion.PDB_model_num 
_pdbx_validate_torsion.auth_comp_id 
_pdbx_validate_torsion.auth_asym_id 
_pdbx_validate_torsion.auth_seq_id 
_pdbx_validate_torsion.PDB_ins_code 
_pdbx_validate_torsion.label_alt_id 
_pdbx_validate_torsion.phi 
_pdbx_validate_torsion.psi 
1 1 ASP A 3   ? ? 61.58   62.87  
2 1 HIS A 64  ? ? -94.43  52.65  
3 1 VAL A 76  ? ? -125.46 -73.19 
4 1 VAL A 159 ? ? -125.24 -59.77 
# 
loop_
_pdbx_struct_mod_residue.id 
_pdbx_struct_mod_residue.label_asym_id 
_pdbx_struct_mod_residue.label_comp_id 
_pdbx_struct_mod_residue.label_seq_id 
_pdbx_struct_mod_residue.auth_asym_id 
_pdbx_struct_mod_residue.auth_comp_id 
_pdbx_struct_mod_residue.auth_seq_id 
_pdbx_struct_mod_residue.PDB_ins_code 
_pdbx_struct_mod_residue.parent_comp_id 
_pdbx_struct_mod_residue.details 
1 A MSE 1   A MSE 1   ? MET 'modified residue' 
2 A MSE 110 A MSE 110 ? MET 'modified residue' 
3 A MSE 130 A MSE 130 ? MET 'modified residue' 
4 A MSE 137 A MSE 137 ? MET 'modified residue' 
5 A MSE 145 A MSE 145 ? MET 'modified residue' 
6 A MSE 163 A MSE 163 ? MET 'modified residue' 
# 
_pdbx_struct_special_symmetry.id              1 
_pdbx_struct_special_symmetry.PDB_model_num   1 
_pdbx_struct_special_symmetry.auth_asym_id    A 
_pdbx_struct_special_symmetry.auth_comp_id    HOH 
_pdbx_struct_special_symmetry.auth_seq_id     223 
_pdbx_struct_special_symmetry.PDB_ins_code    ? 
_pdbx_struct_special_symmetry.label_asym_id   B 
_pdbx_struct_special_symmetry.label_comp_id   HOH 
_pdbx_struct_special_symmetry.label_seq_id    . 
# 
loop_
_chem_comp_atom.comp_id 
_chem_comp_atom.atom_id 
_chem_comp_atom.type_symbol 
_chem_comp_atom.pdbx_aromatic_flag 
_chem_comp_atom.pdbx_stereo_config 
_chem_comp_atom.pdbx_ordinal 
ALA N    N  N N 1   
ALA CA   C  N S 2   
ALA C    C  N N 3   
ALA O    O  N N 4   
ALA CB   C  N N 5   
ALA OXT  O  N N 6   
ALA H    H  N N 7   
ALA H2   H  N N 8   
ALA HA   H  N N 9   
ALA HB1  H  N N 10  
ALA HB2  H  N N 11  
ALA HB3  H  N N 12  
ALA HXT  H  N N 13  
ARG N    N  N N 14  
ARG CA   C  N S 15  
ARG C    C  N N 16  
ARG O    O  N N 17  
ARG CB   C  N N 18  
ARG CG   C  N N 19  
ARG CD   C  N N 20  
ARG NE   N  N N 21  
ARG CZ   C  N N 22  
ARG NH1  N  N N 23  
ARG NH2  N  N N 24  
ARG OXT  O  N N 25  
ARG H    H  N N 26  
ARG H2   H  N N 27  
ARG HA   H  N N 28  
ARG HB2  H  N N 29  
ARG HB3  H  N N 30  
ARG HG2  H  N N 31  
ARG HG3  H  N N 32  
ARG HD2  H  N N 33  
ARG HD3  H  N N 34  
ARG HE   H  N N 35  
ARG HH11 H  N N 36  
ARG HH12 H  N N 37  
ARG HH21 H  N N 38  
ARG HH22 H  N N 39  
ARG HXT  H  N N 40  
ASN N    N  N N 41  
ASN CA   C  N S 42  
ASN C    C  N N 43  
ASN O    O  N N 44  
ASN CB   C  N N 45  
ASN CG   C  N N 46  
ASN OD1  O  N N 47  
ASN ND2  N  N N 48  
ASN OXT  O  N N 49  
ASN H    H  N N 50  
ASN H2   H  N N 51  
ASN HA   H  N N 52  
ASN HB2  H  N N 53  
ASN HB3  H  N N 54  
ASN HD21 H  N N 55  
ASN HD22 H  N N 56  
ASN HXT  H  N N 57  
ASP N    N  N N 58  
ASP CA   C  N S 59  
ASP C    C  N N 60  
ASP O    O  N N 61  
ASP CB   C  N N 62  
ASP CG   C  N N 63  
ASP OD1  O  N N 64  
ASP OD2  O  N N 65  
ASP OXT  O  N N 66  
ASP H    H  N N 67  
ASP H2   H  N N 68  
ASP HA   H  N N 69  
ASP HB2  H  N N 70  
ASP HB3  H  N N 71  
ASP HD2  H  N N 72  
ASP HXT  H  N N 73  
CYS N    N  N N 74  
CYS CA   C  N R 75  
CYS C    C  N N 76  
CYS O    O  N N 77  
CYS CB   C  N N 78  
CYS SG   S  N N 79  
CYS OXT  O  N N 80  
CYS H    H  N N 81  
CYS H2   H  N N 82  
CYS HA   H  N N 83  
CYS HB2  H  N N 84  
CYS HB3  H  N N 85  
CYS HG   H  N N 86  
CYS HXT  H  N N 87  
GLN N    N  N N 88  
GLN CA   C  N S 89  
GLN C    C  N N 90  
GLN O    O  N N 91  
GLN CB   C  N N 92  
GLN CG   C  N N 93  
GLN CD   C  N N 94  
GLN OE1  O  N N 95  
GLN NE2  N  N N 96  
GLN OXT  O  N N 97  
GLN H    H  N N 98  
GLN H2   H  N N 99  
GLN HA   H  N N 100 
GLN HB2  H  N N 101 
GLN HB3  H  N N 102 
GLN HG2  H  N N 103 
GLN HG3  H  N N 104 
GLN HE21 H  N N 105 
GLN HE22 H  N N 106 
GLN HXT  H  N N 107 
GLU N    N  N N 108 
GLU CA   C  N S 109 
GLU C    C  N N 110 
GLU O    O  N N 111 
GLU CB   C  N N 112 
GLU CG   C  N N 113 
GLU CD   C  N N 114 
GLU OE1  O  N N 115 
GLU OE2  O  N N 116 
GLU OXT  O  N N 117 
GLU H    H  N N 118 
GLU H2   H  N N 119 
GLU HA   H  N N 120 
GLU HB2  H  N N 121 
GLU HB3  H  N N 122 
GLU HG2  H  N N 123 
GLU HG3  H  N N 124 
GLU HE2  H  N N 125 
GLU HXT  H  N N 126 
GLY N    N  N N 127 
GLY CA   C  N N 128 
GLY C    C  N N 129 
GLY O    O  N N 130 
GLY OXT  O  N N 131 
GLY H    H  N N 132 
GLY H2   H  N N 133 
GLY HA2  H  N N 134 
GLY HA3  H  N N 135 
GLY HXT  H  N N 136 
HIS N    N  N N 137 
HIS CA   C  N S 138 
HIS C    C  N N 139 
HIS O    O  N N 140 
HIS CB   C  N N 141 
HIS CG   C  Y N 142 
HIS ND1  N  Y N 143 
HIS CD2  C  Y N 144 
HIS CE1  C  Y N 145 
HIS NE2  N  Y N 146 
HIS OXT  O  N N 147 
HIS H    H  N N 148 
HIS H2   H  N N 149 
HIS HA   H  N N 150 
HIS HB2  H  N N 151 
HIS HB3  H  N N 152 
HIS HD1  H  N N 153 
HIS HD2  H  N N 154 
HIS HE1  H  N N 155 
HIS HE2  H  N N 156 
HIS HXT  H  N N 157 
HOH O    O  N N 158 
HOH H1   H  N N 159 
HOH H2   H  N N 160 
ILE N    N  N N 161 
ILE CA   C  N S 162 
ILE C    C  N N 163 
ILE O    O  N N 164 
ILE CB   C  N S 165 
ILE CG1  C  N N 166 
ILE CG2  C  N N 167 
ILE CD1  C  N N 168 
ILE OXT  O  N N 169 
ILE H    H  N N 170 
ILE H2   H  N N 171 
ILE HA   H  N N 172 
ILE HB   H  N N 173 
ILE HG12 H  N N 174 
ILE HG13 H  N N 175 
ILE HG21 H  N N 176 
ILE HG22 H  N N 177 
ILE HG23 H  N N 178 
ILE HD11 H  N N 179 
ILE HD12 H  N N 180 
ILE HD13 H  N N 181 
ILE HXT  H  N N 182 
LEU N    N  N N 183 
LEU CA   C  N S 184 
LEU C    C  N N 185 
LEU O    O  N N 186 
LEU CB   C  N N 187 
LEU CG   C  N N 188 
LEU CD1  C  N N 189 
LEU CD2  C  N N 190 
LEU OXT  O  N N 191 
LEU H    H  N N 192 
LEU H2   H  N N 193 
LEU HA   H  N N 194 
LEU HB2  H  N N 195 
LEU HB3  H  N N 196 
LEU HG   H  N N 197 
LEU HD11 H  N N 198 
LEU HD12 H  N N 199 
LEU HD13 H  N N 200 
LEU HD21 H  N N 201 
LEU HD22 H  N N 202 
LEU HD23 H  N N 203 
LEU HXT  H  N N 204 
LYS N    N  N N 205 
LYS CA   C  N S 206 
LYS C    C  N N 207 
LYS O    O  N N 208 
LYS CB   C  N N 209 
LYS CG   C  N N 210 
LYS CD   C  N N 211 
LYS CE   C  N N 212 
LYS NZ   N  N N 213 
LYS OXT  O  N N 214 
LYS H    H  N N 215 
LYS H2   H  N N 216 
LYS HA   H  N N 217 
LYS HB2  H  N N 218 
LYS HB3  H  N N 219 
LYS HG2  H  N N 220 
LYS HG3  H  N N 221 
LYS HD2  H  N N 222 
LYS HD3  H  N N 223 
LYS HE2  H  N N 224 
LYS HE3  H  N N 225 
LYS HZ1  H  N N 226 
LYS HZ2  H  N N 227 
LYS HZ3  H  N N 228 
LYS HXT  H  N N 229 
MSE N    N  N N 230 
MSE CA   C  N S 231 
MSE C    C  N N 232 
MSE O    O  N N 233 
MSE OXT  O  N N 234 
MSE CB   C  N N 235 
MSE CG   C  N N 236 
MSE SE   SE N N 237 
MSE CE   C  N N 238 
MSE H    H  N N 239 
MSE H2   H  N N 240 
MSE HA   H  N N 241 
MSE HXT  H  N N 242 
MSE HB2  H  N N 243 
MSE HB3  H  N N 244 
MSE HG2  H  N N 245 
MSE HG3  H  N N 246 
MSE HE1  H  N N 247 
MSE HE2  H  N N 248 
MSE HE3  H  N N 249 
PHE N    N  N N 250 
PHE CA   C  N S 251 
PHE C    C  N N 252 
PHE O    O  N N 253 
PHE CB   C  N N 254 
PHE CG   C  Y N 255 
PHE CD1  C  Y N 256 
PHE CD2  C  Y N 257 
PHE CE1  C  Y N 258 
PHE CE2  C  Y N 259 
PHE CZ   C  Y N 260 
PHE OXT  O  N N 261 
PHE H    H  N N 262 
PHE H2   H  N N 263 
PHE HA   H  N N 264 
PHE HB2  H  N N 265 
PHE HB3  H  N N 266 
PHE HD1  H  N N 267 
PHE HD2  H  N N 268 
PHE HE1  H  N N 269 
PHE HE2  H  N N 270 
PHE HZ   H  N N 271 
PHE HXT  H  N N 272 
PRO N    N  N N 273 
PRO CA   C  N S 274 
PRO C    C  N N 275 
PRO O    O  N N 276 
PRO CB   C  N N 277 
PRO CG   C  N N 278 
PRO CD   C  N N 279 
PRO OXT  O  N N 280 
PRO H    H  N N 281 
PRO HA   H  N N 282 
PRO HB2  H  N N 283 
PRO HB3  H  N N 284 
PRO HG2  H  N N 285 
PRO HG3  H  N N 286 
PRO HD2  H  N N 287 
PRO HD3  H  N N 288 
PRO HXT  H  N N 289 
SER N    N  N N 290 
SER CA   C  N S 291 
SER C    C  N N 292 
SER O    O  N N 293 
SER CB   C  N N 294 
SER OG   O  N N 295 
SER OXT  O  N N 296 
SER H    H  N N 297 
SER H2   H  N N 298 
SER HA   H  N N 299 
SER HB2  H  N N 300 
SER HB3  H  N N 301 
SER HG   H  N N 302 
SER HXT  H  N N 303 
THR N    N  N N 304 
THR CA   C  N S 305 
THR C    C  N N 306 
THR O    O  N N 307 
THR CB   C  N R 308 
THR OG1  O  N N 309 
THR CG2  C  N N 310 
THR OXT  O  N N 311 
THR H    H  N N 312 
THR H2   H  N N 313 
THR HA   H  N N 314 
THR HB   H  N N 315 
THR HG1  H  N N 316 
THR HG21 H  N N 317 
THR HG22 H  N N 318 
THR HG23 H  N N 319 
THR HXT  H  N N 320 
TRP N    N  N N 321 
TRP CA   C  N S 322 
TRP C    C  N N 323 
TRP O    O  N N 324 
TRP CB   C  N N 325 
TRP CG   C  Y N 326 
TRP CD1  C  Y N 327 
TRP CD2  C  Y N 328 
TRP NE1  N  Y N 329 
TRP CE2  C  Y N 330 
TRP CE3  C  Y N 331 
TRP CZ2  C  Y N 332 
TRP CZ3  C  Y N 333 
TRP CH2  C  Y N 334 
TRP OXT  O  N N 335 
TRP H    H  N N 336 
TRP H2   H  N N 337 
TRP HA   H  N N 338 
TRP HB2  H  N N 339 
TRP HB3  H  N N 340 
TRP HD1  H  N N 341 
TRP HE1  H  N N 342 
TRP HE3  H  N N 343 
TRP HZ2  H  N N 344 
TRP HZ3  H  N N 345 
TRP HH2  H  N N 346 
TRP HXT  H  N N 347 
TYR N    N  N N 348 
TYR CA   C  N S 349 
TYR C    C  N N 350 
TYR O    O  N N 351 
TYR CB   C  N N 352 
TYR CG   C  Y N 353 
TYR CD1  C  Y N 354 
TYR CD2  C  Y N 355 
TYR CE1  C  Y N 356 
TYR CE2  C  Y N 357 
TYR CZ   C  Y N 358 
TYR OH   O  N N 359 
TYR OXT  O  N N 360 
TYR H    H  N N 361 
TYR H2   H  N N 362 
TYR HA   H  N N 363 
TYR HB2  H  N N 364 
TYR HB3  H  N N 365 
TYR HD1  H  N N 366 
TYR HD2  H  N N 367 
TYR HE1  H  N N 368 
TYR HE2  H  N N 369 
TYR HH   H  N N 370 
TYR HXT  H  N N 371 
VAL N    N  N N 372 
VAL CA   C  N S 373 
VAL C    C  N N 374 
VAL O    O  N N 375 
VAL CB   C  N N 376 
VAL CG1  C  N N 377 
VAL CG2  C  N N 378 
VAL OXT  O  N N 379 
VAL H    H  N N 380 
VAL H2   H  N N 381 
VAL HA   H  N N 382 
VAL HB   H  N N 383 
VAL HG11 H  N N 384 
VAL HG12 H  N N 385 
VAL HG13 H  N N 386 
VAL HG21 H  N N 387 
VAL HG22 H  N N 388 
VAL HG23 H  N N 389 
VAL HXT  H  N N 390 
# 
loop_
_chem_comp_bond.comp_id 
_chem_comp_bond.atom_id_1 
_chem_comp_bond.atom_id_2 
_chem_comp_bond.value_order 
_chem_comp_bond.pdbx_aromatic_flag 
_chem_comp_bond.pdbx_stereo_config 
_chem_comp_bond.pdbx_ordinal 
ALA N   CA   sing N N 1   
ALA N   H    sing N N 2   
ALA N   H2   sing N N 3   
ALA CA  C    sing N N 4   
ALA CA  CB   sing N N 5   
ALA CA  HA   sing N N 6   
ALA C   O    doub N N 7   
ALA C   OXT  sing N N 8   
ALA CB  HB1  sing N N 9   
ALA CB  HB2  sing N N 10  
ALA CB  HB3  sing N N 11  
ALA OXT HXT  sing N N 12  
ARG N   CA   sing N N 13  
ARG N   H    sing N N 14  
ARG N   H2   sing N N 15  
ARG CA  C    sing N N 16  
ARG CA  CB   sing N N 17  
ARG CA  HA   sing N N 18  
ARG C   O    doub N N 19  
ARG C   OXT  sing N N 20  
ARG CB  CG   sing N N 21  
ARG CB  HB2  sing N N 22  
ARG CB  HB3  sing N N 23  
ARG CG  CD   sing N N 24  
ARG CG  HG2  sing N N 25  
ARG CG  HG3  sing N N 26  
ARG CD  NE   sing N N 27  
ARG CD  HD2  sing N N 28  
ARG CD  HD3  sing N N 29  
ARG NE  CZ   sing N N 30  
ARG NE  HE   sing N N 31  
ARG CZ  NH1  sing N N 32  
ARG CZ  NH2  doub N N 33  
ARG NH1 HH11 sing N N 34  
ARG NH1 HH12 sing N N 35  
ARG NH2 HH21 sing N N 36  
ARG NH2 HH22 sing N N 37  
ARG OXT HXT  sing N N 38  
ASN N   CA   sing N N 39  
ASN N   H    sing N N 40  
ASN N   H2   sing N N 41  
ASN CA  C    sing N N 42  
ASN CA  CB   sing N N 43  
ASN CA  HA   sing N N 44  
ASN C   O    doub N N 45  
ASN C   OXT  sing N N 46  
ASN CB  CG   sing N N 47  
ASN CB  HB2  sing N N 48  
ASN CB  HB3  sing N N 49  
ASN CG  OD1  doub N N 50  
ASN CG  ND2  sing N N 51  
ASN ND2 HD21 sing N N 52  
ASN ND2 HD22 sing N N 53  
ASN OXT HXT  sing N N 54  
ASP N   CA   sing N N 55  
ASP N   H    sing N N 56  
ASP N   H2   sing N N 57  
ASP CA  C    sing N N 58  
ASP CA  CB   sing N N 59  
ASP CA  HA   sing N N 60  
ASP C   O    doub N N 61  
ASP C   OXT  sing N N 62  
ASP CB  CG   sing N N 63  
ASP CB  HB2  sing N N 64  
ASP CB  HB3  sing N N 65  
ASP CG  OD1  doub N N 66  
ASP CG  OD2  sing N N 67  
ASP OD2 HD2  sing N N 68  
ASP OXT HXT  sing N N 69  
CYS N   CA   sing N N 70  
CYS N   H    sing N N 71  
CYS N   H2   sing N N 72  
CYS CA  C    sing N N 73  
CYS CA  CB   sing N N 74  
CYS CA  HA   sing N N 75  
CYS C   O    doub N N 76  
CYS C   OXT  sing N N 77  
CYS CB  SG   sing N N 78  
CYS CB  HB2  sing N N 79  
CYS CB  HB3  sing N N 80  
CYS SG  HG   sing N N 81  
CYS OXT HXT  sing N N 82  
GLN N   CA   sing N N 83  
GLN N   H    sing N N 84  
GLN N   H2   sing N N 85  
GLN CA  C    sing N N 86  
GLN CA  CB   sing N N 87  
GLN CA  HA   sing N N 88  
GLN C   O    doub N N 89  
GLN C   OXT  sing N N 90  
GLN CB  CG   sing N N 91  
GLN CB  HB2  sing N N 92  
GLN CB  HB3  sing N N 93  
GLN CG  CD   sing N N 94  
GLN CG  HG2  sing N N 95  
GLN CG  HG3  sing N N 96  
GLN CD  OE1  doub N N 97  
GLN CD  NE2  sing N N 98  
GLN NE2 HE21 sing N N 99  
GLN NE2 HE22 sing N N 100 
GLN OXT HXT  sing N N 101 
GLU N   CA   sing N N 102 
GLU N   H    sing N N 103 
GLU N   H2   sing N N 104 
GLU CA  C    sing N N 105 
GLU CA  CB   sing N N 106 
GLU CA  HA   sing N N 107 
GLU C   O    doub N N 108 
GLU C   OXT  sing N N 109 
GLU CB  CG   sing N N 110 
GLU CB  HB2  sing N N 111 
GLU CB  HB3  sing N N 112 
GLU CG  CD   sing N N 113 
GLU CG  HG2  sing N N 114 
GLU CG  HG3  sing N N 115 
GLU CD  OE1  doub N N 116 
GLU CD  OE2  sing N N 117 
GLU OE2 HE2  sing N N 118 
GLU OXT HXT  sing N N 119 
GLY N   CA   sing N N 120 
GLY N   H    sing N N 121 
GLY N   H2   sing N N 122 
GLY CA  C    sing N N 123 
GLY CA  HA2  sing N N 124 
GLY CA  HA3  sing N N 125 
GLY C   O    doub N N 126 
GLY C   OXT  sing N N 127 
GLY OXT HXT  sing N N 128 
HIS N   CA   sing N N 129 
HIS N   H    sing N N 130 
HIS N   H2   sing N N 131 
HIS CA  C    sing N N 132 
HIS CA  CB   sing N N 133 
HIS CA  HA   sing N N 134 
HIS C   O    doub N N 135 
HIS C   OXT  sing N N 136 
HIS CB  CG   sing N N 137 
HIS CB  HB2  sing N N 138 
HIS CB  HB3  sing N N 139 
HIS CG  ND1  sing Y N 140 
HIS CG  CD2  doub Y N 141 
HIS ND1 CE1  doub Y N 142 
HIS ND1 HD1  sing N N 143 
HIS CD2 NE2  sing Y N 144 
HIS CD2 HD2  sing N N 145 
HIS CE1 NE2  sing Y N 146 
HIS CE1 HE1  sing N N 147 
HIS NE2 HE2  sing N N 148 
HIS OXT HXT  sing N N 149 
HOH O   H1   sing N N 150 
HOH O   H2   sing N N 151 
ILE N   CA   sing N N 152 
ILE N   H    sing N N 153 
ILE N   H2   sing N N 154 
ILE CA  C    sing N N 155 
ILE CA  CB   sing N N 156 
ILE CA  HA   sing N N 157 
ILE C   O    doub N N 158 
ILE C   OXT  sing N N 159 
ILE CB  CG1  sing N N 160 
ILE CB  CG2  sing N N 161 
ILE CB  HB   sing N N 162 
ILE CG1 CD1  sing N N 163 
ILE CG1 HG12 sing N N 164 
ILE CG1 HG13 sing N N 165 
ILE CG2 HG21 sing N N 166 
ILE CG2 HG22 sing N N 167 
ILE CG2 HG23 sing N N 168 
ILE CD1 HD11 sing N N 169 
ILE CD1 HD12 sing N N 170 
ILE CD1 HD13 sing N N 171 
ILE OXT HXT  sing N N 172 
LEU N   CA   sing N N 173 
LEU N   H    sing N N 174 
LEU N   H2   sing N N 175 
LEU CA  C    sing N N 176 
LEU CA  CB   sing N N 177 
LEU CA  HA   sing N N 178 
LEU C   O    doub N N 179 
LEU C   OXT  sing N N 180 
LEU CB  CG   sing N N 181 
LEU CB  HB2  sing N N 182 
LEU CB  HB3  sing N N 183 
LEU CG  CD1  sing N N 184 
LEU CG  CD2  sing N N 185 
LEU CG  HG   sing N N 186 
LEU CD1 HD11 sing N N 187 
LEU CD1 HD12 sing N N 188 
LEU CD1 HD13 sing N N 189 
LEU CD2 HD21 sing N N 190 
LEU CD2 HD22 sing N N 191 
LEU CD2 HD23 sing N N 192 
LEU OXT HXT  sing N N 193 
LYS N   CA   sing N N 194 
LYS N   H    sing N N 195 
LYS N   H2   sing N N 196 
LYS CA  C    sing N N 197 
LYS CA  CB   sing N N 198 
LYS CA  HA   sing N N 199 
LYS C   O    doub N N 200 
LYS C   OXT  sing N N 201 
LYS CB  CG   sing N N 202 
LYS CB  HB2  sing N N 203 
LYS CB  HB3  sing N N 204 
LYS CG  CD   sing N N 205 
LYS CG  HG2  sing N N 206 
LYS CG  HG3  sing N N 207 
LYS CD  CE   sing N N 208 
LYS CD  HD2  sing N N 209 
LYS CD  HD3  sing N N 210 
LYS CE  NZ   sing N N 211 
LYS CE  HE2  sing N N 212 
LYS CE  HE3  sing N N 213 
LYS NZ  HZ1  sing N N 214 
LYS NZ  HZ2  sing N N 215 
LYS NZ  HZ3  sing N N 216 
LYS OXT HXT  sing N N 217 
MSE N   CA   sing N N 218 
MSE N   H    sing N N 219 
MSE N   H2   sing N N 220 
MSE CA  C    sing N N 221 
MSE CA  CB   sing N N 222 
MSE CA  HA   sing N N 223 
MSE C   O    doub N N 224 
MSE C   OXT  sing N N 225 
MSE OXT HXT  sing N N 226 
MSE CB  CG   sing N N 227 
MSE CB  HB2  sing N N 228 
MSE CB  HB3  sing N N 229 
MSE CG  SE   sing N N 230 
MSE CG  HG2  sing N N 231 
MSE CG  HG3  sing N N 232 
MSE SE  CE   sing N N 233 
MSE CE  HE1  sing N N 234 
MSE CE  HE2  sing N N 235 
MSE CE  HE3  sing N N 236 
PHE N   CA   sing N N 237 
PHE N   H    sing N N 238 
PHE N   H2   sing N N 239 
PHE CA  C    sing N N 240 
PHE CA  CB   sing N N 241 
PHE CA  HA   sing N N 242 
PHE C   O    doub N N 243 
PHE C   OXT  sing N N 244 
PHE CB  CG   sing N N 245 
PHE CB  HB2  sing N N 246 
PHE CB  HB3  sing N N 247 
PHE CG  CD1  doub Y N 248 
PHE CG  CD2  sing Y N 249 
PHE CD1 CE1  sing Y N 250 
PHE CD1 HD1  sing N N 251 
PHE CD2 CE2  doub Y N 252 
PHE CD2 HD2  sing N N 253 
PHE CE1 CZ   doub Y N 254 
PHE CE1 HE1  sing N N 255 
PHE CE2 CZ   sing Y N 256 
PHE CE2 HE2  sing N N 257 
PHE CZ  HZ   sing N N 258 
PHE OXT HXT  sing N N 259 
PRO N   CA   sing N N 260 
PRO N   CD   sing N N 261 
PRO N   H    sing N N 262 
PRO CA  C    sing N N 263 
PRO CA  CB   sing N N 264 
PRO CA  HA   sing N N 265 
PRO C   O    doub N N 266 
PRO C   OXT  sing N N 267 
PRO CB  CG   sing N N 268 
PRO CB  HB2  sing N N 269 
PRO CB  HB3  sing N N 270 
PRO CG  CD   sing N N 271 
PRO CG  HG2  sing N N 272 
PRO CG  HG3  sing N N 273 
PRO CD  HD2  sing N N 274 
PRO CD  HD3  sing N N 275 
PRO OXT HXT  sing N N 276 
SER N   CA   sing N N 277 
SER N   H    sing N N 278 
SER N   H2   sing N N 279 
SER CA  C    sing N N 280 
SER CA  CB   sing N N 281 
SER CA  HA   sing N N 282 
SER C   O    doub N N 283 
SER C   OXT  sing N N 284 
SER CB  OG   sing N N 285 
SER CB  HB2  sing N N 286 
SER CB  HB3  sing N N 287 
SER OG  HG   sing N N 288 
SER OXT HXT  sing N N 289 
THR N   CA   sing N N 290 
THR N   H    sing N N 291 
THR N   H2   sing N N 292 
THR CA  C    sing N N 293 
THR CA  CB   sing N N 294 
THR CA  HA   sing N N 295 
THR C   O    doub N N 296 
THR C   OXT  sing N N 297 
THR CB  OG1  sing N N 298 
THR CB  CG2  sing N N 299 
THR CB  HB   sing N N 300 
THR OG1 HG1  sing N N 301 
THR CG2 HG21 sing N N 302 
THR CG2 HG22 sing N N 303 
THR CG2 HG23 sing N N 304 
THR OXT HXT  sing N N 305 
TRP N   CA   sing N N 306 
TRP N   H    sing N N 307 
TRP N   H2   sing N N 308 
TRP CA  C    sing N N 309 
TRP CA  CB   sing N N 310 
TRP CA  HA   sing N N 311 
TRP C   O    doub N N 312 
TRP C   OXT  sing N N 313 
TRP CB  CG   sing N N 314 
TRP CB  HB2  sing N N 315 
TRP CB  HB3  sing N N 316 
TRP CG  CD1  doub Y N 317 
TRP CG  CD2  sing Y N 318 
TRP CD1 NE1  sing Y N 319 
TRP CD1 HD1  sing N N 320 
TRP CD2 CE2  doub Y N 321 
TRP CD2 CE3  sing Y N 322 
TRP NE1 CE2  sing Y N 323 
TRP NE1 HE1  sing N N 324 
TRP CE2 CZ2  sing Y N 325 
TRP CE3 CZ3  doub Y N 326 
TRP CE3 HE3  sing N N 327 
TRP CZ2 CH2  doub Y N 328 
TRP CZ2 HZ2  sing N N 329 
TRP CZ3 CH2  sing Y N 330 
TRP CZ3 HZ3  sing N N 331 
TRP CH2 HH2  sing N N 332 
TRP OXT HXT  sing N N 333 
TYR N   CA   sing N N 334 
TYR N   H    sing N N 335 
TYR N   H2   sing N N 336 
TYR CA  C    sing N N 337 
TYR CA  CB   sing N N 338 
TYR CA  HA   sing N N 339 
TYR C   O    doub N N 340 
TYR C   OXT  sing N N 341 
TYR CB  CG   sing N N 342 
TYR CB  HB2  sing N N 343 
TYR CB  HB3  sing N N 344 
TYR CG  CD1  doub Y N 345 
TYR CG  CD2  sing Y N 346 
TYR CD1 CE1  sing Y N 347 
TYR CD1 HD1  sing N N 348 
TYR CD2 CE2  doub Y N 349 
TYR CD2 HD2  sing N N 350 
TYR CE1 CZ   doub Y N 351 
TYR CE1 HE1  sing N N 352 
TYR CE2 CZ   sing Y N 353 
TYR CE2 HE2  sing N N 354 
TYR CZ  OH   sing N N 355 
TYR OH  HH   sing N N 356 
TYR OXT HXT  sing N N 357 
VAL N   CA   sing N N 358 
VAL N   H    sing N N 359 
VAL N   H2   sing N N 360 
VAL CA  C    sing N N 361 
VAL CA  CB   sing N N 362 
VAL CA  HA   sing N N 363 
VAL C   O    doub N N 364 
VAL C   OXT  sing N N 365 
VAL CB  CG1  sing N N 366 
VAL CB  CG2  sing N N 367 
VAL CB  HB   sing N N 368 
VAL CG1 HG11 sing N N 369 
VAL CG1 HG12 sing N N 370 
VAL CG1 HG13 sing N N 371 
VAL CG2 HG21 sing N N 372 
VAL CG2 HG22 sing N N 373 
VAL CG2 HG23 sing N N 374 
VAL OXT HXT  sing N N 375 
# 
_pdbx_audit_support.funding_organization   'National Science Foundation (NSF, China)' 
_pdbx_audit_support.country                China 
_pdbx_audit_support.grant_number           'National Natural Science Foundation of China (32002049)' 
_pdbx_audit_support.ordinal                1 
# 
_pdbx_initial_refinement_model.id               1 
_pdbx_initial_refinement_model.entity_id_list   ? 
_pdbx_initial_refinement_model.type             'experimental model' 
_pdbx_initial_refinement_model.source_name      PDB 
_pdbx_initial_refinement_model.accession_code   7XCC 
_pdbx_initial_refinement_model.details          ? 
# 
_atom_sites.entry_id                    7XCD 
_atom_sites.Cartn_transf_matrix[1][1]   ? 
_atom_sites.Cartn_transf_matrix[1][2]   ? 
_atom_sites.Cartn_transf_matrix[1][3]   ? 
_atom_sites.Cartn_transf_matrix[2][1]   ? 
_atom_sites.Cartn_transf_matrix[2][2]   ? 
_atom_sites.Cartn_transf_matrix[2][3]   ? 
_atom_sites.Cartn_transf_matrix[3][1]   ? 
_atom_sites.Cartn_transf_matrix[3][2]   ? 
_atom_sites.Cartn_transf_matrix[3][3]   ? 
_atom_sites.Cartn_transf_vector[1]      ? 
_atom_sites.Cartn_transf_vector[2]      ? 
_atom_sites.Cartn_transf_vector[3]      ? 
_atom_sites.fract_transf_matrix[1][1]   -0.00255112 
_atom_sites.fract_transf_matrix[1][2]   -0.01164723 
_atom_sites.fract_transf_matrix[1][3]   0.01856248 
_atom_sites.fract_transf_matrix[2][1]   0.00521225 
_atom_sites.fract_transf_matrix[2][2]   0.00909873 
_atom_sites.fract_transf_matrix[2][3]   0.00642544 
_atom_sites.fract_transf_matrix[3][1]   -0.00736092 
_atom_sites.fract_transf_matrix[3][2]   0.00341704 
_atom_sites.fract_transf_matrix[3][3]   0.00113241 
_atom_sites.fract_transf_vector[1]      1.195056 
_atom_sites.fract_transf_vector[2]      1.237358 
_atom_sites.fract_transf_vector[3]      1.107360 
_atom_sites.solution_primary            ? 
_atom_sites.solution_secondary          ? 
_atom_sites.solution_hydrogens          ? 
_atom_sites.special_details             ? 
# 
loop_
_atom_type.symbol 
C  
N  
O  
S  
SE 
# 
loop_
_atom_site.group_PDB 
_atom_site.id 
_atom_site.type_symbol 
_atom_site.label_atom_id 
_atom_site.label_alt_id 
_atom_site.label_comp_id 
_atom_site.label_asym_id 
_atom_site.label_entity_id 
_atom_site.label_seq_id 
_atom_site.pdbx_PDB_ins_code 
_atom_site.Cartn_x 
_atom_site.Cartn_y 
_atom_site.Cartn_z 
_atom_site.occupancy 
_atom_site.B_iso_or_equiv 
_atom_site.pdbx_formal_charge 
_atom_site.auth_seq_id 
_atom_site.auth_comp_id 
_atom_site.auth_asym_id 
_atom_site.auth_atom_id 
_atom_site.pdbx_PDB_model_num 
HETATM 1    N  N   . MSE A 1 1   ? -24.427 18.374  -22.776 1.00 58.84 ? 1   MSE A N   1 
HETATM 2    C  CA  . MSE A 1 1   ? -24.178 17.067  -23.384 1.00 68.04 ? 1   MSE A CA  1 
HETATM 3    C  C   . MSE A 1 1   ? -22.764 16.926  -23.934 1.00 74.66 ? 1   MSE A C   1 
HETATM 4    O  O   . MSE A 1 1   ? -21.783 17.340  -23.310 1.00 75.12 ? 1   MSE A O   1 
HETATM 5    C  CB  . MSE A 1 1   ? -25.180 16.787  -24.511 1.00 68.93 ? 1   MSE A CB  1 
HETATM 6    C  CG  . MSE A 1 1   ? -26.646 16.684  -24.098 1.00 60.96 ? 1   MSE A CG  1 
HETATM 7    SE SE  . MSE A 1 1   ? -27.638 18.366  -24.223 1.00 98.16 ? 1   MSE A SE  1 
HETATM 8    C  CE  . MSE A 1 1   ? -27.741 18.537  -26.170 1.00 67.70 ? 1   MSE A CE  1 
ATOM   9    N  N   . GLN A 1 2   ? -22.684 16.455  -25.183 1.00 79.22 ? 2   GLN A N   1 
ATOM   10   C  CA  . GLN A 1 2   ? -21.417 16.296  -25.922 1.00 78.57 ? 2   GLN A CA  1 
ATOM   11   C  C   . GLN A 1 2   ? -20.342 15.405  -25.298 1.00 79.16 ? 2   GLN A C   1 
ATOM   12   O  O   . GLN A 1 2   ? -19.186 15.806  -25.163 1.00 78.30 ? 2   GLN A O   1 
ATOM   13   C  CB  . GLN A 1 2   ? -20.821 17.672  -26.240 1.00 75.86 ? 2   GLN A CB  1 
ATOM   14   C  CG  . GLN A 1 2   ? -21.857 18.759  -26.472 1.00 77.37 ? 2   GLN A CG  1 
ATOM   15   C  CD  . GLN A 1 2   ? -23.084 18.249  -27.201 1.00 79.69 ? 2   GLN A CD  1 
ATOM   16   O  OE1 . GLN A 1 2   ? -22.995 17.347  -28.036 1.00 83.20 ? 2   GLN A OE1 1 
ATOM   17   N  NE2 . GLN A 1 2   ? -24.240 18.823  -26.890 1.00 78.03 ? 2   GLN A NE2 1 
ATOM   18   N  N   . ASP A 1 3   ? -20.741 14.201  -24.911 1.00 79.01 ? 3   ASP A N   1 
ATOM   19   C  CA  . ASP A 1 3   ? -19.837 13.229  -24.257 1.00 72.89 ? 3   ASP A CA  1 
ATOM   20   C  C   . ASP A 1 3   ? -19.213 13.632  -22.908 1.00 69.97 ? 3   ASP A C   1 
ATOM   21   O  O   . ASP A 1 3   ? -17.994 13.763  -22.798 1.00 71.04 ? 3   ASP A O   1 
ATOM   22   C  CB  . ASP A 1 3   ? -18.729 12.807  -25.227 1.00 78.35 ? 3   ASP A CB  1 
ATOM   23   C  CG  . ASP A 1 3   ? -19.273 12.164  -26.489 1.00 84.96 ? 3   ASP A CG  1 
ATOM   24   O  OD1 . ASP A 1 3   ? -20.341 11.522  -26.417 1.00 86.73 ? 3   ASP A OD1 1 
ATOM   25   O  OD2 . ASP A 1 3   ? -18.631 12.301  -27.552 1.00 87.13 ? 3   ASP A OD2 1 
ATOM   26   N  N   . VAL A 1 4   ? -20.056 13.840  -21.893 1.00 64.36 ? 4   VAL A N   1 
ATOM   27   C  CA  . VAL A 1 4   ? -19.597 14.278  -20.587 1.00 56.77 ? 4   VAL A CA  1 
ATOM   28   C  C   . VAL A 1 4   ? -18.961 13.014  -20.031 1.00 51.11 ? 4   VAL A C   1 
ATOM   29   O  O   . VAL A 1 4   ? -19.449 12.401  -19.082 1.00 49.07 ? 4   VAL A O   1 
ATOM   30   C  CB  . VAL A 1 4   ? -20.762 14.715  -19.686 1.00 53.24 ? 4   VAL A CB  1 
ATOM   31   C  CG1 . VAL A 1 4   ? -21.267 16.089  -20.101 1.00 47.88 ? 4   VAL A CG1 1 
ATOM   32   C  CG2 . VAL A 1 4   ? -21.884 13.689  -19.737 1.00 51.48 ? 4   VAL A CG2 1 
ATOM   33   N  N   . GLN A 1 5   ? -17.856 12.643  -20.666 1.00 51.09 ? 5   GLN A N   1 
ATOM   34   C  CA  . GLN A 1 5   ? -17.084 11.452  -20.364 1.00 51.03 ? 5   GLN A CA  1 
ATOM   35   C  C   . GLN A 1 5   ? -15.632 11.816  -20.106 1.00 47.69 ? 5   GLN A C   1 
ATOM   36   O  O   . GLN A 1 5   ? -15.155 12.881  -20.501 1.00 38.85 ? 5   GLN A O   1 
ATOM   37   C  CB  . GLN A 1 5   ? -17.161 10.435  -21.507 1.00 55.13 ? 5   GLN A CB  1 
ATOM   38   C  CG  . GLN A 1 5   ? -18.442 9.623   -21.526 1.00 62.71 ? 5   GLN A CG  1 
ATOM   39   C  CD  . GLN A 1 5   ? -18.796 9.145   -22.916 1.00 71.44 ? 5   GLN A CD  1 
ATOM   40   O  OE1 . GLN A 1 5   ? -18.217 9.586   -23.908 1.00 72.70 ? 5   GLN A OE1 1 
ATOM   41   N  NE2 . GLN A 1 5   ? -19.756 8.226   -22.994 1.00 72.43 ? 5   GLN A NE2 1 
ATOM   42   N  N   . ARG A 1 6   ? -14.939 10.897  -19.438 1.00 42.11 ? 6   ARG A N   1 
ATOM   43   C  CA  . ARG A 1 6   ? -13.517 11.055  -19.187 1.00 42.11 ? 6   ARG A CA  1 
ATOM   44   C  C   . ARG A 1 6   ? -12.739 11.193  -20.485 1.00 42.18 ? 6   ARG A C   1 
ATOM   45   O  O   . ARG A 1 6   ? -12.989 10.484  -21.461 1.00 42.59 ? 6   ARG A O   1 
ATOM   46   C  CB  . ARG A 1 6   ? -12.988 9.852   -18.420 1.00 39.62 ? 6   ARG A CB  1 
ATOM   47   C  CG  . ARG A 1 6   ? -13.604 9.679   -17.055 1.00 36.35 ? 6   ARG A CG  1 
ATOM   48   C  CD  . ARG A 1 6   ? -13.499 8.251   -16.629 1.00 37.79 ? 6   ARG A CD  1 
ATOM   49   N  NE  . ARG A 1 6   ? -13.861 8.092   -15.223 1.00 32.50 ? 6   ARG A NE  1 
ATOM   50   C  CZ  . ARG A 1 6   ? -13.998 6.912   -14.637 1.00 36.43 ? 6   ARG A CZ  1 
ATOM   51   N  NH1 . ARG A 1 6   ? -13.816 5.797   -15.348 1.00 33.74 ? 6   ARG A NH1 1 
ATOM   52   N  NH2 . ARG A 1 6   ? -14.322 6.845   -13.349 1.00 35.39 ? 6   ARG A NH2 1 
ATOM   53   N  N   . THR A 1 7   ? -11.767 12.096  -20.473 1.00 42.64 ? 7   THR A N   1 
ATOM   54   C  CA  . THR A 1 7   ? -10.798 12.166  -21.550 1.00 45.25 ? 7   THR A CA  1 
ATOM   55   C  C   . THR A 1 7   ? -9.814  11.007  -21.435 1.00 47.69 ? 7   THR A C   1 
ATOM   56   O  O   . THR A 1 7   ? -9.738  10.320  -20.415 1.00 46.16 ? 7   THR A O   1 
ATOM   57   C  CB  . THR A 1 7   ? -10.053 13.494  -21.505 1.00 47.06 ? 7   THR A CB  1 
ATOM   58   O  OG1 . THR A 1 7   ? -9.186  13.501  -20.360 1.00 49.43 ? 7   THR A OG1 1 
ATOM   59   C  CG2 . THR A 1 7   ? -11.042 14.646  -21.397 1.00 47.77 ? 7   THR A CG2 1 
ATOM   60   N  N   . ILE A 1 8   ? -9.046  10.794  -22.502 1.00 47.74 ? 8   ILE A N   1 
ATOM   61   C  CA  . ILE A 1 8   ? -8.032  9.746   -22.452 1.00 45.22 ? 8   ILE A CA  1 
ATOM   62   C  C   . ILE A 1 8   ? -6.909  10.158  -21.503 1.00 42.87 ? 8   ILE A C   1 
ATOM   63   O  O   . ILE A 1 8   ? -6.320  9.314   -20.813 1.00 47.31 ? 8   ILE A O   1 
ATOM   64   C  CB  . ILE A 1 8   ? -7.508  9.427   -23.871 1.00 52.83 ? 8   ILE A CB  1 
ATOM   65   C  CG1 . ILE A 1 8   ? -8.581  8.727   -24.727 1.00 50.82 ? 8   ILE A CG1 1 
ATOM   66   C  CG2 . ILE A 1 8   ? -6.296  8.515   -23.804 1.00 48.88 ? 8   ILE A CG2 1 
ATOM   67   C  CD1 . ILE A 1 8   ? -9.768  9.586   -25.166 1.00 57.23 ? 8   ILE A CD1 1 
ATOM   68   N  N   . GLU A 1 9   ? -6.656  11.464  -21.389 1.00 42.07 ? 9   GLU A N   1 
ATOM   69   C  CA  . GLU A 1 9   ? -5.572  11.968  -20.552 1.00 44.79 ? 9   GLU A CA  1 
ATOM   70   C  C   . GLU A 1 9   ? -5.788  11.682  -19.072 1.00 41.00 ? 9   GLU A C   1 
ATOM   71   O  O   . GLU A 1 9   ? -4.821  11.621  -18.309 1.00 40.15 ? 9   GLU A O   1 
ATOM   72   C  CB  . GLU A 1 9   ? -5.419  13.468  -20.750 1.00 49.17 ? 9   GLU A CB  1 
ATOM   73   C  CG  . GLU A 1 9   ? -5.379  13.938  -22.185 1.00 57.18 ? 9   GLU A CG  1 
ATOM   74   C  CD  . GLU A 1 9   ? -5.076  15.422  -22.314 1.00 67.34 ? 9   GLU A CD  1 
ATOM   75   O  OE1 . GLU A 1 9   ? -5.173  15.975  -23.442 1.00 70.54 ? 9   GLU A OE1 1 
ATOM   76   O  OE2 . GLU A 1 9   ? -4.748  16.056  -21.276 1.00 68.35 ? 9   GLU A OE2 1 
ATOM   77   N  N   . VAL A 1 10  ? -7.038  11.548  -18.629 1.00 38.89 ? 10  VAL A N   1 
ATOM   78   C  CA  . VAL A 1 10  ? -7.263  11.420  -17.194 1.00 35.42 ? 10  VAL A CA  1 
ATOM   79   C  C   . VAL A 1 10  ? -6.732  10.091  -16.657 1.00 35.31 ? 10  VAL A C   1 
ATOM   80   O  O   . VAL A 1 10  ? -6.473  9.964   -15.451 1.00 33.68 ? 10  VAL A O   1 
ATOM   81   C  CB  . VAL A 1 10  ? -8.759  11.634  -16.871 1.00 41.07 ? 10  VAL A CB  1 
ATOM   82   C  CG1 . VAL A 1 10  ? -9.592  10.477  -17.361 1.00 40.91 ? 10  VAL A CG1 1 
ATOM   83   C  CG2 . VAL A 1 10  ? -8.957  11.832  -15.379 1.00 45.16 ? 10  VAL A CG2 1 
ATOM   84   N  N   . SER A 1 11  ? -6.528  9.098   -17.518 1.00 32.42 ? 11  SER A N   1 
ATOM   85   C  CA  . SER A 1 11  ? -5.994  7.836   -17.028 1.00 34.49 ? 11  SER A CA  1 
ATOM   86   C  C   . SER A 1 11  ? -4.485  7.874   -16.783 1.00 33.12 ? 11  SER A C   1 
ATOM   87   O  O   . SER A 1 11  ? -3.952  6.936   -16.180 1.00 30.01 ? 11  SER A O   1 
ATOM   88   C  CB  . SER A 1 11  ? -6.332  6.711   -18.004 1.00 35.69 ? 11  SER A CB  1 
ATOM   89   O  OG  . SER A 1 11  ? -5.584  6.857   -19.197 1.00 43.71 ? 11  SER A OG  1 
ATOM   90   N  N   . VAL A 1 12  ? -3.789  8.927   -17.197 1.00 28.68 ? 12  VAL A N   1 
ATOM   91   C  CA  . VAL A 1 12  ? -2.338  9.021   -17.041 1.00 30.46 ? 12  VAL A CA  1 
ATOM   92   C  C   . VAL A 1 12  ? -2.030  9.837   -15.801 1.00 30.11 ? 12  VAL A C   1 
ATOM   93   O  O   . VAL A 1 12  ? -2.587  10.925  -15.613 1.00 30.14 ? 12  VAL A O   1 
ATOM   94   C  CB  . VAL A 1 12  ? -1.680  9.659   -18.279 1.00 35.45 ? 12  VAL A CB  1 
ATOM   95   C  CG1 . VAL A 1 12  ? -0.174  9.819   -18.044 1.00 35.31 ? 12  VAL A CG1 1 
ATOM   96   C  CG2 . VAL A 1 12  ? -1.977  8.833   -19.527 1.00 37.31 ? 12  VAL A CG2 1 
ATOM   97   N  N   . GLY A 1 13  ? -1.141  9.312   -14.948 1.00 28.04 ? 13  GLY A N   1 
ATOM   98   C  CA  . GLY A 1 13  ? -0.647  10.026  -13.794 1.00 29.11 ? 13  GLY A CA  1 
ATOM   99   C  C   . GLY A 1 13  ? 0.809   9.690   -13.507 1.00 34.81 ? 13  GLY A C   1 
ATOM   100  O  O   . GLY A 1 13  ? 1.516   9.134   -14.353 1.00 33.31 ? 13  GLY A O   1 
ATOM   101  N  N   . PRO A 1 14  ? 1.285   10.018  -12.302 1.00 33.20 ? 14  PRO A N   1 
ATOM   102  C  CA  . PRO A 1 14  ? 2.740   9.995   -12.067 1.00 33.81 ? 14  PRO A CA  1 
ATOM   103  C  C   . PRO A 1 14  ? 3.370   8.619   -12.153 1.00 38.61 ? 14  PRO A C   1 
ATOM   104  O  O   . PRO A 1 14  ? 4.551   8.527   -12.502 1.00 35.99 ? 14  PRO A O   1 
ATOM   105  C  CB  . PRO A 1 14  ? 2.891   10.599  -10.664 1.00 39.14 ? 14  PRO A CB  1 
ATOM   106  C  CG  . PRO A 1 14  ? 1.517   10.660  -10.093 1.00 37.91 ? 14  PRO A CG  1 
ATOM   107  C  CD  . PRO A 1 14  ? 0.564   10.718  -11.230 1.00 32.19 ? 14  PRO A CD  1 
ATOM   108  N  N   . ILE A 1 15  ? 2.643   7.546   -11.867 1.00 31.87 ? 15  ILE A N   1 
ATOM   109  C  CA  . ILE A 1 15  ? 3.215   6.206   -11.967 1.00 34.49 ? 15  ILE A CA  1 
ATOM   110  C  C   . ILE A 1 15  ? 3.041   5.694   -13.393 1.00 33.98 ? 15  ILE A C   1 
ATOM   111  O  O   . ILE A 1 15  ? 1.920   5.480   -13.860 1.00 32.21 ? 15  ILE A O   1 
ATOM   112  C  CB  . ILE A 1 15  ? 2.586   5.252   -10.943 1.00 33.58 ? 15  ILE A CB  1 
ATOM   113  C  CG1 . ILE A 1 15  ? 2.957   5.726   -9.539  1.00 32.56 ? 15  ILE A CG1 1 
ATOM   114  C  CG2 . ILE A 1 15  ? 3.053   3.818   -11.196 1.00 33.79 ? 15  ILE A CG2 1 
ATOM   115  C  CD1 . ILE A 1 15  ? 2.332   4.955   -8.466  1.00 32.76 ? 15  ILE A CD1 1 
ATOM   116  N  N   . VAL A 1 16  ? 4.160   5.485   -14.089 1.00 35.91 ? 16  VAL A N   1 
ATOM   117  C  CA  . VAL A 1 16  ? 4.095   5.108   -15.492 1.00 36.00 ? 16  VAL A CA  1 
ATOM   118  C  C   . VAL A 1 16  ? 3.512   3.710   -15.633 1.00 34.50 ? 16  VAL A C   1 
ATOM   119  O  O   . VAL A 1 16  ? 3.943   2.767   -14.956 1.00 34.87 ? 16  VAL A O   1 
ATOM   120  C  CB  . VAL A 1 16  ? 5.488   5.191   -16.132 1.00 40.98 ? 16  VAL A CB  1 
ATOM   121  C  CG1 . VAL A 1 16  ? 5.384   4.941   -17.624 1.00 39.29 ? 16  VAL A CG1 1 
ATOM   122  C  CG2 . VAL A 1 16  ? 6.126   6.544   -15.824 1.00 41.48 ? 16  VAL A CG2 1 
ATOM   123  N  N   . GLY A 1 17  ? 2.526   3.573   -16.525 1.00 31.09 ? 17  GLY A N   1 
ATOM   124  C  CA  . GLY A 1 17  ? 1.875   2.310   -16.798 1.00 35.16 ? 17  GLY A CA  1 
ATOM   125  C  C   . GLY A 1 17  ? 0.607   2.073   -16.007 1.00 32.56 ? 17  GLY A C   1 
ATOM   126  O  O   . GLY A 1 17  ? -0.173  1.175   -16.355 1.00 31.11 ? 17  GLY A O   1 
ATOM   127  N  N   . LEU A 1 18  ? 0.378   2.848   -14.959 1.00 29.62 ? 18  LEU A N   1 
ATOM   128  C  CA  . LEU A 1 18  ? -0.807  2.687   -14.127 1.00 27.23 ? 18  LEU A CA  1 
ATOM   129  C  C   . LEU A 1 18  ? -1.970  3.442   -14.762 1.00 30.31 ? 18  LEU A C   1 
ATOM   130  O  O   . LEU A 1 18  ? -1.870  4.650   -14.992 1.00 28.09 ? 18  LEU A O   1 
ATOM   131  C  CB  . LEU A 1 18  ? -0.521  3.219   -12.729 1.00 28.83 ? 18  LEU A CB  1 
ATOM   132  C  CG  . LEU A 1 18  ? -1.680  3.360   -11.741 1.00 31.03 ? 18  LEU A CG  1 
ATOM   133  C  CD1 . LEU A 1 18  ? -2.444  2.049   -11.637 1.00 27.98 ? 18  LEU A CD1 1 
ATOM   134  C  CD2 . LEU A 1 18  ? -1.139  3.793   -10.387 1.00 28.88 ? 18  LEU A CD2 1 
ATOM   135  N  N   . ASP A 1 19  ? -3.071  2.739   -15.033 1.00 28.07 ? 19  ASP A N   1 
ATOM   136  C  CA  . ASP A 1 19  ? -4.287  3.363   -15.556 1.00 29.08 ? 19  ASP A CA  1 
ATOM   137  C  C   . ASP A 1 19  ? -5.088  3.859   -14.357 1.00 27.52 ? 19  ASP A C   1 
ATOM   138  O  O   . ASP A 1 19  ? -5.730  3.075   -13.660 1.00 26.95 ? 19  ASP A O   1 
ATOM   139  C  CB  . ASP A 1 19  ? -5.088  2.376   -16.395 1.00 31.85 ? 19  ASP A CB  1 
ATOM   140  C  CG  . ASP A 1 19  ? -6.295  3.024   -17.070 1.00 35.89 ? 19  ASP A CG  1 
ATOM   141  O  OD1 . ASP A 1 19  ? -6.968  3.879   -16.447 1.00 34.16 ? 19  ASP A OD1 1 
ATOM   142  O  OD2 . ASP A 1 19  ? -6.554  2.688   -18.241 1.00 39.80 ? 19  ASP A OD2 1 
ATOM   143  N  N   . TYR A 1 20  ? -5.053  5.171   -14.123 1.00 25.36 ? 20  TYR A N   1 
ATOM   144  C  CA  . TYR A 1 20  ? -5.637  5.711   -12.899 1.00 27.07 ? 20  TYR A CA  1 
ATOM   145  C  C   . TYR A 1 20  ? -7.162  5.672   -12.910 1.00 28.51 ? 20  TYR A C   1 
ATOM   146  O  O   . TYR A 1 20  ? -7.775  5.580   -11.841 1.00 28.07 ? 20  TYR A O   1 
ATOM   147  C  CB  . TYR A 1 20  ? -5.154  7.134   -12.669 1.00 27.15 ? 20  TYR A CB  1 
ATOM   148  C  CG  . TYR A 1 20  ? -3.785  7.209   -12.038 1.00 29.12 ? 20  TYR A CG  1 
ATOM   149  C  CD1 . TYR A 1 20  ? -2.630  7.076   -12.810 1.00 28.51 ? 20  TYR A CD1 1 
ATOM   150  C  CD2 . TYR A 1 20  ? -3.644  7.404   -10.666 1.00 29.59 ? 20  TYR A CD2 1 
ATOM   151  C  CE1 . TYR A 1 20  ? -1.370  7.137   -12.227 1.00 29.93 ? 20  TYR A CE1 1 
ATOM   152  C  CE2 . TYR A 1 20  ? -2.386  7.470   -10.073 1.00 29.37 ? 20  TYR A CE2 1 
ATOM   153  C  CZ  . TYR A 1 20  ? -1.256  7.342   -10.866 1.00 30.43 ? 20  TYR A CZ  1 
ATOM   154  O  OH  . TYR A 1 20  ? -0.011  7.414   -10.288 1.00 30.88 ? 20  TYR A OH  1 
ATOM   155  N  N   . THR A 1 21  ? -7.800  5.779   -14.077 1.00 29.80 ? 21  THR A N   1 
ATOM   156  C  CA  . THR A 1 21  ? -9.255  5.625   -14.097 1.00 29.12 ? 21  THR A CA  1 
ATOM   157  C  C   . THR A 1 21  ? -9.648  4.192   -13.767 1.00 29.79 ? 21  THR A C   1 
ATOM   158  O  O   . THR A 1 21  ? -10.642 3.955   -13.070 1.00 28.56 ? 21  THR A O   1 
ATOM   159  C  CB  . THR A 1 21  ? -9.827  6.034   -15.461 1.00 34.89 ? 21  THR A CB  1 
ATOM   160  O  OG1 . THR A 1 21  ? -9.309  5.177   -16.484 1.00 36.56 ? 21  THR A OG1 1 
ATOM   161  C  CG2 . THR A 1 21  ? -9.438  7.446   -15.777 1.00 34.00 ? 21  THR A CG2 1 
ATOM   162  N  N   . LEU A 1 22  ? -8.868  3.221   -14.244 1.00 28.74 ? 22  LEU A N   1 
ATOM   163  C  CA  . LEU A 1 22  ? -9.146  1.826   -13.928 1.00 29.01 ? 22  LEU A CA  1 
ATOM   164  C  C   . LEU A 1 22  ? -8.908  1.541   -12.452 1.00 26.68 ? 22  LEU A C   1 
ATOM   165  O  O   . LEU A 1 22  ? -9.649  0.765   -11.835 1.00 30.52 ? 22  LEU A O   1 
ATOM   166  C  CB  . LEU A 1 22  ? -8.278  0.913   -14.792 1.00 34.27 ? 22  LEU A CB  1 
ATOM   167  C  CG  . LEU A 1 22  ? -8.985  0.204   -15.941 1.00 43.17 ? 22  LEU A CG  1 
ATOM   168  C  CD1 . LEU A 1 22  ? -8.023  -0.756  -16.639 1.00 38.80 ? 22  LEU A CD1 1 
ATOM   169  C  CD2 . LEU A 1 22  ? -10.208 -0.538  -15.418 1.00 45.52 ? 22  LEU A CD2 1 
ATOM   170  N  N   . LEU A 1 23  ? -7.868  2.148   -11.879 1.00 23.75 ? 23  LEU A N   1 
ATOM   171  C  CA  . LEU A 1 23  ? -7.624  2.010   -10.447 1.00 25.13 ? 23  LEU A CA  1 
ATOM   172  C  C   . LEU A 1 23  ? -8.798  2.555   -9.652  1.00 24.69 ? 23  LEU A C   1 
ATOM   173  O  O   . LEU A 1 23  ? -9.312  1.900   -8.734  1.00 26.63 ? 23  LEU A O   1 
ATOM   174  C  CB  . LEU A 1 23  ? -6.343  2.747   -10.067 1.00 25.30 ? 23  LEU A CB  1 
ATOM   175  C  CG  . LEU A 1 23  ? -6.053  2.801   -8.567  1.00 26.02 ? 23  LEU A CG  1 
ATOM   176  C  CD1 . LEU A 1 23  ? -5.963  1.389   -7.939  1.00 26.53 ? 23  LEU A CD1 1 
ATOM   177  C  CD2 . LEU A 1 23  ? -4.769  3.615   -8.329  1.00 27.66 ? 23  LEU A CD2 1 
ATOM   178  N  N   . TYR A 1 24  ? -9.224  3.768   -9.991  1.00 25.57 ? 24  TYR A N   1 
ATOM   179  C  CA  . TYR A 1 24  ? -10.369 4.392   -9.336  1.00 26.42 ? 24  TYR A CA  1 
ATOM   180  C  C   . TYR A 1 24  ? -11.613 3.516   -9.431  1.00 27.20 ? 24  TYR A C   1 
ATOM   181  O  O   . TYR A 1 24  ? -12.329 3.319   -8.436  1.00 28.86 ? 24  TYR A O   1 
ATOM   182  C  CB  . TYR A 1 24  ? -10.604 5.759   -9.973  1.00 28.12 ? 24  TYR A CB  1 
ATOM   183  C  CG  . TYR A 1 24  ? -11.800 6.514   -9.458  1.00 27.51 ? 24  TYR A CG  1 
ATOM   184  C  CD1 . TYR A 1 24  ? -11.678 7.413   -8.412  1.00 27.25 ? 24  TYR A CD1 1 
ATOM   185  C  CD2 . TYR A 1 24  ? -13.044 6.370   -10.070 1.00 30.59 ? 24  TYR A CD2 1 
ATOM   186  C  CE1 . TYR A 1 24  ? -12.792 8.142   -7.954  1.00 30.97 ? 24  TYR A CE1 1 
ATOM   187  C  CE2 . TYR A 1 24  ? -14.152 7.076   -9.613  1.00 28.61 ? 24  TYR A CE2 1 
ATOM   188  C  CZ  . TYR A 1 24  ? -14.016 7.958   -8.563  1.00 29.05 ? 24  TYR A CZ  1 
ATOM   189  O  OH  . TYR A 1 24  ? -15.116 8.675   -8.130  1.00 30.83 ? 24  TYR A OH  1 
ATOM   190  N  N   . ASP A 1 25  ? -11.898 2.986   -10.623 1.00 28.51 ? 25  ASP A N   1 
ATOM   191  C  CA  . ASP A 1 25  ? -13.088 2.160   -10.796 1.00 28.94 ? 25  ASP A CA  1 
ATOM   192  C  C   . ASP A 1 25  ? -12.963 0.820   -10.083 1.00 31.05 ? 25  ASP A C   1 
ATOM   193  O  O   . ASP A 1 25  ? -13.978 0.245   -9.670  1.00 29.00 ? 25  ASP A O   1 
ATOM   194  C  CB  . ASP A 1 25  ? -13.373 1.937   -12.281 1.00 29.73 ? 25  ASP A CB  1 
ATOM   195  C  CG  . ASP A 1 25  ? -13.969 3.162   -12.953 1.00 36.28 ? 25  ASP A CG  1 
ATOM   196  O  OD1 . ASP A 1 25  ? -14.369 4.125   -12.251 1.00 32.17 ? 25  ASP A OD1 1 
ATOM   197  O  OD2 . ASP A 1 25  ? -14.051 3.147   -14.197 1.00 37.06 ? 25  ASP A OD2 1 
ATOM   198  N  N   . THR A 1 26  ? -11.737 0.304   -9.918  1.00 26.83 ? 26  THR A N   1 
ATOM   199  C  CA  . THR A 1 26  ? -11.564 -1.005  -9.292  1.00 25.18 ? 26  THR A CA  1 
ATOM   200  C  C   . THR A 1 26  ? -11.641 -0.937  -7.770  1.00 26.63 ? 26  THR A C   1 
ATOM   201  O  O   . THR A 1 26  ? -12.097 -1.894  -7.134  1.00 30.22 ? 26  THR A O   1 
ATOM   202  C  CB  . THR A 1 26  ? -10.234 -1.619  -9.739  1.00 27.16 ? 26  THR A CB  1 
ATOM   203  O  OG1 . THR A 1 26  ? -10.251 -1.758  -11.166 1.00 28.01 ? 26  THR A OG1 1 
ATOM   204  C  CG2 . THR A 1 26  ? -10.017 -2.998  -9.105  1.00 29.00 ? 26  THR A CG2 1 
ATOM   205  N  N   . LEU A 1 27  ? -11.215 0.174   -7.176  1.00 27.24 ? 27  LEU A N   1 
ATOM   206  C  CA  . LEU A 1 27  ? -11.296 0.330   -5.730  1.00 26.06 ? 27  LEU A CA  1 
ATOM   207  C  C   . LEU A 1 27  ? -12.745 0.207   -5.263  1.00 28.14 ? 27  LEU A C   1 
ATOM   208  O  O   . LEU A 1 27  ? -13.673 0.515   -6.022  1.00 29.66 ? 27  LEU A O   1 
ATOM   209  C  CB  . LEU A 1 27  ? -10.725 1.682   -5.308  1.00 25.71 ? 27  LEU A CB  1 
ATOM   210  C  CG  . LEU A 1 27  ? -9.209  1.843   -5.460  1.00 24.98 ? 27  LEU A CG  1 
ATOM   211  C  CD1 . LEU A 1 27  ? -8.811  3.298   -5.337  1.00 27.35 ? 27  LEU A CD1 1 
ATOM   212  C  CD2 . LEU A 1 27  ? -8.492  1.010   -4.409  1.00 26.85 ? 27  LEU A CD2 1 
ATOM   213  N  N   . PRO A 1 28  ? -12.966 -0.258  -4.031  1.00 28.06 ? 28  PRO A N   1 
ATOM   214  C  CA  . PRO A 1 28  ? -14.339 -0.404  -3.535  1.00 29.82 ? 28  PRO A CA  1 
ATOM   215  C  C   . PRO A 1 28  ? -14.995 0.953   -3.430  1.00 29.67 ? 28  PRO A C   1 
ATOM   216  O  O   . PRO A 1 28  ? -14.328 1.977   -3.299  1.00 26.87 ? 28  PRO A O   1 
ATOM   217  C  CB  . PRO A 1 28  ? -14.173 -1.054  -2.155  1.00 32.42 ? 28  PRO A CB  1 
ATOM   218  C  CG  . PRO A 1 28  ? -12.751 -0.891  -1.785  1.00 34.38 ? 28  PRO A CG  1 
ATOM   219  C  CD  . PRO A 1 28  ? -11.961 -0.738  -3.068  1.00 30.81 ? 28  PRO A CD  1 
ATOM   220  N  N   . GLU A 1 29  ? -16.328 0.949   -3.496  1.00 30.09 ? 29  GLU A N   1 
ATOM   221  C  CA  . GLU A 1 29  ? -17.057 2.212   -3.504  1.00 31.39 ? 29  GLU A CA  1 
ATOM   222  C  C   . GLU A 1 29  ? -16.864 2.986   -2.201  1.00 31.40 ? 29  GLU A C   1 
ATOM   223  O  O   . GLU A 1 29  ? -16.908 4.220   -2.206  1.00 32.47 ? 29  GLU A O   1 
ATOM   224  C  CB  . GLU A 1 29  ? -18.541 1.956   -3.783  1.00 35.39 ? 29  GLU A CB  1 
ATOM   225  C  CG  . GLU A 1 29  ? -19.180 0.984   -2.780  1.00 40.06 ? 29  GLU A CG  1 
ATOM   226  C  CD  . GLU A 1 29  ? -20.609 0.603   -3.153  1.00 44.81 ? 29  GLU A CD  1 
ATOM   227  O  OE1 . GLU A 1 29  ? -21.348 0.089   -2.275  1.00 44.68 ? 29  GLU A OE1 1 
ATOM   228  O  OE2 . GLU A 1 29  ? -20.987 0.826   -4.325  1.00 44.34 ? 29  GLU A OE2 1 
ATOM   229  N  N   . THR A 1 30  ? -16.601 2.294   -1.085  1.00 29.56 ? 30  THR A N   1 
ATOM   230  C  CA  . THR A 1 30  ? -16.304 3.000   0.159   1.00 30.02 ? 30  THR A CA  1 
ATOM   231  C  C   . THR A 1 30  ? -15.011 3.803   0.084   1.00 32.95 ? 30  THR A C   1 
ATOM   232  O  O   . THR A 1 30  ? -14.812 4.713   0.899   1.00 32.41 ? 30  THR A O   1 
ATOM   233  C  CB  . THR A 1 30  ? -16.228 2.020   1.331   1.00 36.83 ? 30  THR A CB  1 
ATOM   234  O  OG1 . THR A 1 30  ? -15.406 0.907   0.966   1.00 36.23 ? 30  THR A OG1 1 
ATOM   235  C  CG2 . THR A 1 30  ? -17.628 1.528   1.688   1.00 39.51 ? 30  THR A CG2 1 
ATOM   236  N  N   . VAL A 1 31  ? -14.119 3.484   -0.849  1.00 25.33 ? 31  VAL A N   1 
ATOM   237  C  CA  . VAL A 1 31  ? -12.968 4.344   -1.091  1.00 26.08 ? 31  VAL A CA  1 
ATOM   238  C  C   . VAL A 1 31  ? -13.297 5.413   -2.130  1.00 28.37 ? 31  VAL A C   1 
ATOM   239  O  O   . VAL A 1 31  ? -13.149 6.610   -1.880  1.00 28.05 ? 31  VAL A O   1 
ATOM   240  C  CB  . VAL A 1 31  ? -11.750 3.495   -1.521  1.00 28.97 ? 31  VAL A CB  1 
ATOM   241  C  CG1 . VAL A 1 31  ? -10.573 4.399   -1.916  1.00 26.81 ? 31  VAL A CG1 1 
ATOM   242  C  CG2 . VAL A 1 31  ? -11.355 2.518   -0.402  1.00 27.71 ? 31  VAL A CG2 1 
ATOM   243  N  N   . SER A 1 32  ? -13.785 4.999   -3.299  1.00 26.88 ? 32  SER A N   1 
ATOM   244  C  CA  . SER A 1 32  ? -13.954 5.948   -4.381  1.00 27.65 ? 32  SER A CA  1 
ATOM   245  C  C   . SER A 1 32  ? -15.090 6.937   -4.121  1.00 29.93 ? 32  SER A C   1 
ATOM   246  O  O   . SER A 1 32  ? -15.039 8.040   -4.651  1.00 27.33 ? 32  SER A O   1 
ATOM   247  C  CB  . SER A 1 32  ? -14.161 5.215   -5.713  1.00 29.23 ? 32  SER A CB  1 
ATOM   248  O  OG  . SER A 1 32  ? -15.370 4.481   -5.738  1.00 26.58 ? 32  SER A OG  1 
ATOM   249  N  N   . ASP A 1 33  ? -16.089 6.595   -3.290  1.00 27.53 ? 33  ASP A N   1 
ATOM   250  C  CA  . ASP A 1 33  ? -17.084 7.599   -2.906  1.00 31.17 ? 33  ASP A CA  1 
ATOM   251  C  C   . ASP A 1 33  ? -16.445 8.765   -2.165  1.00 32.26 ? 33  ASP A C   1 
ATOM   252  O  O   . ASP A 1 33  ? -16.981 9.879   -2.178  1.00 31.53 ? 33  ASP A O   1 
ATOM   253  C  CB  . ASP A 1 33  ? -18.165 7.001   -1.992  1.00 30.65 ? 33  ASP A CB  1 
ATOM   254  C  CG  . ASP A 1 33  ? -19.168 6.121   -2.723  1.00 32.78 ? 33  ASP A CG  1 
ATOM   255  O  OD1 . ASP A 1 33  ? -19.125 6.048   -3.970  1.00 32.51 ? 33  ASP A OD1 1 
ATOM   256  O  OD2 . ASP A 1 33  ? -20.013 5.490   -2.028  1.00 35.38 ? 33  ASP A OD2 1 
ATOM   257  N  N   . ASN A 1 34  ? -15.310 8.528   -1.506  1.00 26.46 ? 34  ASN A N   1 
ATOM   258  C  CA  . ASN A 1 34  ? -14.768 9.460   -0.526  1.00 28.03 ? 34  ASN A CA  1 
ATOM   259  C  C   . ASN A 1 34  ? -13.434 10.058  -0.941  1.00 28.93 ? 34  ASN A C   1 
ATOM   260  O  O   . ASN A 1 34  ? -12.759 10.700  -0.123  1.00 30.63 ? 34  ASN A O   1 
ATOM   261  C  CB  . ASN A 1 34  ? -14.654 8.752   0.826   1.00 29.08 ? 34  ASN A CB  1 
ATOM   262  C  CG  . ASN A 1 34  ? -16.021 8.364   1.367   1.00 37.17 ? 34  ASN A CG  1 
ATOM   263  O  OD1 . ASN A 1 34  ? -16.856 9.232   1.605   1.00 33.24 ? 34  ASN A OD1 1 
ATOM   264  N  ND2 . ASN A 1 34  ? -16.265 7.070   1.535   1.00 36.33 ? 34  ASN A ND2 1 
ATOM   265  N  N   . ILE A 1 35  ? -13.046 9.886   -2.194  1.00 26.63 ? 35  ILE A N   1 
ATOM   266  C  CA  . ILE A 1 35  ? -11.870 10.529  -2.746  1.00 28.46 ? 35  ILE A CA  1 
ATOM   267  C  C   . ILE A 1 35  ? -12.250 11.082  -4.105  1.00 29.73 ? 35  ILE A C   1 
ATOM   268  O  O   . ILE A 1 35  ? -13.321 10.803  -4.643  1.00 27.03 ? 35  ILE A O   1 
ATOM   269  C  CB  . ILE A 1 35  ? -10.678 9.561   -2.889  1.00 29.98 ? 35  ILE A CB  1 
ATOM   270  C  CG1 . ILE A 1 35  ? -11.016 8.467   -3.904  1.00 29.92 ? 35  ILE A CG1 1 
ATOM   271  C  CG2 . ILE A 1 35  ? -10.316 8.955   -1.552  1.00 28.25 ? 35  ILE A CG2 1 
ATOM   272  C  CD1 . ILE A 1 35  ? -9.806  7.639   -4.366  1.00 30.47 ? 35  ILE A CD1 1 
ATOM   273  N  N   . THR A 1 36  ? -11.333 11.836  -4.682  1.00 27.62 ? 36  THR A N   1 
ATOM   274  C  CA  . THR A 1 36  ? -11.463 12.211  -6.076  1.00 29.62 ? 36  THR A CA  1 
ATOM   275  C  C   . THR A 1 36  ? -10.395 11.482  -6.875  1.00 33.63 ? 36  THR A C   1 
ATOM   276  O  O   . THR A 1 36  ? -9.381  11.028  -6.332  1.00 29.46 ? 36  THR A O   1 
ATOM   277  C  CB  . THR A 1 36  ? -11.334 13.724  -6.278  1.00 33.19 ? 36  THR A CB  1 
ATOM   278  O  OG1 . THR A 1 36  ? -9.990  14.126  -5.985  1.00 34.06 ? 36  THR A OG1 1 
ATOM   279  C  CG2 . THR A 1 36  ? -12.325 14.482  -5.390  1.00 30.47 ? 36  THR A CG2 1 
ATOM   280  N  N   . LEU A 1 37  ? -10.646 11.346  -8.172  1.00 29.90 ? 37  LEU A N   1 
ATOM   281  C  CA  . LEU A 1 37  ? -9.649  10.710  -9.020  1.00 28.51 ? 37  LEU A CA  1 
ATOM   282  C  C   . LEU A 1 37  ? -8.313  11.441  -8.956  1.00 33.98 ? 37  LEU A C   1 
ATOM   283  O  O   . LEU A 1 37  ? -7.280  10.758  -8.814  1.00 35.10 ? 37  LEU A O   1 
ATOM   284  C  CB  . LEU A 1 37  ? -10.184 10.582  -10.452 1.00 33.42 ? 37  LEU A CB  1 
ATOM   285  C  CG  . LEU A 1 37  ? -9.483  9.546   -11.335 1.00 37.17 ? 37  LEU A CG  1 
ATOM   286  C  CD1 . LEU A 1 37  ? -10.424 9.056   -12.424 1.00 39.23 ? 37  LEU A CD1 1 
ATOM   287  C  CD2 . LEU A 1 37  ? -8.232  10.121  -11.956 1.00 35.40 ? 37  LEU A CD2 1 
ATOM   288  N  N   . PRO A 1 38  ? -8.250  12.777  -8.987  1.00 32.53 ? 38  PRO A N   1 
ATOM   289  C  CA  . PRO A 1 38  ? -6.941  13.446  -8.833  1.00 36.88 ? 38  PRO A CA  1 
ATOM   290  C  C   . PRO A 1 38  ? -6.247  13.176  -7.506  1.00 36.40 ? 38  PRO A C   1 
ATOM   291  O  O   . PRO A 1 38  ? -5.022  13.324  -7.442  1.00 31.34 ? 38  PRO A O   1 
ATOM   292  C  CB  . PRO A 1 38  ? -7.285  14.935  -8.990  1.00 37.18 ? 38  PRO A CB  1 
ATOM   293  C  CG  . PRO A 1 38  ? -8.513  14.940  -9.841  1.00 38.59 ? 38  PRO A CG  1 
ATOM   294  C  CD  . PRO A 1 38  ? -9.299  13.731  -9.413  1.00 34.13 ? 38  PRO A CD  1 
ATOM   295  N  N   . ASP A 1 39  ? -6.979  12.804  -6.445  1.00 32.46 ? 39  ASP A N   1 
ATOM   296  C  CA  . ASP A 1 39  ? -6.327  12.437  -5.186  1.00 32.06 ? 39  ASP A CA  1 
ATOM   297  C  C   . ASP A 1 39  ? -5.343  11.299  -5.389  1.00 30.86 ? 39  ASP A C   1 
ATOM   298  O  O   . ASP A 1 39  ? -4.291  11.252  -4.736  1.00 32.03 ? 39  ASP A O   1 
ATOM   299  C  CB  . ASP A 1 39  ? -7.360  12.016  -4.134  1.00 31.32 ? 39  ASP A CB  1 
ATOM   300  C  CG  . ASP A 1 39  ? -8.129  13.188  -3.555  1.00 36.83 ? 39  ASP A CG  1 
ATOM   301  O  OD1 . ASP A 1 39  ? -7.572  14.304  -3.497  1.00 37.28 ? 39  ASP A OD1 1 
ATOM   302  O  OD2 . ASP A 1 39  ? -9.289  12.975  -3.132  1.00 34.74 ? 39  ASP A OD2 1 
ATOM   303  N  N   . LEU A 1 40  ? -5.685  10.349  -6.260  1.00 28.62 ? 40  LEU A N   1 
ATOM   304  C  CA  . LEU A 1 40  ? -4.806  9.200   -6.460  1.00 28.17 ? 40  LEU A CA  1 
ATOM   305  C  C   . LEU A 1 40  ? -3.465  9.625   -7.040  1.00 32.42 ? 40  LEU A C   1 
ATOM   306  O  O   . LEU A 1 40  ? -2.447  8.968   -6.793  1.00 28.82 ? 40  LEU A O   1 
ATOM   307  C  CB  . LEU A 1 40  ? -5.478  8.169   -7.369  1.00 27.61 ? 40  LEU A CB  1 
ATOM   308  C  CG  . LEU A 1 40  ? -6.809  7.558   -6.912  1.00 24.55 ? 40  LEU A CG  1 
ATOM   309  C  CD1 . LEU A 1 40  ? -7.410  6.800   -8.070  1.00 28.79 ? 40  LEU A CD1 1 
ATOM   310  C  CD2 . LEU A 1 40  ? -6.623  6.623   -5.709  1.00 27.70 ? 40  LEU A CD2 1 
ATOM   311  N  N   . LYS A 1 41  ? -3.434  10.728  -7.787  1.00 29.31 ? 41  LYS A N   1 
ATOM   312  C  CA  . LYS A 1 41  ? -2.213  11.208  -8.418  1.00 30.68 ? 41  LYS A CA  1 
ATOM   313  C  C   . LYS A 1 41  ? -1.419  12.172  -7.544  1.00 33.11 ? 41  LYS A C   1 
ATOM   314  O  O   . LYS A 1 41  ? -0.331  12.592  -7.948  1.00 34.39 ? 41  LYS A O   1 
ATOM   315  C  CB  . LYS A 1 41  ? -2.549  11.893  -9.748  1.00 31.80 ? 41  LYS A CB  1 
ATOM   316  C  CG  . LYS A 1 41  ? -3.427  11.056  -10.672 1.00 33.20 ? 41  LYS A CG  1 
ATOM   317  C  CD  . LYS A 1 41  ? -3.768  11.830  -11.951 1.00 32.43 ? 41  LYS A CD  1 
ATOM   318  C  CE  . LYS A 1 41  ? -4.704  11.039  -12.854 1.00 34.28 ? 41  LYS A CE  1 
ATOM   319  N  NZ  . LYS A 1 41  ? -5.013  11.761  -14.134 1.00 32.86 ? 41  LYS A NZ  1 
ATOM   320  N  N   . ASP A 1 42  ? -1.921  12.558  -6.372  1.00 31.56 ? 42  ASP A N   1 
ATOM   321  C  CA  . ASP A 1 42  ? -1.299  13.626  -5.586  1.00 33.54 ? 42  ASP A CA  1 
ATOM   322  C  C   . ASP A 1 42  ? -1.376  13.310  -4.097  1.00 35.36 ? 42  ASP A C   1 
ATOM   323  O  O   . ASP A 1 42  ? -2.031  14.020  -3.324  1.00 32.31 ? 42  ASP A O   1 
ATOM   324  C  CB  . ASP A 1 42  ? -1.957  14.972  -5.903  1.00 36.98 ? 42  ASP A CB  1 
ATOM   325  C  CG  . ASP A 1 42  ? -1.139  16.157  -5.401  1.00 40.83 ? 42  ASP A CG  1 
ATOM   326  O  OD1 . ASP A 1 42  ? -0.022  15.938  -4.886  1.00 42.52 ? 42  ASP A OD1 1 
ATOM   327  O  OD2 . ASP A 1 42  ? -1.610  17.307  -5.535  1.00 44.99 ? 42  ASP A OD2 1 
ATOM   328  N  N   . PRO A 1 43  ? -0.683  12.252  -3.657  1.00 30.34 ? 43  PRO A N   1 
ATOM   329  C  CA  . PRO A 1 43  ? -0.741  11.876  -2.232  1.00 34.84 ? 43  PRO A CA  1 
ATOM   330  C  C   . PRO A 1 43  ? -0.334  12.989  -1.290  1.00 37.00 ? 43  PRO A C   1 
ATOM   331  O  O   . PRO A 1 43  ? -0.835  13.031  -0.157  1.00 35.25 ? 43  PRO A O   1 
ATOM   332  C  CB  . PRO A 1 43  ? 0.233   10.686  -2.142  1.00 29.07 ? 43  PRO A CB  1 
ATOM   333  C  CG  . PRO A 1 43  ? 1.119   10.828  -3.374  1.00 30.59 ? 43  PRO A CG  1 
ATOM   334  C  CD  . PRO A 1 43  ? 0.213   11.376  -4.428  1.00 31.42 ? 43  PRO A CD  1 
ATOM   335  N  N   . GLU A 1 44  ? 0.546   13.896  -1.729  1.00 37.06 ? 44  GLU A N   1 
ATOM   336  C  CA  . GLU A 1 44  ? 1.056   14.942  -0.846  1.00 41.81 ? 44  GLU A CA  1 
ATOM   337  C  C   . GLU A 1 44  ? -0.051  15.874  -0.372  1.00 41.44 ? 44  GLU A C   1 
ATOM   338  O  O   . GLU A 1 44  ? 0.031   16.421  0.735   1.00 44.00 ? 44  GLU A O   1 
ATOM   339  C  CB  . GLU A 1 44  ? 2.154   15.739  -1.554  1.00 44.50 ? 44  GLU A CB  1 
ATOM   340  C  CG  . GLU A 1 44  ? 2.763   16.847  -0.706  1.00 48.53 ? 44  GLU A CG  1 
ATOM   341  C  CD  . GLU A 1 44  ? 4.148   17.259  -1.183  1.00 58.81 ? 44  GLU A CD  1 
ATOM   342  O  OE1 . GLU A 1 44  ? 4.546   16.858  -2.303  1.00 58.70 ? 44  GLU A OE1 1 
ATOM   343  O  OE2 . GLU A 1 44  ? 4.842   17.985  -0.435  1.00 62.43 ? 44  GLU A OE2 1 
ATOM   344  N  N   . ARG A 1 45  ? -1.105  16.046  -1.165  1.00 40.05 ? 45  ARG A N   1 
ATOM   345  C  CA  . ARG A 1 45  ? -2.184  16.941  -0.765  1.00 37.98 ? 45  ARG A CA  1 
ATOM   346  C  C   . ARG A 1 45  ? -3.268  16.251  0.058   1.00 42.67 ? 45  ARG A C   1 
ATOM   347  O  O   . ARG A 1 45  ? -4.102  16.936  0.654   1.00 42.29 ? 45  ARG A O   1 
ATOM   348  C  CB  . ARG A 1 45  ? -2.817  17.592  -2.004  1.00 42.88 ? 45  ARG A CB  1 
ATOM   349  C  CG  . ARG A 1 45  ? -3.826  16.699  -2.721  1.00 46.22 ? 45  ARG A CG  1 
ATOM   350  C  CD  . ARG A 1 45  ? -4.410  17.385  -3.969  1.00 49.14 ? 45  ARG A CD  1 
ATOM   351  N  NE  . ARG A 1 45  ? -5.616  16.688  -4.431  1.00 48.85 ? 45  ARG A NE  1 
ATOM   352  C  CZ  . ARG A 1 45  ? -6.312  17.012  -5.507  1.00 53.64 ? 45  ARG A CZ  1 
ATOM   353  N  NH1 . ARG A 1 45  ? -5.929  18.033  -6.256  1.00 58.14 ? 45  ARG A NH1 1 
ATOM   354  N  NH2 . ARG A 1 45  ? -7.393  16.324  -5.820  1.00 49.08 ? 45  ARG A NH2 1 
ATOM   355  N  N   . VAL A 1 46  ? -3.267  14.927  0.121   1.00 38.94 ? 46  VAL A N   1 
ATOM   356  C  CA  . VAL A 1 46  ? -4.350  14.136  0.696   1.00 35.06 ? 46  VAL A CA  1 
ATOM   357  C  C   . VAL A 1 46  ? -4.143  14.039  2.206   1.00 34.47 ? 46  VAL A C   1 
ATOM   358  O  O   . VAL A 1 46  ? -3.007  13.931  2.670   1.00 37.00 ? 46  VAL A O   1 
ATOM   359  C  CB  . VAL A 1 46  ? -4.375  12.753  0.007   1.00 37.84 ? 46  VAL A CB  1 
ATOM   360  C  CG1 . VAL A 1 46  ? -5.239  11.775  0.716   1.00 35.45 ? 46  VAL A CG1 1 
ATOM   361  C  CG2 . VAL A 1 46  ? -4.838  12.906  -1.460  1.00 41.25 ? 46  VAL A CG2 1 
ATOM   362  N  N   . THR A 1 47  ? -5.227  14.094  2.981   1.00 34.85 ? 47  THR A N   1 
ATOM   363  C  CA  . THR A 1 47  ? -5.086  13.991  4.432   1.00 34.89 ? 47  THR A CA  1 
ATOM   364  C  C   . THR A 1 47  ? -4.604  12.597  4.844   1.00 33.41 ? 47  THR A C   1 
ATOM   365  O  O   . THR A 1 47  ? -4.739  11.618  4.108   1.00 34.37 ? 47  THR A O   1 
ATOM   366  C  CB  . THR A 1 47  ? -6.407  14.274  5.149   1.00 39.56 ? 47  THR A CB  1 
ATOM   367  O  OG1 . THR A 1 47  ? -7.337  13.218  4.876   1.00 37.75 ? 47  THR A OG1 1 
ATOM   368  C  CG2 . THR A 1 47  ? -6.996  15.614  4.711   1.00 42.08 ? 47  THR A CG2 1 
ATOM   369  N  N   . GLU A 1 48  ? -4.068  12.511  6.067   1.00 35.70 ? 48  GLU A N   1 
ATOM   370  C  CA  . GLU A 1 48  ? -3.576  11.227  6.561   1.00 35.51 ? 48  GLU A CA  1 
ATOM   371  C  C   . GLU A 1 48  ? -4.680  10.175  6.555   1.00 37.16 ? 48  GLU A C   1 
ATOM   372  O  O   . GLU A 1 48  ? -4.466  9.038   6.112   1.00 33.27 ? 48  GLU A O   1 
ATOM   373  C  CB  . GLU A 1 48  ? -2.999  11.373  7.968   1.00 38.70 ? 48  GLU A CB  1 
ATOM   374  C  CG  . GLU A 1 48  ? -2.572  10.030  8.563   1.00 37.39 ? 48  GLU A CG  1 
ATOM   375  C  CD  . GLU A 1 48  ? -1.868  10.169  9.898   1.00 43.59 ? 48  GLU A CD  1 
ATOM   376  O  OE1 . GLU A 1 48  ? -2.481  9.864   10.935  1.00 47.10 ? 48  GLU A OE1 1 
ATOM   377  O  OE2 . GLU A 1 48  ? -0.695  10.592  9.903   1.00 50.41 ? 48  GLU A OE2 1 
ATOM   378  N  N   . ASP A 1 49  ? -5.874  10.536  7.035   1.00 33.20 ? 49  ASP A N   1 
ATOM   379  C  CA  . ASP A 1 49  ? -6.962  9.562   7.067   1.00 38.62 ? 49  ASP A CA  1 
ATOM   380  C  C   . ASP A 1 49  ? -7.327  9.097   5.664   1.00 33.10 ? 49  ASP A C   1 
ATOM   381  O  O   . ASP A 1 49  ? -7.638  7.919   5.451   1.00 34.91 ? 49  ASP A O   1 
ATOM   382  C  CB  . ASP A 1 49  ? -8.190  10.152  7.765   1.00 42.25 ? 49  ASP A CB  1 
ATOM   383  C  CG  . ASP A 1 49  ? -8.147  9.992   9.266   1.00 47.32 ? 49  ASP A CG  1 
ATOM   384  O  OD1 . ASP A 1 49  ? -8.983  10.641  9.939   1.00 61.85 ? 49  ASP A OD1 1 
ATOM   385  O  OD2 . ASP A 1 49  ? -7.293  9.228   9.776   1.00 56.46 ? 49  ASP A OD2 1 
ATOM   386  N  N   . THR A 1 50  ? -7.314  10.012  4.697   1.00 31.61 ? 50  THR A N   1 
ATOM   387  C  CA  . THR A 1 50  ? -7.663  9.620   3.343   1.00 32.38 ? 50  THR A CA  1 
ATOM   388  C  C   . THR A 1 50  ? -6.551  8.799   2.701   1.00 31.50 ? 50  THR A C   1 
ATOM   389  O  O   . THR A 1 50  ? -6.840  7.895   1.911   1.00 28.10 ? 50  THR A O   1 
ATOM   390  C  CB  . THR A 1 50  ? -8.009  10.862  2.512   1.00 35.15 ? 50  THR A CB  1 
ATOM   391  O  OG1 . THR A 1 50  ? -9.067  11.579  3.165   1.00 39.74 ? 50  THR A OG1 1 
ATOM   392  C  CG2 . THR A 1 50  ? -8.468  10.462  1.123   1.00 36.86 ? 50  THR A CG2 1 
ATOM   393  N  N   . LYS A 1 51  ? -5.285  9.069   3.039   1.00 30.20 ? 51  LYS A N   1 
ATOM   394  C  CA  . LYS A 1 51  ? -4.212  8.190   2.568   1.00 28.55 ? 51  LYS A CA  1 
ATOM   395  C  C   . LYS A 1 51  ? -4.444  6.766   3.050   1.00 30.04 ? 51  LYS A C   1 
ATOM   396  O  O   . LYS A 1 51  ? -4.301  5.808   2.283   1.00 28.35 ? 51  LYS A O   1 
ATOM   397  C  CB  . LYS A 1 51  ? -2.839  8.675   3.049   1.00 28.22 ? 51  LYS A CB  1 
ATOM   398  C  CG  . LYS A 1 51  ? -2.405  10.054  2.568   1.00 31.62 ? 51  LYS A CG  1 
ATOM   399  C  CD  . LYS A 1 51  ? -0.911  10.037  2.279   1.00 36.07 ? 51  LYS A CD  1 
ATOM   400  C  CE  . LYS A 1 51  ? -0.143  11.201  2.884   1.00 38.92 ? 51  LYS A CE  1 
ATOM   401  N  NZ  . LYS A 1 51  ? -0.702  12.547  2.639   1.00 36.88 ? 51  LYS A NZ  1 
ATOM   402  N  N   . LYS A 1 52  ? -4.838  6.616   4.312   1.00 30.35 ? 52  LYS A N   1 
ATOM   403  C  CA  . LYS A 1 52  ? -5.059  5.289   4.882   1.00 30.26 ? 52  LYS A CA  1 
ATOM   404  C  C   . LYS A 1 52  ? -6.262  4.602   4.253   1.00 28.29 ? 52  LYS A C   1 
ATOM   405  O  O   . LYS A 1 52  ? -6.234  3.392   4.000   1.00 28.84 ? 52  LYS A O   1 
ATOM   406  C  CB  . LYS A 1 52  ? -5.243  5.399   6.389   1.00 29.82 ? 52  LYS A CB  1 
ATOM   407  C  CG  . LYS A 1 52  ? -4.001  5.834   7.129   1.00 28.98 ? 52  LYS A CG  1 
ATOM   408  C  CD  . LYS A 1 52  ? -4.242  5.715   8.632   1.00 30.11 ? 52  LYS A CD  1 
ATOM   409  C  CE  . LYS A 1 52  ? -2.953  5.959   9.394   1.00 34.19 ? 52  LYS A CE  1 
ATOM   410  N  NZ  . LYS A 1 52  ? -2.899  5.148   10.635  1.00 33.87 ? 52  LYS A NZ  1 
ATOM   411  N  N   . LEU A 1 53  ? -7.331  5.358   3.997   1.00 30.01 ? 53  LEU A N   1 
ATOM   412  C  CA  . LEU A 1 53  ? -8.455  4.806   3.250   1.00 29.89 ? 53  LEU A CA  1 
ATOM   413  C  C   . LEU A 1 53  ? -7.993  4.250   1.904   1.00 28.45 ? 53  LEU A C   1 
ATOM   414  O  O   . LEU A 1 53  ? -8.371  3.140   1.508   1.00 26.17 ? 53  LEU A O   1 
ATOM   415  C  CB  . LEU A 1 53  ? -9.516  5.891   3.038   1.00 29.58 ? 53  LEU A CB  1 
ATOM   416  C  CG  . LEU A 1 53  ? -10.775 5.430   2.300   1.00 31.24 ? 53  LEU A CG  1 
ATOM   417  C  CD1 . LEU A 1 53  ? -11.533 4.447   3.155   1.00 33.00 ? 53  LEU A CD1 1 
ATOM   418  C  CD2 . LEU A 1 53  ? -11.660 6.627   1.927   1.00 33.81 ? 53  LEU A CD2 1 
ATOM   419  N  N   . ILE A 1 54  ? -7.193  5.031   1.173   1.00 27.36 ? 54  ILE A N   1 
ATOM   420  C  CA  . ILE A 1 54  ? -6.729  4.601   -0.143  1.00 27.17 ? 54  ILE A CA  1 
ATOM   421  C  C   . ILE A 1 54  ? -5.840  3.369   -0.014  1.00 26.79 ? 54  ILE A C   1 
ATOM   422  O  O   . ILE A 1 54  ? -5.983  2.401   -0.770  1.00 27.65 ? 54  ILE A O   1 
ATOM   423  C  CB  . ILE A 1 54  ? -6.007  5.755   -0.859  1.00 26.64 ? 54  ILE A CB  1 
ATOM   424  C  CG1 . ILE A 1 54  ? -7.026  6.820   -1.294  1.00 24.37 ? 54  ILE A CG1 1 
ATOM   425  C  CG2 . ILE A 1 54  ? -5.263  5.252   -2.098  1.00 27.88 ? 54  ILE A CG2 1 
ATOM   426  C  CD1 . ILE A 1 54  ? -6.387  8.146   -1.694  1.00 28.14 ? 54  ILE A CD1 1 
ATOM   427  N  N   . LEU A 1 55  ? -4.916  3.389   0.948   1.00 26.58 ? 55  LEU A N   1 
ATOM   428  C  CA  . LEU A 1 55  ? -4.023  2.240   1.134   1.00 25.74 ? 55  LEU A CA  1 
ATOM   429  C  C   . LEU A 1 55  ? -4.790  0.971   1.497   1.00 25.69 ? 55  LEU A C   1 
ATOM   430  O  O   . LEU A 1 55  ? -4.486  -0.109  0.979   1.00 26.99 ? 55  LEU A O   1 
ATOM   431  C  CB  . LEU A 1 55  ? -2.969  2.555   2.197   1.00 27.27 ? 55  LEU A CB  1 
ATOM   432  C  CG  . LEU A 1 55  ? -1.852  3.498   1.744   1.00 26.42 ? 55  LEU A CG  1 
ATOM   433  C  CD1 . LEU A 1 55  ? -1.169  4.123   2.950   1.00 28.10 ? 55  LEU A CD1 1 
ATOM   434  C  CD2 . LEU A 1 55  ? -0.845  2.741   0.901   1.00 27.60 ? 55  LEU A CD2 1 
ATOM   435  N  N   . LYS A 1 56  ? -5.783  1.066   2.388   1.00 24.49 ? 56  LYS A N   1 
ATOM   436  C  CA  . LYS A 1 56  ? -6.573  -0.119  2.707   1.00 28.21 ? 56  LYS A CA  1 
ATOM   437  C  C   . LYS A 1 56  ? -7.312  -0.642  1.483   1.00 27.59 ? 56  LYS A C   1 
ATOM   438  O  O   . LYS A 1 56  ? -7.389  -1.854  1.271   1.00 26.41 ? 56  LYS A O   1 
ATOM   439  C  CB  . LYS A 1 56  ? -7.554  0.176   3.848   1.00 27.97 ? 56  LYS A CB  1 
ATOM   440  C  CG  . LYS A 1 56  ? -6.865  0.370   5.193   1.00 35.00 ? 56  LYS A CG  1 
ATOM   441  C  CD  . LYS A 1 56  ? -7.823  0.140   6.363   1.00 44.21 ? 56  LYS A CD  1 
ATOM   442  C  CE  . LYS A 1 56  ? -8.207  -1.326  6.470   1.00 45.14 ? 56  LYS A CE  1 
ATOM   443  N  NZ  . LYS A 1 56  ? -8.573  -1.709  7.870   1.00 53.46 ? 56  LYS A NZ  1 
ATOM   444  N  N   . GLY A 1 57  ? -7.857  0.254   0.653   1.00 27.80 ? 57  GLY A N   1 
ATOM   445  C  CA  . GLY A 1 57  ? -8.501  -0.204  -0.568  1.00 27.81 ? 57  GLY A CA  1 
ATOM   446  C  C   . GLY A 1 57  ? -7.530  -0.896  -1.504  1.00 27.10 ? 57  GLY A C   1 
ATOM   447  O  O   . GLY A 1 57  ? -7.878  -1.884  -2.165  1.00 27.34 ? 57  GLY A O   1 
ATOM   448  N  N   . CYS A 1 58  ? -6.290  -0.406  -1.557  1.00 26.13 ? 58  CYS A N   1 
ATOM   449  C  CA  . CYS A 1 58  ? -5.283  -1.061  -2.383  1.00 24.31 ? 58  CYS A CA  1 
ATOM   450  C  C   . CYS A 1 58  ? -4.963  -2.460  -1.870  1.00 26.56 ? 58  CYS A C   1 
ATOM   451  O  O   . CYS A 1 58  ? -4.758  -3.385  -2.669  1.00 25.99 ? 58  CYS A O   1 
ATOM   452  C  CB  . CYS A 1 58  ? -4.017  -0.221  -2.437  1.00 27.85 ? 58  CYS A CB  1 
ATOM   453  S  SG  . CYS A 1 58  ? -4.170  1.214   -3.508  1.00 31.20 ? 58  CYS A SG  1 
ATOM   454  N  N   . VAL A 1 59  ? -4.869  -2.626  -0.551  1.00 25.74 ? 59  VAL A N   1 
ATOM   455  C  CA  . VAL A 1 59  ? -4.650  -3.965  -0.005  1.00 24.53 ? 59  VAL A CA  1 
ATOM   456  C  C   . VAL A 1 59  ? -5.813  -4.867  -0.377  1.00 26.37 ? 59  VAL A C   1 
ATOM   457  O  O   . VAL A 1 59  ? -5.626  -6.027  -0.763  1.00 26.59 ? 59  VAL A O   1 
ATOM   458  C  CB  . VAL A 1 59  ? -4.454  -3.907  1.523   1.00 26.71 ? 59  VAL A CB  1 
ATOM   459  C  CG1 . VAL A 1 59  ? -4.383  -5.327  2.101   1.00 28.37 ? 59  VAL A CG1 1 
ATOM   460  C  CG2 . VAL A 1 59  ? -3.190  -3.109  1.841   1.00 26.07 ? 59  VAL A CG2 1 
ATOM   461  N  N   . TYR A 1 60  ? -7.036  -4.338  -0.281  1.00 25.98 ? 60  TYR A N   1 
ATOM   462  C  CA  . TYR A 1 60  ? -8.220  -5.131  -0.592  1.00 27.22 ? 60  TYR A CA  1 
ATOM   463  C  C   . TYR A 1 60  ? -8.198  -5.629  -2.035  1.00 27.27 ? 60  TYR A C   1 
ATOM   464  O  O   . TYR A 1 60  ? -8.432  -6.818  -2.290  1.00 27.19 ? 60  TYR A O   1 
ATOM   465  C  CB  . TYR A 1 60  ? -9.485  -4.316  -0.325  1.00 29.83 ? 60  TYR A CB  1 
ATOM   466  C  CG  . TYR A 1 60  ? -10.750 -5.079  -0.602  1.00 28.86 ? 60  TYR A CG  1 
ATOM   467  C  CD1 . TYR A 1 60  ? -11.275 -5.955  0.340   1.00 34.39 ? 60  TYR A CD1 1 
ATOM   468  C  CD2 . TYR A 1 60  ? -11.431 -4.927  -1.803  1.00 32.54 ? 60  TYR A CD2 1 
ATOM   469  C  CE1 . TYR A 1 60  ? -12.428 -6.658  0.089   1.00 32.93 ? 60  TYR A CE1 1 
ATOM   470  C  CE2 . TYR A 1 60  ? -12.592 -5.629  -2.055  1.00 33.39 ? 60  TYR A CE2 1 
ATOM   471  C  CZ  . TYR A 1 60  ? -13.084 -6.491  -1.100  1.00 42.03 ? 60  TYR A CZ  1 
ATOM   472  O  OH  . TYR A 1 60  ? -14.238 -7.199  -1.330  1.00 41.09 ? 60  TYR A OH  1 
ATOM   473  N  N   . ILE A 1 61  ? -7.925  -4.734  -2.995  1.00 24.48 ? 61  ILE A N   1 
ATOM   474  C  CA  . ILE A 1 61  ? -7.942  -5.168  -4.394  1.00 26.70 ? 61  ILE A CA  1 
ATOM   475  C  C   . ILE A 1 61  ? -6.700  -5.992  -4.723  1.00 27.57 ? 61  ILE A C   1 
ATOM   476  O  O   . ILE A 1 61  ? -6.748  -6.848  -5.607  1.00 26.98 ? 61  ILE A O   1 
ATOM   477  C  CB  . ILE A 1 61  ? -8.138  -3.984  -5.367  1.00 28.47 ? 61  ILE A CB  1 
ATOM   478  C  CG1 . ILE A 1 61  ? -6.960  -3.003  -5.352  1.00 28.56 ? 61  ILE A CG1 1 
ATOM   479  C  CG2 . ILE A 1 61  ? -9.420  -3.241  -5.004  1.00 30.82 ? 61  ILE A CG2 1 
ATOM   480  C  CD1 . ILE A 1 61  ? -7.004  -1.974  -6.532  1.00 28.84 ? 61  ILE A CD1 1 
ATOM   481  N  N   . ALA A 1 62  ? -5.589  -5.787  -4.004  1.00 24.72 ? 62  ALA A N   1 
ATOM   482  C  CA  . ALA A 1 62  ? -4.438  -6.681  -4.172  1.00 26.45 ? 62  ALA A CA  1 
ATOM   483  C  C   . ALA A 1 62  ? -4.765  -8.096  -3.702  1.00 27.27 ? 62  ALA A C   1 
ATOM   484  O  O   . ALA A 1 62  ? -4.354  -9.079  -4.334  1.00 29.29 ? 62  ALA A O   1 
ATOM   485  C  CB  . ALA A 1 62  ? -3.218  -6.138  -3.420  1.00 26.25 ? 62  ALA A CB  1 
ATOM   486  N  N   . TYR A 1 63  ? -5.509  -8.220  -2.605  1.00 25.16 ? 63  TYR A N   1 
ATOM   487  C  CA  . TYR A 1 63  ? -5.955  -9.531  -2.144  1.00 30.04 ? 63  TYR A CA  1 
ATOM   488  C  C   . TYR A 1 63  ? -6.877  -10.174 -3.175  1.00 31.42 ? 63  TYR A C   1 
ATOM   489  O  O   . TYR A 1 63  ? -6.745  -11.359 -3.496  1.00 29.82 ? 63  TYR A O   1 
ATOM   490  C  CB  . TYR A 1 63  ? -6.662  -9.373  -0.796  1.00 26.65 ? 63  TYR A CB  1 
ATOM   491  C  CG  . TYR A 1 63  ? -7.145  -10.658 -0.164  1.00 31.47 ? 63  TYR A CG  1 
ATOM   492  C  CD1 . TYR A 1 63  ? -6.447  -11.243 0.888   1.00 32.44 ? 63  TYR A CD1 1 
ATOM   493  C  CD2 . TYR A 1 63  ? -8.311  -11.277 -0.606  1.00 32.73 ? 63  TYR A CD2 1 
ATOM   494  C  CE1 . TYR A 1 63  ? -6.898  -12.409 1.473   1.00 30.76 ? 63  TYR A CE1 1 
ATOM   495  C  CE2 . TYR A 1 63  ? -8.764  -12.444 -0.029  1.00 35.52 ? 63  TYR A CE2 1 
ATOM   496  C  CZ  . TYR A 1 63  ? -8.052  -13.009 1.010   1.00 35.92 ? 63  TYR A CZ  1 
ATOM   497  O  OH  . TYR A 1 63  ? -8.510  -14.174 1.596   1.00 35.14 ? 63  TYR A OH  1 
ATOM   498  N  N   . HIS A 1 64  ? -7.823  -9.398  -3.701  1.00 29.61 ? 64  HIS A N   1 
ATOM   499  C  CA  . HIS A 1 64  ? -8.774  -9.891  -4.697  1.00 31.53 ? 64  HIS A CA  1 
ATOM   500  C  C   . HIS A 1 64  ? -8.289  -9.596  -6.113  1.00 33.16 ? 64  HIS A C   1 
ATOM   501  O  O   . HIS A 1 64  ? -9.005  -9.033  -6.934  1.00 33.33 ? 64  HIS A O   1 
ATOM   502  C  CB  . HIS A 1 64  ? -10.151 -9.281  -4.448  1.00 33.76 ? 64  HIS A CB  1 
ATOM   503  C  CG  . HIS A 1 64  ? -10.748 -9.651  -3.123  1.00 32.15 ? 64  HIS A CG  1 
ATOM   504  N  ND1 . HIS A 1 64  ? -11.368 -10.864 -2.893  1.00 33.19 ? 64  HIS A ND1 1 
ATOM   505  C  CD2 . HIS A 1 64  ? -10.813 -8.971  -1.953  1.00 30.90 ? 64  HIS A CD2 1 
ATOM   506  C  CE1 . HIS A 1 64  ? -11.796 -10.909 -1.644  1.00 32.98 ? 64  HIS A CE1 1 
ATOM   507  N  NE2 . HIS A 1 64  ? -11.474 -9.773  -1.053  1.00 35.93 ? 64  HIS A NE2 1 
ATOM   508  N  N   . HIS A 1 65  ? -7.059  -9.997  -6.414  1.00 29.50 ? 65  HIS A N   1 
ATOM   509  C  CA  . HIS A 1 65  ? -6.419  -9.678  -7.676  1.00 30.25 ? 65  HIS A CA  1 
ATOM   510  C  C   . HIS A 1 65  ? -6.905  -10.609 -8.791  1.00 31.21 ? 65  HIS A C   1 
ATOM   511  O  O   . HIS A 1 65  ? -7.270  -11.758 -8.531  1.00 31.07 ? 65  HIS A O   1 
ATOM   512  C  CB  . HIS A 1 65  ? -4.908  -9.811  -7.530  1.00 31.23 ? 65  HIS A CB  1 
ATOM   513  C  CG  . HIS A 1 65  ? -4.470  -11.185 -7.124  1.00 33.11 ? 65  HIS A CG  1 
ATOM   514  N  ND1 . HIS A 1 65  ? -4.312  -12.215 -8.027  1.00 35.90 ? 65  HIS A ND1 1 
ATOM   515  C  CD2 . HIS A 1 65  ? -4.174  -11.704 -5.908  1.00 31.75 ? 65  HIS A CD2 1 
ATOM   516  C  CE1 . HIS A 1 65  ? -3.930  -13.306 -7.387  1.00 36.85 ? 65  HIS A CE1 1 
ATOM   517  N  NE2 . HIS A 1 65  ? -3.841  -13.024 -6.101  1.00 33.77 ? 65  HIS A NE2 1 
ATOM   518  N  N   . PRO A 1 66  ? -6.924  -10.132 -10.033 1.00 29.45 ? 66  PRO A N   1 
ATOM   519  C  CA  . PRO A 1 66  ? -7.145  -11.018 -11.183 1.00 32.87 ? 66  PRO A CA  1 
ATOM   520  C  C   . PRO A 1 66  ? -5.868  -11.794 -11.505 1.00 35.37 ? 66  PRO A C   1 
ATOM   521  O  O   . PRO A 1 66  ? -4.838  -11.641 -10.840 1.00 31.63 ? 66  PRO A O   1 
ATOM   522  C  CB  . PRO A 1 66  ? -7.511  -10.046 -12.306 1.00 35.07 ? 66  PRO A CB  1 
ATOM   523  C  CG  . PRO A 1 66  ? -6.772  -8.786  -11.958 1.00 35.69 ? 66  PRO A CG  1 
ATOM   524  C  CD  . PRO A 1 66  ? -6.802  -8.721  -10.432 1.00 29.98 ? 66  PRO A CD  1 
ATOM   525  N  N   . LEU A 1 67  ? -5.941  -12.630 -12.547 1.00 32.54 ? 67  LEU A N   1 
ATOM   526  C  CA  . LEU A 1 67  ? -4.745  -13.332 -13.008 1.00 38.26 ? 67  LEU A CA  1 
ATOM   527  C  C   . LEU A 1 67  ? -3.673  -12.333 -13.429 1.00 34.86 ? 67  LEU A C   1 
ATOM   528  O  O   . LEU A 1 67  ? -3.972  -11.233 -13.905 1.00 33.67 ? 67  LEU A O   1 
ATOM   529  C  CB  . LEU A 1 67  ? -5.065  -14.270 -14.182 1.00 37.50 ? 67  LEU A CB  1 
ATOM   530  C  CG  . LEU A 1 67  ? -5.654  -15.641 -13.840 1.00 44.74 ? 67  LEU A CG  1 
ATOM   531  C  CD1 . LEU A 1 67  ? -4.825  -16.336 -12.761 1.00 43.89 ? 67  LEU A CD1 1 
ATOM   532  C  CD2 . LEU A 1 67  ? -7.108  -15.511 -13.412 1.00 46.01 ? 67  LEU A CD2 1 
ATOM   533  N  N   . GLU A 1 68  ? -2.406  -12.729 -13.269 1.00 33.60 ? 68  GLU A N   1 
ATOM   534  C  CA  . GLU A 1 68  ? -1.305  -11.824 -13.598 1.00 32.37 ? 68  GLU A CA  1 
ATOM   535  C  C   . GLU A 1 68  ? -1.249  -11.459 -15.081 1.00 34.83 ? 68  GLU A C   1 
ATOM   536  O  O   . GLU A 1 68  ? -0.647  -10.436 -15.427 1.00 32.09 ? 68  GLU A O   1 
ATOM   537  C  CB  . GLU A 1 68  ? 0.033   -12.427 -13.169 1.00 34.22 ? 68  GLU A CB  1 
ATOM   538  C  CG  . GLU A 1 68  ? 0.455   -13.645 -13.966 1.00 41.25 ? 68  GLU A CG  1 
ATOM   539  C  CD  . GLU A 1 68  ? 1.859   -14.112 -13.606 1.00 50.22 ? 68  GLU A CD  1 
ATOM   540  O  OE1 . GLU A 1 68  ? 2.696   -13.253 -13.240 1.00 49.00 ? 68  GLU A OE1 1 
ATOM   541  O  OE2 . GLU A 1 68  ? 2.117   -15.337 -13.678 1.00 48.05 ? 68  GLU A OE2 1 
ATOM   542  N  N   . THR A 1 69  ? -1.863  -12.255 -15.956 1.00 34.60 ? 69  THR A N   1 
ATOM   543  C  CA  . THR A 1 69  ? -1.891  -11.976 -17.391 1.00 33.80 ? 69  THR A CA  1 
ATOM   544  C  C   . THR A 1 69  ? -3.125  -11.182 -17.816 1.00 32.66 ? 69  THR A C   1 
ATOM   545  O  O   . THR A 1 69  ? -3.239  -10.820 -18.991 1.00 35.24 ? 69  THR A O   1 
ATOM   546  C  CB  . THR A 1 69  ? -1.830  -13.288 -18.188 1.00 34.25 ? 69  THR A CB  1 
ATOM   547  O  OG1 . THR A 1 69  ? -2.860  -14.169 -17.732 1.00 38.12 ? 69  THR A OG1 1 
ATOM   548  C  CG2 . THR A 1 69  ? -0.466  -13.969 -18.026 1.00 36.66 ? 69  THR A CG2 1 
ATOM   549  N  N   . ASP A 1 70  ? -4.048  -10.920 -16.892 1.00 33.51 ? 70  ASP A N   1 
ATOM   550  C  CA  . ASP A 1 70  ? -5.228  -10.109 -17.176 1.00 34.46 ? 70  ASP A CA  1 
ATOM   551  C  C   . ASP A 1 70  ? -4.827  -8.664  -17.460 1.00 33.66 ? 70  ASP A C   1 
ATOM   552  O  O   . ASP A 1 70  ? -3.920  -8.118  -16.829 1.00 33.21 ? 70  ASP A O   1 
ATOM   553  C  CB  . ASP A 1 70  ? -6.195  -10.191 -15.985 1.00 32.60 ? 70  ASP A CB  1 
ATOM   554  C  CG  . ASP A 1 70  ? -7.590  -9.672  -16.303 1.00 38.94 ? 70  ASP A CG  1 
ATOM   555  O  OD1 . ASP A 1 70  ? -7.713  -8.564  -16.861 1.00 40.53 ? 70  ASP A OD1 1 
ATOM   556  O  OD2 . ASP A 1 70  ? -8.567  -10.382 -15.983 1.00 47.67 ? 70  ASP A OD2 1 
ATOM   557  N  N   . THR A 1 71  ? -5.500  -8.044  -18.437 1.00 29.90 ? 71  THR A N   1 
ATOM   558  C  CA  . THR A 1 71  ? -5.209  -6.653  -18.764 1.00 28.20 ? 71  THR A CA  1 
ATOM   559  C  C   . THR A 1 71  ? -5.405  -5.742  -17.555 1.00 28.03 ? 71  THR A C   1 
ATOM   560  O  O   . THR A 1 71  ? -4.678  -4.751  -17.387 1.00 31.65 ? 71  THR A O   1 
ATOM   561  C  CB  . THR A 1 71  ? -6.093  -6.202  -19.934 1.00 34.68 ? 71  THR A CB  1 
ATOM   562  O  OG1 . THR A 1 71  ? -5.681  -6.889  -21.123 1.00 38.72 ? 71  THR A OG1 1 
ATOM   563  C  CG2 . THR A 1 71  ? -5.959  -4.724  -20.156 1.00 36.70 ? 71  THR A CG2 1 
ATOM   564  N  N   . LEU A 1 72  ? -6.384  -6.061  -16.708 1.00 32.67 ? 72  LEU A N   1 
ATOM   565  C  CA  . LEU A 1 72  ? -6.601  -5.279  -15.492 1.00 31.84 ? 72  LEU A CA  1 
ATOM   566  C  C   . LEU A 1 72  ? -5.385  -5.345  -14.580 1.00 30.87 ? 72  LEU A C   1 
ATOM   567  O  O   . LEU A 1 72  ? -4.942  -4.323  -14.042 1.00 31.43 ? 72  LEU A O   1 
ATOM   568  C  CB  . LEU A 1 72  ? -7.847  -5.779  -14.759 1.00 32.72 ? 72  LEU A CB  1 
ATOM   569  C  CG  . LEU A 1 72  ? -8.205  -5.046  -13.462 1.00 31.84 ? 72  LEU A CG  1 
ATOM   570  C  CD1 . LEU A 1 72  ? -8.373  -3.543  -13.716 1.00 33.71 ? 72  LEU A CD1 1 
ATOM   571  C  CD2 . LEU A 1 72  ? -9.456  -5.641  -12.819 1.00 33.93 ? 72  LEU A CD2 1 
ATOM   572  N  N   . PHE A 1 73  ? -4.823  -6.542  -14.413 1.00 30.00 ? 73  PHE A N   1 
ATOM   573  C  CA  . PHE A 1 73  ? -3.627  -6.706  -13.591 1.00 28.76 ? 73  PHE A CA  1 
ATOM   574  C  C   . PHE A 1 73  ? -2.462  -5.893  -14.147 1.00 28.49 ? 73  PHE A C   1 
ATOM   575  O  O   . PHE A 1 73  ? -1.734  -5.229  -13.395 1.00 28.74 ? 73  PHE A O   1 
ATOM   576  C  CB  . PHE A 1 73  ? -3.280  -8.190  -13.517 1.00 28.38 ? 73  PHE A CB  1 
ATOM   577  C  CG  . PHE A 1 73  ? -2.202  -8.523  -12.514 1.00 28.81 ? 73  PHE A CG  1 
ATOM   578  C  CD1 . PHE A 1 73  ? -2.528  -9.123  -11.310 1.00 30.32 ? 73  PHE A CD1 1 
ATOM   579  C  CD2 . PHE A 1 73  ? -0.866  -8.261  -12.789 1.00 29.80 ? 73  PHE A CD2 1 
ATOM   580  C  CE1 . PHE A 1 73  ? -1.534  -9.446  -10.382 1.00 28.86 ? 73  PHE A CE1 1 
ATOM   581  C  CE2 . PHE A 1 73  ? 0.120   -8.571  -11.877 1.00 31.00 ? 73  PHE A CE2 1 
ATOM   582  C  CZ  . PHE A 1 73  ? -0.213  -9.163  -10.671 1.00 31.22 ? 73  PHE A CZ  1 
ATOM   583  N  N   . ILE A 1 74  ? -2.281  -5.920  -15.471 1.00 29.54 ? 74  ILE A N   1 
ATOM   584  C  CA  . ILE A 1 74  ? -1.156  -5.239  -16.096 1.00 26.91 ? 74  ILE A CA  1 
ATOM   585  C  C   . ILE A 1 74  ? -1.289  -3.729  -15.969 1.00 28.41 ? 74  ILE A C   1 
ATOM   586  O  O   . ILE A 1 74  ? -0.292  -3.023  -15.773 1.00 29.33 ? 74  ILE A O   1 
ATOM   587  C  CB  . ILE A 1 74  ? -1.046  -5.680  -17.565 1.00 30.81 ? 74  ILE A CB  1 
ATOM   588  C  CG1 . ILE A 1 74  ? -0.583  -7.132  -17.620 1.00 38.00 ? 74  ILE A CG1 1 
ATOM   589  C  CG2 . ILE A 1 74  ? -0.079  -4.798  -18.342 1.00 32.34 ? 74  ILE A CG2 1 
ATOM   590  C  CD1 . ILE A 1 74  ? -1.269  -7.882  -18.687 1.00 41.37 ? 74  ILE A CD1 1 
ATOM   591  N  N   . LYS A 1 75  ? -2.520  -3.211  -16.054 1.00 27.62 ? 75  LYS A N   1 
ATOM   592  C  CA  . LYS A 1 75  ? -2.759  -1.773  -15.984 1.00 28.97 ? 75  LYS A CA  1 
ATOM   593  C  C   . LYS A 1 75  ? -2.965  -1.255  -14.564 1.00 26.19 ? 75  LYS A C   1 
ATOM   594  O  O   . LYS A 1 75  ? -2.806  -0.048  -14.346 1.00 29.50 ? 75  LYS A O   1 
ATOM   595  C  CB  . LYS A 1 75  ? -3.989  -1.386  -16.819 1.00 30.68 ? 75  LYS A CB  1 
ATOM   596  C  CG  . LYS A 1 75  ? -3.838  -1.610  -18.309 1.00 36.11 ? 75  LYS A CG  1 
ATOM   597  C  CD  . LYS A 1 75  ? -5.191  -1.414  -19.001 1.00 40.04 ? 75  LYS A CD  1 
ATOM   598  C  CE  . LYS A 1 75  ? -5.080  -0.467  -20.165 1.00 50.47 ? 75  LYS A CE  1 
ATOM   599  N  NZ  . LYS A 1 75  ? -4.039  -0.935  -21.102 1.00 51.81 ? 75  LYS A NZ  1 
ATOM   600  N  N   . VAL A 1 76  ? -3.324  -2.119  -13.605 1.00 25.84 ? 76  VAL A N   1 
ATOM   601  C  CA  . VAL A 1 76  ? -3.607  -1.704  -12.227 1.00 25.05 ? 76  VAL A CA  1 
ATOM   602  C  C   . VAL A 1 76  ? -2.761  -2.486  -11.219 1.00 26.52 ? 76  VAL A C   1 
ATOM   603  O  O   . VAL A 1 76  ? -1.808  -1.941  -10.654 1.00 27.86 ? 76  VAL A O   1 
ATOM   604  C  CB  . VAL A 1 76  ? -5.110  -1.837  -11.896 1.00 27.31 ? 76  VAL A CB  1 
ATOM   605  C  CG1 . VAL A 1 76  ? -5.378  -1.514  -10.418 1.00 25.98 ? 76  VAL A CG1 1 
ATOM   606  C  CG2 . VAL A 1 76  ? -5.925  -0.885  -12.789 1.00 28.45 ? 76  VAL A CG2 1 
ATOM   607  N  N   . HIS A 1 77  ? -3.090  -3.766  -11.001 1.00 26.02 ? 77  HIS A N   1 
ATOM   608  C  CA  . HIS A 1 77  ? -2.581  -4.473  -9.824  1.00 27.11 ? 77  HIS A CA  1 
ATOM   609  C  C   . HIS A 1 77  ? -1.061  -4.574  -9.835  1.00 27.16 ? 77  HIS A C   1 
ATOM   610  O  O   . HIS A 1 77  ? -0.428  -4.493  -8.778  1.00 27.04 ? 77  HIS A O   1 
ATOM   611  C  CB  . HIS A 1 77  ? -3.233  -5.858  -9.714  1.00 27.78 ? 77  HIS A CB  1 
ATOM   612  C  CG  . HIS A 1 77  ? -4.721  -5.788  -9.538  1.00 29.76 ? 77  HIS A CG  1 
ATOM   613  N  ND1 . HIS A 1 77  ? -5.566  -5.351  -10.542 1.00 26.55 ? 77  HIS A ND1 1 
ATOM   614  C  CD2 . HIS A 1 77  ? -5.510  -6.042  -8.464  1.00 28.85 ? 77  HIS A CD2 1 
ATOM   615  C  CE1 . HIS A 1 77  ? -6.812  -5.362  -10.098 1.00 30.89 ? 77  HIS A CE1 1 
ATOM   616  N  NE2 . HIS A 1 77  ? -6.805  -5.775  -8.841  1.00 30.61 ? 77  HIS A NE2 1 
ATOM   617  N  N   . LYS A 1 78  ? -0.460  -4.713  -11.023 1.00 26.83 ? 78  LYS A N   1 
ATOM   618  C  CA  . LYS A 1 78  ? 0.995   -4.821  -11.132 1.00 28.49 ? 78  LYS A CA  1 
ATOM   619  C  C   . LYS A 1 78  ? 1.701   -3.607  -10.550 1.00 31.54 ? 78  LYS A C   1 
ATOM   620  O  O   . LYS A 1 78  ? 2.842   -3.715  -10.075 1.00 29.42 ? 78  LYS A O   1 
ATOM   621  C  CB  . LYS A 1 78  ? 1.376   -4.991  -12.603 1.00 31.90 ? 78  LYS A CB  1 
ATOM   622  C  CG  . LYS A 1 78  ? 2.853   -5.089  -12.906 1.00 37.95 ? 78  LYS A CG  1 
ATOM   623  C  CD  . LYS A 1 78  ? 3.041   -5.093  -14.418 1.00 39.76 ? 78  LYS A CD  1 
ATOM   624  C  CE  . LYS A 1 78  ? 4.508   -5.229  -14.821 1.00 47.30 ? 78  LYS A CE  1 
ATOM   625  N  NZ  . LYS A 1 78  ? 5.010   -6.599  -14.527 1.00 52.44 ? 78  LYS A NZ  1 
ATOM   626  N  N   . HIS A 1 79  ? 1.037   -2.448  -10.575 1.00 25.18 ? 79  HIS A N   1 
ATOM   627  C  CA  . HIS A 1 79  ? 1.588   -1.191  -10.093 1.00 24.53 ? 79  HIS A CA  1 
ATOM   628  C  C   . HIS A 1 79  ? 1.174   -0.840  -8.675  1.00 24.93 ? 79  HIS A C   1 
ATOM   629  O  O   . HIS A 1 79  ? 1.603   0.204   -8.176  1.00 24.95 ? 79  HIS A O   1 
ATOM   630  C  CB  . HIS A 1 79  ? 1.174   -0.060  -11.030 1.00 25.04 ? 79  HIS A CB  1 
ATOM   631  C  CG  . HIS A 1 79  ? 1.713   -0.233  -12.413 1.00 27.98 ? 79  HIS A CG  1 
ATOM   632  N  ND1 . HIS A 1 79  ? 3.059   -0.151  -12.698 1.00 32.13 ? 79  HIS A ND1 1 
ATOM   633  C  CD2 . HIS A 1 79  ? 1.097   -0.549  -13.576 1.00 30.04 ? 79  HIS A CD2 1 
ATOM   634  C  CE1 . HIS A 1 79  ? 3.245   -0.383  -13.986 1.00 35.51 ? 79  HIS A CE1 1 
ATOM   635  N  NE2 . HIS A 1 79  ? 2.070   -0.626  -14.540 1.00 33.89 ? 79  HIS A NE2 1 
ATOM   636  N  N   . ILE A 1 80  ? 0.329   -1.660  -8.037  1.00 24.74 ? 80  ILE A N   1 
ATOM   637  C  CA  . ILE A 1 80  ? -0.067  -1.372  -6.650  1.00 24.75 ? 80  ILE A CA  1 
ATOM   638  C  C   . ILE A 1 80  ? 1.124   -1.291  -5.726  1.00 26.23 ? 80  ILE A C   1 
ATOM   639  O  O   . ILE A 1 80  ? 1.159   -0.394  -4.868  1.00 27.13 ? 80  ILE A O   1 
ATOM   640  C  CB  . ILE A 1 80  ? -1.123  -2.392  -6.182  1.00 25.93 ? 80  ILE A CB  1 
ATOM   641  C  CG1 . ILE A 1 80  ? -2.472  -2.061  -6.811  1.00 26.45 ? 80  ILE A CG1 1 
ATOM   642  C  CG2 . ILE A 1 80  ? -1.248  -2.387  -4.649  1.00 27.93 ? 80  ILE A CG2 1 
ATOM   643  C  CD1 . ILE A 1 80  ? -3.522  -3.110  -6.534  1.00 29.42 ? 80  ILE A CD1 1 
ATOM   644  N  N   . PRO A 1 81  ? 2.138   -2.161  -5.815  1.00 26.65 ? 81  PRO A N   1 
ATOM   645  C  CA  . PRO A 1 81  ? 3.259   -2.029  -4.872  1.00 31.77 ? 81  PRO A CA  1 
ATOM   646  C  C   . PRO A 1 81  ? 3.966   -0.682  -4.966  1.00 27.90 ? 81  PRO A C   1 
ATOM   647  O  O   . PRO A 1 81  ? 4.223   -0.056  -3.928  1.00 27.57 ? 81  PRO A O   1 
ATOM   648  C  CB  . PRO A 1 81  ? 4.165   -3.216  -5.242  1.00 27.73 ? 81  PRO A CB  1 
ATOM   649  C  CG  . PRO A 1 81  ? 3.231   -4.241  -5.795  1.00 27.13 ? 81  PRO A CG  1 
ATOM   650  C  CD  . PRO A 1 81  ? 2.213   -3.431  -6.573  1.00 28.29 ? 81  PRO A CD  1 
ATOM   651  N  N   . GLU A 1 82  ? 4.262   -0.194  -6.175  1.00 25.89 ? 82  GLU A N   1 
ATOM   652  C  CA  . GLU A 1 82  ? 4.849   1.137   -6.301  1.00 27.81 ? 82  GLU A CA  1 
ATOM   653  C  C   . GLU A 1 82  ? 3.875   2.219   -5.833  1.00 28.09 ? 82  GLU A C   1 
ATOM   654  O  O   . GLU A 1 82  ? 4.290   3.228   -5.247  1.00 27.23 ? 82  GLU A O   1 
ATOM   655  C  CB  . GLU A 1 82  ? 5.265   1.397   -7.751  1.00 28.26 ? 82  GLU A CB  1 
ATOM   656  C  CG  . GLU A 1 82  ? 5.823   2.775   -7.952  1.00 28.87 ? 82  GLU A CG  1 
ATOM   657  C  CD  . GLU A 1 82  ? 6.181   3.071   -9.396  1.00 33.62 ? 82  GLU A CD  1 
ATOM   658  O  OE1 . GLU A 1 82  ? 6.013   2.183   -10.262 1.00 31.91 ? 82  GLU A OE1 1 
ATOM   659  O  OE2 . GLU A 1 82  ? 6.645   4.202   -9.658  1.00 32.16 ? 82  GLU A OE2 1 
ATOM   660  N  N   . PHE A 1 83  ? 2.583   2.046   -6.113  1.00 25.74 ? 83  PHE A N   1 
ATOM   661  C  CA  . PHE A 1 83  ? 1.602   3.043   -5.688  1.00 27.38 ? 83  PHE A CA  1 
ATOM   662  C  C   . PHE A 1 83  ? 1.570   3.166   -4.167  1.00 27.87 ? 83  PHE A C   1 
ATOM   663  O  O   . PHE A 1 83  ? 1.560   4.279   -3.622  1.00 26.42 ? 83  PHE A O   1 
ATOM   664  C  CB  . PHE A 1 83  ? 0.227   2.673   -6.248  1.00 24.90 ? 83  PHE A CB  1 
ATOM   665  C  CG  . PHE A 1 83  ? -0.869  3.654   -5.904  1.00 29.35 ? 83  PHE A CG  1 
ATOM   666  C  CD1 . PHE A 1 83  ? -1.101  4.770   -6.700  1.00 30.19 ? 83  PHE A CD1 1 
ATOM   667  C  CD2 . PHE A 1 83  ? -1.687  3.447   -4.807  1.00 32.93 ? 83  PHE A CD2 1 
ATOM   668  C  CE1 . PHE A 1 83  ? -2.115  5.674   -6.389  1.00 29.54 ? 83  PHE A CE1 1 
ATOM   669  C  CE2 . PHE A 1 83  ? -2.703  4.350   -4.496  1.00 28.94 ? 83  PHE A CE2 1 
ATOM   670  C  CZ  . PHE A 1 83  ? -2.919  5.457   -5.297  1.00 27.69 ? 83  PHE A CZ  1 
ATOM   671  N  N   . CYS A 1 84  ? 1.589   2.029   -3.466  1.00 26.38 ? 84  CYS A N   1 
ATOM   672  C  CA  . CYS A 1 84  ? 1.596   2.044   -2.005  1.00 28.22 ? 84  CYS A CA  1 
ATOM   673  C  C   . CYS A 1 84  ? 2.909   2.582   -1.462  1.00 25.89 ? 84  CYS A C   1 
ATOM   674  O  O   . CYS A 1 84  ? 2.926   3.262   -0.433  1.00 29.61 ? 84  CYS A O   1 
ATOM   675  C  CB  . CYS A 1 84  ? 1.350   0.640   -1.461  1.00 26.91 ? 84  CYS A CB  1 
ATOM   676  S  SG  . CYS A 1 84  ? -0.277  0.010   -1.825  1.00 29.33 ? 84  CYS A SG  1 
ATOM   677  N  N   . HIS A 1 85  ? 4.025   2.258   -2.121  1.00 24.74 ? 85  HIS A N   1 
ATOM   678  C  CA  . HIS A 1 85  ? 5.298   2.848   -1.735  1.00 24.70 ? 85  HIS A CA  1 
ATOM   679  C  C   . HIS A 1 85  ? 5.195   4.368   -1.711  1.00 28.04 ? 85  HIS A C   1 
ATOM   680  O  O   . HIS A 1 85  ? 5.569   5.009   -0.725  1.00 27.54 ? 85  HIS A O   1 
ATOM   681  C  CB  . HIS A 1 85  ? 6.400   2.391   -2.694  1.00 27.72 ? 85  HIS A CB  1 
ATOM   682  C  CG  . HIS A 1 85  ? 7.765   2.853   -2.306  1.00 29.49 ? 85  HIS A CG  1 
ATOM   683  N  ND1 . HIS A 1 85  ? 8.162   4.170   -2.414  1.00 30.77 ? 85  HIS A ND1 1 
ATOM   684  C  CD2 . HIS A 1 85  ? 8.830   2.176   -1.809  1.00 27.94 ? 85  HIS A CD2 1 
ATOM   685  C  CE1 . HIS A 1 85  ? 9.411   4.284   -1.997  1.00 31.56 ? 85  HIS A CE1 1 
ATOM   686  N  NE2 . HIS A 1 85  ? 9.840   3.091   -1.625  1.00 30.04 ? 85  HIS A NE2 1 
ATOM   687  N  N   . SER A 1 86  ? 4.642   4.953   -2.781  1.00 26.33 ? 86  SER A N   1 
ATOM   688  C  CA  . SER A 1 86  ? 4.473   6.399   -2.865  1.00 26.26 ? 86  SER A CA  1 
ATOM   689  C  C   . SER A 1 86  ? 3.549   6.926   -1.764  1.00 28.59 ? 86  SER A C   1 
ATOM   690  O  O   . SER A 1 86  ? 3.881   7.888   -1.065  1.00 27.27 ? 86  SER A O   1 
ATOM   691  C  CB  . SER A 1 86  ? 3.931   6.764   -4.257  1.00 27.87 ? 86  SER A CB  1 
ATOM   692  O  OG  . SER A 1 86  ? 3.641   8.151   -4.366  1.00 33.46 ? 86  SER A OG  1 
ATOM   693  N  N   . PHE A 1 87  ? 2.375   6.320   -1.598  1.00 25.72 ? 87  PHE A N   1 
ATOM   694  C  CA  . PHE A 1 87  ? 1.459   6.850   -0.599  1.00 26.92 ? 87  PHE A CA  1 
ATOM   695  C  C   . PHE A 1 87  ? 2.010   6.686   0.808   1.00 27.21 ? 87  PHE A C   1 
ATOM   696  O  O   . PHE A 1 87  ? 1.864   7.588   1.643   1.00 28.07 ? 87  PHE A O   1 
ATOM   697  C  CB  . PHE A 1 87  ? 0.092   6.194   -0.740  1.00 26.85 ? 87  PHE A CB  1 
ATOM   698  C  CG  . PHE A 1 87  ? -0.868  7.035   -1.536  1.00 28.67 ? 87  PHE A CG  1 
ATOM   699  C  CD1 . PHE A 1 87  ? -0.757  7.115   -2.916  1.00 29.27 ? 87  PHE A CD1 1 
ATOM   700  C  CD2 . PHE A 1 87  ? -1.854  7.766   -0.905  1.00 29.74 ? 87  PHE A CD2 1 
ATOM   701  C  CE1 . PHE A 1 87  ? -1.630  7.922   -3.663  1.00 28.67 ? 87  PHE A CE1 1 
ATOM   702  C  CE2 . PHE A 1 87  ? -2.737  8.580   -1.644  1.00 32.00 ? 87  PHE A CE2 1 
ATOM   703  C  CZ  . PHE A 1 87  ? -2.627  8.643   -3.018  1.00 29.29 ? 87  PHE A CZ  1 
ATOM   704  N  N   . LEU A 1 88  ? 2.652   5.545   1.096   1.00 28.21 ? 88  LEU A N   1 
ATOM   705  C  CA  . LEU A 1 88  ? 3.210   5.357   2.430   1.00 29.59 ? 88  LEU A CA  1 
ATOM   706  C  C   . LEU A 1 88  ? 4.381   6.294   2.669   1.00 28.53 ? 88  LEU A C   1 
ATOM   707  O  O   . LEU A 1 88  ? 4.571   6.790   3.785   1.00 28.90 ? 88  LEU A O   1 
ATOM   708  C  CB  . LEU A 1 88  ? 3.652   3.907   2.618   1.00 31.01 ? 88  LEU A CB  1 
ATOM   709  C  CG  . LEU A 1 88  ? 2.793   3.032   3.502   1.00 37.24 ? 88  LEU A CG  1 
ATOM   710  C  CD1 . LEU A 1 88  ? 3.543   1.740   3.714   1.00 37.42 ? 88  LEU A CD1 1 
ATOM   711  C  CD2 . LEU A 1 88  ? 2.520   3.719   4.830   1.00 33.55 ? 88  LEU A CD2 1 
ATOM   712  N  N   . SER A 1 89  ? 5.190   6.528   1.638   1.00 28.60 ? 89  SER A N   1 
ATOM   713  C  CA  . SER A 1 89  ? 6.318   7.440   1.784   1.00 32.21 ? 89  SER A CA  1 
ATOM   714  C  C   . SER A 1 89  ? 5.845   8.846   2.126   1.00 32.24 ? 89  SER A C   1 
ATOM   715  O  O   . SER A 1 89  ? 6.412   9.505   3.008   1.00 32.43 ? 89  SER A O   1 
ATOM   716  C  CB  . SER A 1 89  ? 7.148   7.455   0.505   1.00 31.57 ? 89  SER A CB  1 
ATOM   717  O  OG  . SER A 1 89  ? 8.096   8.506   0.556   1.00 42.72 ? 89  SER A OG  1 
ATOM   718  N  N   . HIS A 1 90  ? 4.793   9.321   1.455   1.00 27.06 ? 90  HIS A N   1 
ATOM   719  C  CA  . HIS A 1 90  ? 4.263   10.641  1.786   1.00 30.91 ? 90  HIS A CA  1 
ATOM   720  C  C   . HIS A 1 90  ? 3.607   10.649  3.159   1.00 30.57 ? 90  HIS A C   1 
ATOM   721  O  O   . HIS A 1 90  ? 3.722   11.634  3.898   1.00 33.05 ? 90  HIS A O   1 
ATOM   722  C  CB  . HIS A 1 90  ? 3.267   11.106  0.719   1.00 29.29 ? 90  HIS A CB  1 
ATOM   723  C  CG  . HIS A 1 90  ? 3.915   11.670  -0.505  1.00 34.18 ? 90  HIS A CG  1 
ATOM   724  N  ND1 . HIS A 1 90  ? 4.267   10.894  -1.589  1.00 37.21 ? 90  HIS A ND1 1 
ATOM   725  C  CD2 . HIS A 1 90  ? 4.285   12.937  -0.810  1.00 36.12 ? 90  HIS A CD2 1 
ATOM   726  C  CE1 . HIS A 1 90  ? 4.821   11.661  -2.513  1.00 34.72 ? 90  HIS A CE1 1 
ATOM   727  N  NE2 . HIS A 1 90  ? 4.841   12.904  -2.066  1.00 37.56 ? 90  HIS A NE2 1 
ATOM   728  N  N   . LEU A 1 91  ? 2.884   9.580   3.503   1.00 29.39 ? 91  LEU A N   1 
ATOM   729  C  CA  . LEU A 1 91  ? 2.254   9.500   4.818   1.00 29.23 ? 91  LEU A CA  1 
ATOM   730  C  C   . LEU A 1 91  ? 3.292   9.654   5.923   1.00 34.05 ? 91  LEU A C   1 
ATOM   731  O  O   . LEU A 1 91  ? 3.086   10.396  6.891   1.00 34.23 ? 91  LEU A O   1 
ATOM   732  C  CB  . LEU A 1 91  ? 1.505   8.171   4.961   1.00 27.58 ? 91  LEU A CB  1 
ATOM   733  C  CG  . LEU A 1 91  ? 0.517   7.982   6.145   1.00 34.14 ? 91  LEU A CG  1 
ATOM   734  C  CD1 . LEU A 1 91  ? -0.415  6.790   5.923   1.00 31.24 ? 91  LEU A CD1 1 
ATOM   735  C  CD2 . LEU A 1 91  ? 1.221   7.815   7.493   1.00 38.22 ? 91  LEU A CD2 1 
ATOM   736  N  N   . LEU A 1 92  ? 4.415   8.960   5.790   1.00 32.08 ? 92  LEU A N   1 
ATOM   737  C  CA  . LEU A 1 92  ? 5.401   8.886   6.855   1.00 32.92 ? 92  LEU A CA  1 
ATOM   738  C  C   . LEU A 1 92  ? 6.341   10.081  6.883   1.00 39.60 ? 92  LEU A C   1 
ATOM   739  O  O   . LEU A 1 92  ? 7.214   10.138  7.756   1.00 40.90 ? 92  LEU A O   1 
ATOM   740  C  CB  . LEU A 1 92  ? 6.205   7.594   6.716   1.00 32.22 ? 92  LEU A CB  1 
ATOM   741  C  CG  . LEU A 1 92  ? 5.372   6.324   6.869   1.00 30.68 ? 92  LEU A CG  1 
ATOM   742  C  CD1 . LEU A 1 92  ? 6.212   5.086   6.502   1.00 31.85 ? 92  LEU A CD1 1 
ATOM   743  C  CD2 . LEU A 1 92  ? 4.845   6.224   8.308   1.00 31.92 ? 92  LEU A CD2 1 
ATOM   744  N  N   . GLY A 1 93  ? 6.197   11.029  5.959   1.00 36.31 ? 93  GLY A N   1 
ATOM   745  C  CA  . GLY A 1 93  ? 7.001   12.230  5.977   1.00 37.16 ? 93  GLY A CA  1 
ATOM   746  C  C   . GLY A 1 93  ? 8.042   12.331  4.887   1.00 44.27 ? 93  GLY A C   1 
ATOM   747  O  O   . GLY A 1 93  ? 8.777   13.325  4.859   1.00 44.25 ? 93  GLY A O   1 
ATOM   748  N  N   . GLY A 1 94  ? 8.148   11.342  3.999   1.00 42.16 ? 94  GLY A N   1 
ATOM   749  C  CA  . GLY A 1 94  ? 8.982   11.486  2.824   1.00 42.15 ? 94  GLY A CA  1 
ATOM   750  C  C   . GLY A 1 94  ? 10.472  11.372  3.048   1.00 48.29 ? 94  GLY A C   1 
ATOM   751  O  O   . GLY A 1 94  ? 11.245  11.616  2.112   1.00 45.06 ? 94  GLY A O   1 
ATOM   752  N  N   . GLU A 1 95  ? 10.914  11.003  4.250   1.00 41.77 ? 95  GLU A N   1 
ATOM   753  C  CA  . GLU A 1 95  ? 12.337  10.855  4.524   1.00 46.03 ? 95  GLU A CA  1 
ATOM   754  C  C   . GLU A 1 95  ? 12.768  9.390   4.557   1.00 43.92 ? 95  GLU A C   1 
ATOM   755  O  O   . GLU A 1 95  ? 13.736  9.037   5.245   1.00 46.41 ? 95  GLU A O   1 
ATOM   756  C  CB  . GLU A 1 95  ? 12.700  11.570  5.825   1.00 49.61 ? 95  GLU A CB  1 
ATOM   757  C  CG  . GLU A 1 95  ? 12.826  13.088  5.660   1.00 54.71 ? 95  GLU A CG  1 
ATOM   758  C  CD  . GLU A 1 95  ? 14.200  13.520  5.154   1.00 62.97 ? 95  GLU A CD  1 
ATOM   759  O  OE1 . GLU A 1 95  ? 15.106  13.724  5.989   1.00 71.42 ? 95  GLU A OE1 1 
ATOM   760  O  OE2 . GLU A 1 95  ? 14.374  13.648  3.920   1.00 66.48 ? 95  GLU A OE2 1 
ATOM   761  N  N   . ASP A 1 96  ? 12.071  8.531   3.811   1.00 39.97 ? 96  ASP A N   1 
ATOM   762  C  CA  . ASP A 1 96  ? 12.449  7.125   3.743   1.00 42.82 ? 96  ASP A CA  1 
ATOM   763  C  C   . ASP A 1 96  ? 13.822  6.971   3.102   1.00 42.16 ? 96  ASP A C   1 
ATOM   764  O  O   . ASP A 1 96  ? 14.254  7.798   2.293   1.00 41.16 ? 96  ASP A O   1 
ATOM   765  C  CB  . ASP A 1 96  ? 11.401  6.315   2.970   1.00 42.67 ? 96  ASP A CB  1 
ATOM   766  C  CG  . ASP A 1 96  ? 11.008  6.958   1.662   1.00 44.57 ? 96  ASP A CG  1 
ATOM   767  O  OD1 . ASP A 1 96  ? 10.231  7.929   1.702   1.00 45.71 ? 96  ASP A OD1 1 
ATOM   768  O  OD2 . ASP A 1 96  ? 11.456  6.487   0.590   1.00 51.62 ? 96  ASP A OD2 1 
ATOM   769  N  N   . ASP A 1 97  ? 14.520  5.905   3.489   1.00 42.29 ? 97  ASP A N   1 
ATOM   770  C  CA  . ASP A 1 97  ? 15.910  5.695   3.088   1.00 42.72 ? 97  ASP A CA  1 
ATOM   771  C  C   . ASP A 1 97  ? 16.117  4.214   2.803   1.00 41.08 ? 97  ASP A C   1 
ATOM   772  O  O   . ASP A 1 97  ? 16.059  3.387   3.719   1.00 37.50 ? 97  ASP A O   1 
ATOM   773  C  CB  . ASP A 1 97  ? 16.871  6.182   4.173   1.00 46.28 ? 97  ASP A CB  1 
ATOM   774  C  CG  . ASP A 1 97  ? 18.308  5.789   3.895   1.00 50.53 ? 97  ASP A CG  1 
ATOM   775  O  OD1 . ASP A 1 97  ? 18.706  5.798   2.713   1.00 44.62 ? 97  ASP A OD1 1 
ATOM   776  O  OD2 . ASP A 1 97  ? 19.035  5.465   4.861   1.00 56.98 ? 97  ASP A OD2 1 
ATOM   777  N  N   . ASP A 1 98  ? 16.385  3.881   1.541   1.00 38.29 ? 98  ASP A N   1 
ATOM   778  C  CA  . ASP A 1 98  ? 16.513  2.481   1.165   1.00 39.52 ? 98  ASP A CA  1 
ATOM   779  C  C   . ASP A 1 98  ? 17.834  1.863   1.573   1.00 38.17 ? 98  ASP A C   1 
ATOM   780  O  O   . ASP A 1 98  ? 17.980  0.636   1.470   1.00 36.14 ? 98  ASP A O   1 
ATOM   781  C  CB  . ASP A 1 98  ? 16.315  2.315   -0.335  1.00 40.11 ? 98  ASP A CB  1 
ATOM   782  C  CG  . ASP A 1 98  ? 14.877  2.073   -0.673  1.00 41.69 ? 98  ASP A CG  1 
ATOM   783  O  OD1 . ASP A 1 98  ? 14.141  1.622   0.230   1.00 39.27 ? 98  ASP A OD1 1 
ATOM   784  O  OD2 . ASP A 1 98  ? 14.489  2.339   -1.810  1.00 41.63 ? 98  ASP A OD2 1 
ATOM   785  N  N   . ASN A 1 99  ? 18.785  2.666   2.048   1.00 34.42 ? 99  ASN A N   1 
ATOM   786  C  CA  . ASN A 1 99  ? 20.027  2.109   2.573   1.00 34.97 ? 99  ASN A CA  1 
ATOM   787  C  C   . ASN A 1 99  ? 19.879  1.570   3.986   1.00 38.78 ? 99  ASN A C   1 
ATOM   788  O  O   . ASN A 1 99  ? 20.757  0.828   4.435   1.00 36.91 ? 99  ASN A O   1 
ATOM   789  C  CB  . ASN A 1 99  ? 21.131  3.157   2.529   1.00 34.26 ? 99  ASN A CB  1 
ATOM   790  C  CG  . ASN A 1 99  ? 21.470  3.552   1.114   1.00 34.62 ? 99  ASN A CG  1 
ATOM   791  O  OD1 . ASN A 1 99  ? 22.010  2.749   0.363   1.00 35.29 ? 99  ASN A OD1 1 
ATOM   792  N  ND2 . ASN A 1 99  ? 21.127  4.771   0.738   1.00 32.54 ? 99  ASN A ND2 1 
ATOM   793  N  N   . ALA A 1 100 ? 18.806  1.930   4.683   1.00 41.27 ? 100 ALA A N   1 
ATOM   794  C  CA  . ALA A 1 100 ? 18.523  1.378   6.000   1.00 45.87 ? 100 ALA A CA  1 
ATOM   795  C  C   . ALA A 1 100 ? 17.986  -0.043  5.873   1.00 43.37 ? 100 ALA A C   1 
ATOM   796  O  O   . ALA A 1 100 ? 17.250  -0.366  4.936   1.00 39.89 ? 100 ALA A O   1 
ATOM   797  C  CB  . ALA A 1 100 ? 17.510  2.258   6.737   1.00 46.47 ? 100 ALA A CB  1 
ATOM   798  N  N   . LEU A 1 101 ? 18.377  -0.902  6.808   1.00 42.42 ? 101 LEU A N   1 
ATOM   799  C  CA  . LEU A 1 101 ? 17.821  -2.244  6.904   1.00 41.46 ? 101 LEU A CA  1 
ATOM   800  C  C   . LEU A 1 101 ? 16.704  -2.222  7.931   1.00 41.29 ? 101 LEU A C   1 
ATOM   801  O  O   . LEU A 1 101 ? 16.922  -1.793  9.066   1.00 48.75 ? 101 LEU A O   1 
ATOM   802  C  CB  . LEU A 1 101 ? 18.888  -3.250  7.333   1.00 47.56 ? 101 LEU A CB  1 
ATOM   803  C  CG  . LEU A 1 101 ? 20.126  -3.364  6.461   1.00 50.69 ? 101 LEU A CG  1 
ATOM   804  C  CD1 . LEU A 1 101 ? 21.105  -4.351  7.077   1.00 51.10 ? 101 LEU A CD1 1 
ATOM   805  C  CD2 . LEU A 1 101 ? 19.732  -3.784  5.051   1.00 50.75 ? 101 LEU A CD2 1 
ATOM   806  N  N   . ILE A 1 102 ? 15.516  -2.687  7.545   1.00 35.38 ? 102 ILE A N   1 
ATOM   807  C  CA  . ILE A 1 102 ? 14.418  -2.706  8.505   1.00 36.20 ? 102 ILE A CA  1 
ATOM   808  C  C   . ILE A 1 102 ? 14.796  -3.634  9.647   1.00 37.93 ? 102 ILE A C   1 
ATOM   809  O  O   . ILE A 1 102 ? 15.358  -4.719  9.437   1.00 32.68 ? 102 ILE A O   1 
ATOM   810  C  CB  . ILE A 1 102 ? 13.091  -3.108  7.835   1.00 39.43 ? 102 ILE A CB  1 
ATOM   811  C  CG1 . ILE A 1 102 ? 11.925  -2.746  8.758   1.00 42.03 ? 102 ILE A CG1 1 
ATOM   812  C  CG2 . ILE A 1 102 ? 13.056  -4.598  7.515   1.00 37.28 ? 102 ILE A CG2 1 
ATOM   813  C  CD1 . ILE A 1 102 ? 10.575  -2.688  8.064   1.00 39.91 ? 102 ILE A CD1 1 
ATOM   814  N  N   . ASP A 1 103 ? 14.552  -3.180  10.870  1.00 35.74 ? 103 ASP A N   1 
ATOM   815  C  CA  . ASP A 1 103 ? 14.920  -3.939  12.063  1.00 33.62 ? 103 ASP A CA  1 
ATOM   816  C  C   . ASP A 1 103 ? 13.779  -4.906  12.353  1.00 32.83 ? 103 ASP A C   1 
ATOM   817  O  O   . ASP A 1 103 ? 12.762  -4.522  12.931  1.00 29.90 ? 103 ASP A O   1 
ATOM   818  C  CB  . ASP A 1 103 ? 15.187  -2.998  13.230  1.00 33.25 ? 103 ASP A CB  1 
ATOM   819  C  CG  . ASP A 1 103 ? 15.823  -3.696  14.418  1.00 37.26 ? 103 ASP A CG  1 
ATOM   820  O  OD1 . ASP A 1 103 ? 15.304  -4.741  14.866  1.00 34.17 ? 103 ASP A OD1 1 
ATOM   821  O  OD2 . ASP A 1 103 ? 16.855  -3.195  14.905  1.00 44.89 ? 103 ASP A OD2 1 
ATOM   822  N  N   . ILE A 1 104 ? 13.947  -6.167  11.939  1.00 31.20 ? 104 ILE A N   1 
ATOM   823  C  CA  . ILE A 1 104 ? 12.861  -7.138  12.043  1.00 31.65 ? 104 ILE A CA  1 
ATOM   824  C  C   . ILE A 1 104 ? 12.507  -7.393  13.504  1.00 31.56 ? 104 ILE A C   1 
ATOM   825  O  O   . ILE A 1 104 ? 11.329  -7.522  13.853  1.00 29.39 ? 104 ILE A O   1 
ATOM   826  C  CB  . ILE A 1 104 ? 13.234  -8.443  11.308  1.00 29.10 ? 104 ILE A CB  1 
ATOM   827  C  CG1 . ILE A 1 104 ? 13.309  -8.211  9.793   1.00 31.02 ? 104 ILE A CG1 1 
ATOM   828  C  CG2 . ILE A 1 104 ? 12.253  -9.573  11.642  1.00 30.16 ? 104 ILE A CG2 1 
ATOM   829  C  CD1 . ILE A 1 104 ? 11.970  -7.976  9.106   1.00 29.60 ? 104 ILE A CD1 1 
ATOM   830  N  N   . GLY A 1 105 ? 13.521  -7.470  14.376  1.00 29.36 ? 105 GLY A N   1 
ATOM   831  C  CA  . GLY A 1 105 ? 13.265  -7.710  15.788  1.00 31.71 ? 105 GLY A CA  1 
ATOM   832  C  C   . GLY A 1 105 ? 12.429  -6.615  16.420  1.00 30.10 ? 105 GLY A C   1 
ATOM   833  O  O   . GLY A 1 105 ? 11.506  -6.894  17.187  1.00 28.33 ? 105 GLY A O   1 
ATOM   834  N  N   . LEU A 1 106 ? 12.726  -5.356  16.095  1.00 28.13 ? 106 LEU A N   1 
ATOM   835  C  CA  . LEU A 1 106 ? 11.930  -4.264  16.643  1.00 27.85 ? 106 LEU A CA  1 
ATOM   836  C  C   . LEU A 1 106 ? 10.515  -4.283  16.078  1.00 29.40 ? 106 LEU A C   1 
ATOM   837  O  O   . LEU A 1 106 ? 9.543   -4.118  16.825  1.00 28.89 ? 106 LEU A O   1 
ATOM   838  C  CB  . LEU A 1 106 ? 12.613  -2.927  16.369  1.00 29.64 ? 106 LEU A CB  1 
ATOM   839  C  CG  . LEU A 1 106 ? 11.938  -1.705  16.979  1.00 31.44 ? 106 LEU A CG  1 
ATOM   840  C  CD1 . LEU A 1 106 ? 11.857  -1.838  18.491  1.00 33.61 ? 106 LEU A CD1 1 
ATOM   841  C  CD2 . LEU A 1 106 ? 12.681  -0.436  16.599  1.00 35.11 ? 106 LEU A CD2 1 
ATOM   842  N  N   . PHE A 1 107 ? 10.379  -4.488  14.761  1.00 25.29 ? 107 PHE A N   1 
ATOM   843  C  CA  . PHE A 1 107 ? 9.052   -4.569  14.147  1.00 26.20 ? 107 PHE A CA  1 
ATOM   844  C  C   . PHE A 1 107 ? 8.235   -5.718  14.729  1.00 31.26 ? 107 PHE A C   1 
ATOM   845  O  O   . PHE A 1 107 ? 7.025   -5.581  14.964  1.00 27.11 ? 107 PHE A O   1 
ATOM   846  C  CB  . PHE A 1 107 ? 9.197   -4.726  12.627  1.00 27.22 ? 107 PHE A CB  1 
ATOM   847  C  CG  . PHE A 1 107 ? 7.894   -4.608  11.872  1.00 27.84 ? 107 PHE A CG  1 
ATOM   848  C  CD1 . PHE A 1 107 ? 6.948   -3.654  12.241  1.00 31.02 ? 107 PHE A CD1 1 
ATOM   849  C  CD2 . PHE A 1 107 ? 7.628   -5.416  10.773  1.00 29.18 ? 107 PHE A CD2 1 
ATOM   850  C  CE1 . PHE A 1 107 ? 5.747   -3.519  11.544  1.00 29.33 ? 107 PHE A CE1 1 
ATOM   851  C  CE2 . PHE A 1 107 ? 6.420   -5.285  10.071  1.00 28.06 ? 107 PHE A CE2 1 
ATOM   852  C  CZ  . PHE A 1 107 ? 5.487   -4.334  10.456  1.00 29.48 ? 107 PHE A CZ  1 
ATOM   853  N  N   . PHE A 1 108 ? 8.880   -6.864  14.949  1.00 27.90 ? 108 PHE A N   1 
ATOM   854  C  CA  . PHE A 1 108 ? 8.222   -7.997  15.595  1.00 26.94 ? 108 PHE A CA  1 
ATOM   855  C  C   . PHE A 1 108 ? 7.646   -7.604  16.954  1.00 27.63 ? 108 PHE A C   1 
ATOM   856  O  O   . PHE A 1 108 ? 6.493   -7.930  17.261  1.00 27.75 ? 108 PHE A O   1 
ATOM   857  C  CB  . PHE A 1 108 ? 9.236   -9.138  15.713  1.00 26.11 ? 108 PHE A CB  1 
ATOM   858  C  CG  . PHE A 1 108 ? 8.768   -10.323 16.516  1.00 29.75 ? 108 PHE A CG  1 
ATOM   859  C  CD1 . PHE A 1 108 ? 8.017   -11.327 15.916  1.00 26.88 ? 108 PHE A CD1 1 
ATOM   860  C  CD2 . PHE A 1 108 ? 9.146   -10.471 17.851  1.00 31.07 ? 108 PHE A CD2 1 
ATOM   861  C  CE1 . PHE A 1 108 ? 7.610   -12.435 16.637  1.00 28.97 ? 108 PHE A CE1 1 
ATOM   862  C  CE2 . PHE A 1 108 ? 8.734   -11.578 18.584  1.00 33.35 ? 108 PHE A CE2 1 
ATOM   863  C  CZ  . PHE A 1 108 ? 7.973   -12.564 17.977  1.00 30.34 ? 108 PHE A CZ  1 
ATOM   864  N  N   . ASN A 1 109 ? 8.422   -6.874  17.765  1.00 29.87 ? 109 ASN A N   1 
ATOM   865  C  CA  . ASN A 1 109 ? 7.922   -6.416  19.065  1.00 28.76 ? 109 ASN A CA  1 
ATOM   866  C  C   . ASN A 1 109 ? 6.730   -5.483  18.897  1.00 29.34 ? 109 ASN A C   1 
ATOM   867  O  O   . ASN A 1 109 ? 5.747   -5.571  19.644  1.00 28.75 ? 109 ASN A O   1 
ATOM   868  C  CB  . ASN A 1 109 ? 9.027   -5.703  19.842  1.00 28.76 ? 109 ASN A CB  1 
ATOM   869  C  CG  . ASN A 1 109 ? 10.134  -6.641  20.295  1.00 41.15 ? 109 ASN A CG  1 
ATOM   870  O  OD1 . ASN A 1 109 ? 9.994   -7.863  20.237  1.00 42.71 ? 109 ASN A OD1 1 
ATOM   871  N  ND2 . ASN A 1 109 ? 11.237  -6.069  20.769  1.00 44.33 ? 109 ASN A ND2 1 
HETATM 872  N  N   . MSE A 1 110 ? 6.806   -4.575  17.931  1.00 29.02 ? 110 MSE A N   1 
HETATM 873  C  CA  . MSE A 1 110 ? 5.726   -3.629  17.667  1.00 28.56 ? 110 MSE A CA  1 
HETATM 874  C  C   . MSE A 1 110 ? 4.412   -4.313  17.326  1.00 31.99 ? 110 MSE A C   1 
HETATM 875  O  O   . MSE A 1 110 ? 3.335   -3.778  17.607  1.00 29.53 ? 110 MSE A O   1 
HETATM 876  C  CB  . MSE A 1 110 ? 6.113   -2.694  16.526  1.00 27.99 ? 110 MSE A CB  1 
HETATM 877  C  CG  . MSE A 1 110 ? 7.212   -1.733  16.889  1.00 27.40 ? 110 MSE A CG  1 
HETATM 878  SE SE  . MSE A 1 110 ? 7.921   -0.957  15.296  0.39 31.60 ? 110 MSE A SE  1 
HETATM 879  C  CE  . MSE A 1 110 ? 6.350   -0.001  14.698  1.00 31.04 ? 110 MSE A CE  1 
ATOM   880  N  N   . LEU A 1 111 ? 4.498   -5.481  16.697  1.00 28.39 ? 111 LEU A N   1 
ATOM   881  C  CA  . LEU A 1 111 ? 3.318   -6.217  16.248  1.00 27.41 ? 111 LEU A CA  1 
ATOM   882  C  C   . LEU A 1 111 ? 2.734   -7.143  17.309  1.00 27.66 ? 111 LEU A C   1 
ATOM   883  O  O   . LEU A 1 111 ? 1.691   -7.754  17.061  1.00 29.13 ? 111 LEU A O   1 
ATOM   884  C  CB  . LEU A 1 111 ? 3.649   -7.039  14.995  1.00 27.96 ? 111 LEU A CB  1 
ATOM   885  C  CG  . LEU A 1 111 ? 4.051   -6.232  13.755  1.00 27.66 ? 111 LEU A CG  1 
ATOM   886  C  CD1 . LEU A 1 111 ? 4.637   -7.130  12.659  1.00 28.12 ? 111 LEU A CD1 1 
ATOM   887  C  CD2 . LEU A 1 111 ? 2.841   -5.435  13.232  1.00 27.81 ? 111 LEU A CD2 1 
ATOM   888  N  N   . GLN A 1 112 ? 3.371   -7.264  18.472  1.00 28.37 ? 112 GLN A N   1 
ATOM   889  C  CA  . GLN A 1 112 ? 2.889   -8.226  19.459  1.00 29.95 ? 112 GLN A CA  1 
ATOM   890  C  C   . GLN A 1 112 ? 1.469   -7.950  19.936  1.00 29.05 ? 112 GLN A C   1 
ATOM   891  O  O   . GLN A 1 112 ? 0.689   -8.913  20.022  1.00 28.70 ? 112 GLN A O   1 
ATOM   892  C  CB  . GLN A 1 112 ? 3.876   -8.294  20.635  1.00 30.95 ? 112 GLN A CB  1 
ATOM   893  C  CG  . GLN A 1 112 ? 5.177   -8.961  20.229  1.00 30.99 ? 112 GLN A CG  1 
ATOM   894  C  CD  . GLN A 1 112 ? 4.930   -10.366 19.729  1.00 30.27 ? 112 GLN A CD  1 
ATOM   895  O  OE1 . GLN A 1 112 ? 4.409   -11.220 20.463  1.00 30.31 ? 112 GLN A OE1 1 
ATOM   896  N  NE2 . GLN A 1 112 ? 5.281   -10.620 18.476  1.00 30.76 ? 112 GLN A NE2 1 
ATOM   897  N  N   . PRO A 1 113 ? 1.056   -6.715  20.239  1.00 31.05 ? 113 PRO A N   1 
ATOM   898  C  CA  . PRO A 1 113 ? -0.335  -6.526  20.698  1.00 32.26 ? 113 PRO A CA  1 
ATOM   899  C  C   . PRO A 1 113 ? -1.384  -6.919  19.674  1.00 32.40 ? 113 PRO A C   1 
ATOM   900  O  O   . PRO A 1 113 ? -2.485  -7.328  20.064  1.00 33.29 ? 113 PRO A O   1 
ATOM   901  C  CB  . PRO A 1 113 ? -0.399  -5.024  21.017  1.00 31.18 ? 113 PRO A CB  1 
ATOM   902  C  CG  . PRO A 1 113 ? 0.991   -4.647  21.325  1.00 34.50 ? 113 PRO A CG  1 
ATOM   903  C  CD  . PRO A 1 113 ? 1.864   -5.499  20.430  1.00 32.07 ? 113 PRO A CD  1 
ATOM   904  N  N   . SER A 1 114 ? -1.089  -6.821  18.375  1.00 27.16 ? 114 SER A N   1 
ATOM   905  C  CA  . SER A 1 114 ? -2.092  -7.062  17.342  1.00 28.10 ? 114 SER A CA  1 
ATOM   906  C  C   . SER A 1 114 ? -1.960  -8.420  16.669  1.00 29.29 ? 114 SER A C   1 
ATOM   907  O  O   . SER A 1 114 ? -2.972  -9.093  16.461  1.00 32.57 ? 114 SER A O   1 
ATOM   908  C  CB  . SER A 1 114 ? -2.043  -5.963  16.265  1.00 30.27 ? 114 SER A CB  1 
ATOM   909  O  OG  . SER A 1 114 ? -0.752  -5.881  15.674  1.00 30.01 ? 114 SER A OG  1 
ATOM   910  N  N   . LEU A 1 115 ? -0.739  -8.832  16.314  1.00 25.38 ? 115 LEU A N   1 
ATOM   911  C  CA  . LEU A 1 115 ? -0.494  -10.066 15.576  1.00 26.62 ? 115 LEU A CA  1 
ATOM   912  C  C   . LEU A 1 115 ? 0.297   -11.070 16.392  1.00 27.86 ? 115 LEU A C   1 
ATOM   913  O  O   . LEU A 1 115 ? 0.717   -12.100 15.845  1.00 27.47 ? 115 LEU A O   1 
ATOM   914  C  CB  . LEU A 1 115 ? 0.265   -9.772  14.272  1.00 26.88 ? 115 LEU A CB  1 
ATOM   915  C  CG  . LEU A 1 115 ? -0.310  -8.623  13.445  1.00 27.28 ? 115 LEU A CG  1 
ATOM   916  C  CD1 . LEU A 1 115 ? 0.444   -8.466  12.110  1.00 26.43 ? 115 LEU A CD1 1 
ATOM   917  C  CD2 . LEU A 1 115 ? -1.809  -8.840  13.192  1.00 31.72 ? 115 LEU A CD2 1 
ATOM   918  N  N   . GLY A 1 116 ? 0.525   -10.786 17.680  1.00 27.91 ? 116 GLY A N   1 
ATOM   919  C  CA  . GLY A 1 116 ? 1.425   -11.597 18.486  1.00 28.65 ? 116 GLY A CA  1 
ATOM   920  C  C   . GLY A 1 116 ? 1.055   -13.058 18.549  1.00 28.86 ? 116 GLY A C   1 
ATOM   921  O  O   . GLY A 1 116 ? 1.925   -13.903 18.814  1.00 31.32 ? 116 GLY A O   1 
ATOM   922  N  N   . GLY A 1 117 ? -0.220  -13.385 18.319  1.00 27.76 ? 117 GLY A N   1 
ATOM   923  C  CA  . GLY A 1 117 ? -0.656  -14.770 18.406  1.00 31.19 ? 117 GLY A CA  1 
ATOM   924  C  C   . GLY A 1 117 ? -0.133  -15.654 17.293  1.00 33.29 ? 117 GLY A C   1 
ATOM   925  O  O   . GLY A 1 117 ? -0.139  -16.879 17.437  1.00 33.38 ? 117 GLY A O   1 
ATOM   926  N  N   . TRP A 1 118 ? 0.312   -15.064 16.175  1.00 27.77 ? 118 TRP A N   1 
ATOM   927  C  CA  . TRP A 1 118 ? 0.806   -15.879 15.067  1.00 26.03 ? 118 TRP A CA  1 
ATOM   928  C  C   . TRP A 1 118 ? 2.052   -15.351 14.367  1.00 27.22 ? 118 TRP A C   1 
ATOM   929  O  O   . TRP A 1 118 ? 2.716   -16.140 13.688  1.00 26.15 ? 118 TRP A O   1 
ATOM   930  C  CB  . TRP A 1 118 ? -0.298  -16.069 14.020  1.00 29.64 ? 118 TRP A CB  1 
ATOM   931  C  CG  . TRP A 1 118 ? -0.782  -14.801 13.388  1.00 29.71 ? 118 TRP A CG  1 
ATOM   932  C  CD1 . TRP A 1 118 ? -1.816  -14.008 13.803  1.00 30.37 ? 118 TRP A CD1 1 
ATOM   933  C  CD2 . TRP A 1 118 ? -0.259  -14.190 12.198  1.00 27.31 ? 118 TRP A CD2 1 
ATOM   934  N  NE1 . TRP A 1 118 ? -1.961  -12.937 12.947  1.00 29.42 ? 118 TRP A NE1 1 
ATOM   935  C  CE2 . TRP A 1 118 ? -1.017  -13.029 11.958  1.00 25.74 ? 118 TRP A CE2 1 
ATOM   936  C  CE3 . TRP A 1 118 ? 0.785   -14.511 11.323  1.00 25.66 ? 118 TRP A CE3 1 
ATOM   937  C  CZ2 . TRP A 1 118 ? -0.761  -12.179 10.879  1.00 28.69 ? 118 TRP A CZ2 1 
ATOM   938  C  CZ3 . TRP A 1 118 ? 1.032   -13.672 10.256  1.00 28.48 ? 118 TRP A CZ3 1 
ATOM   939  C  CH2 . TRP A 1 118 ? 0.264   -12.516 10.044  1.00 26.49 ? 118 TRP A CH2 1 
ATOM   940  N  N   . ILE A 1 119 ? 2.398   -14.069 14.468  1.00 26.40 ? 119 ILE A N   1 
ATOM   941  C  CA  . ILE A 1 119 ? 3.495   -13.556 13.644  1.00 25.15 ? 119 ILE A CA  1 
ATOM   942  C  C   . ILE A 1 119 ? 4.818   -14.149 14.130  1.00 26.25 ? 119 ILE A C   1 
ATOM   943  O  O   . ILE A 1 119 ? 4.989   -14.474 15.313  1.00 27.70 ? 119 ILE A O   1 
ATOM   944  C  CB  . ILE A 1 119 ? 3.517   -12.013 13.652  1.00 26.00 ? 119 ILE A CB  1 
ATOM   945  C  CG1 . ILE A 1 119 ? 4.450   -11.453 12.557  1.00 29.98 ? 119 ILE A CG1 1 
ATOM   946  C  CG2 . ILE A 1 119 ? 3.933   -11.454 15.003  1.00 28.23 ? 119 ILE A CG2 1 
ATOM   947  C  CD1 . ILE A 1 119 ? 4.019   -11.818 11.162  1.00 31.22 ? 119 ILE A CD1 1 
ATOM   948  N  N   . THR A 1 120 ? 5.762   -14.320 13.202  1.00 26.72 ? 120 THR A N   1 
ATOM   949  C  CA  . THR A 1 120 ? 7.099   -14.796 13.540  1.00 26.78 ? 120 THR A CA  1 
ATOM   950  C  C   . THR A 1 120 ? 8.119   -13.968 12.776  1.00 24.04 ? 120 THR A C   1 
ATOM   951  O  O   . THR A 1 120 ? 7.799   -13.325 11.780  1.00 23.91 ? 120 THR A O   1 
ATOM   952  C  CB  . THR A 1 120 ? 7.329   -16.282 13.200  1.00 28.78 ? 120 THR A CB  1 
ATOM   953  O  OG1 . THR A 1 120 ? 7.380   -16.442 11.776  1.00 28.58 ? 120 THR A OG1 1 
ATOM   954  C  CG2 . THR A 1 120 ? 6.235   -17.180 13.777  1.00 29.86 ? 120 THR A CG2 1 
ATOM   955  N  N   . LYS A 1 121 ? 9.358   -13.979 13.258  1.00 24.57 ? 121 LYS A N   1 
ATOM   956  C  CA  . LYS A 1 121 ? 10.385  -13.235 12.540  1.00 23.78 ? 121 LYS A CA  1 
ATOM   957  C  C   . LYS A 1 121 ? 10.632  -13.839 11.168  1.00 29.24 ? 121 LYS A C   1 
ATOM   958  O  O   . LYS A 1 121 ? 10.926  -13.108 10.214  1.00 26.33 ? 121 LYS A O   1 
ATOM   959  C  CB  . LYS A 1 121 ? 11.670  -13.180 13.372  1.00 27.01 ? 121 LYS A CB  1 
ATOM   960  C  CG  . LYS A 1 121 ? 11.526  -12.288 14.605  1.00 29.86 ? 121 LYS A CG  1 
ATOM   961  C  CD  . LYS A 1 121 ? 12.770  -12.274 15.488  1.00 32.86 ? 121 LYS A CD  1 
ATOM   962  C  CE  . LYS A 1 121 ? 12.551  -11.369 16.687  1.00 37.23 ? 121 LYS A CE  1 
ATOM   963  N  NZ  . LYS A 1 121 ? 13.626  -11.507 17.709  1.00 44.48 ? 121 LYS A NZ  1 
ATOM   964  N  N   . ASN A 1 122 ? 10.506  -15.166 11.054  1.00 29.65 ? 122 ASN A N   1 
ATOM   965  C  CA  . ASN A 1 122 ? 10.677  -15.828 9.764   1.00 28.99 ? 122 ASN A CA  1 
ATOM   966  C  C   . ASN A 1 122 ? 9.609   -15.382 8.768   1.00 29.58 ? 122 ASN A C   1 
ATOM   967  O  O   . ASN A 1 122 ? 9.904   -15.171 7.585   1.00 26.92 ? 122 ASN A O   1 
ATOM   968  C  CB  . ASN A 1 122 ? 10.654  -17.346 9.964   1.00 30.24 ? 122 ASN A CB  1 
ATOM   969  C  CG  . ASN A 1 122 ? 10.994  -18.107 8.688   1.00 37.81 ? 122 ASN A CG  1 
ATOM   970  O  OD1 . ASN A 1 122 ? 10.208  -18.914 8.195   1.00 43.78 ? 122 ASN A OD1 1 
ATOM   971  N  ND2 . ASN A 1 122 ? 12.164  -17.829 8.142   1.00 34.82 ? 122 ASN A ND2 1 
ATOM   972  N  N   . PHE A 1 123 ? 8.358   -15.237 9.231   1.00 26.89 ? 123 PHE A N   1 
ATOM   973  C  CA  . PHE A 1 123 ? 7.303   -14.693 8.380   1.00 26.03 ? 123 PHE A CA  1 
ATOM   974  C  C   . PHE A 1 123 ? 7.637   -13.279 7.916   1.00 26.59 ? 123 PHE A C   1 
ATOM   975  O  O   . PHE A 1 123 ? 7.338   -12.907 6.776   1.00 25.56 ? 123 PHE A O   1 
ATOM   976  C  CB  . PHE A 1 123 ? 5.961   -14.675 9.130   1.00 27.52 ? 123 PHE A CB  1 
ATOM   977  C  CG  . PHE A 1 123 ? 5.213   -15.989 9.124   1.00 30.86 ? 123 PHE A CG  1 
ATOM   978  C  CD1 . PHE A 1 123 ? 5.476   -16.975 8.179   1.00 29.71 ? 123 PHE A CD1 1 
ATOM   979  C  CD2 . PHE A 1 123 ? 4.221   -16.226 10.078  1.00 31.07 ? 123 PHE A CD2 1 
ATOM   980  C  CE1 . PHE A 1 123 ? 4.759   -18.171 8.186   1.00 34.72 ? 123 PHE A CE1 1 
ATOM   981  C  CE2 . PHE A 1 123 ? 3.508   -17.423 10.097  1.00 33.55 ? 123 PHE A CE2 1 
ATOM   982  C  CZ  . PHE A 1 123 ? 3.772   -18.394 9.152   1.00 33.24 ? 123 PHE A CZ  1 
ATOM   983  N  N   . LEU A 1 124 ? 8.201   -12.459 8.808   1.00 25.83 ? 124 LEU A N   1 
ATOM   984  C  CA  . LEU A 1 124 ? 8.505   -11.075 8.457   1.00 24.22 ? 124 LEU A CA  1 
ATOM   985  C  C   . LEU A 1 124 ? 9.635   -10.994 7.446   1.00 26.85 ? 124 LEU A C   1 
ATOM   986  O  O   . LEU A 1 124 ? 9.654   -10.081 6.620   1.00 26.49 ? 124 LEU A O   1 
ATOM   987  C  CB  . LEU A 1 124 ? 8.871   -10.278 9.702   1.00 25.14 ? 124 LEU A CB  1 
ATOM   988  C  CG  . LEU A 1 124 ? 7.678   -10.119 10.657  1.00 23.87 ? 124 LEU A CG  1 
ATOM   989  C  CD1 . LEU A 1 124 ? 8.085   -9.506  11.978  1.00 26.26 ? 124 LEU A CD1 1 
ATOM   990  C  CD2 . LEU A 1 124 ? 6.635   -9.244  9.963   1.00 29.39 ? 124 LEU A CD2 1 
ATOM   991  N  N   . ARG A 1 125 ? 10.593  -11.919 7.516   1.00 23.91 ? 125 ARG A N   1 
ATOM   992  C  CA  . ARG A 1 125 ? 11.711  -11.885 6.577   1.00 26.78 ? 125 ARG A CA  1 
ATOM   993  C  C   . ARG A 1 125 ? 11.351  -12.473 5.222   1.00 29.73 ? 125 ARG A C   1 
ATOM   994  O  O   . ARG A 1 125 ? 11.970  -12.108 4.217   1.00 28.89 ? 125 ARG A O   1 
ATOM   995  C  CB  . ARG A 1 125 ? 12.905  -12.674 7.130   1.00 28.94 ? 125 ARG A CB  1 
ATOM   996  C  CG  . ARG A 1 125 ? 13.543  -12.118 8.391   1.00 32.75 ? 125 ARG A CG  1 
ATOM   997  C  CD  . ARG A 1 125 ? 14.787  -12.935 8.780   1.00 32.75 ? 125 ARG A CD  1 
ATOM   998  N  NE  . ARG A 1 125 ? 14.492  -14.293 9.244   1.00 37.31 ? 125 ARG A NE  1 
ATOM   999  C  CZ  . ARG A 1 125 ? 14.446  -14.659 10.530  1.00 32.66 ? 125 ARG A CZ  1 
ATOM   1000 N  NH1 . ARG A 1 125 ? 14.656  -13.777 11.489  1.00 33.76 ? 125 ARG A NH1 1 
ATOM   1001 N  NH2 . ARG A 1 125 ? 14.184  -15.912 10.849  1.00 31.28 ? 125 ARG A NH2 1 
ATOM   1002 N  N   . HIS A 1 126 ? 10.409  -13.411 5.194   1.00 27.25 ? 126 HIS A N   1 
ATOM   1003 C  CA  . HIS A 1 126 ? 10.067  -14.202 4.014   1.00 30.05 ? 126 HIS A CA  1 
ATOM   1004 C  C   . HIS A 1 126 ? 8.552   -14.196 3.858   1.00 30.09 ? 126 HIS A C   1 
ATOM   1005 O  O   . HIS A 1 126 ? 7.869   -15.198 4.124   1.00 30.51 ? 126 HIS A O   1 
ATOM   1006 C  CB  . HIS A 1 126 ? 10.618  -15.622 4.136   1.00 33.08 ? 126 HIS A CB  1 
ATOM   1007 C  CG  . HIS A 1 126 ? 12.111  -15.669 4.179   1.00 34.68 ? 126 HIS A CG  1 
ATOM   1008 N  ND1 . HIS A 1 126 ? 12.816  -15.966 5.325   1.00 38.27 ? 126 HIS A ND1 1 
ATOM   1009 C  CD2 . HIS A 1 126 ? 13.036  -15.425 3.220   1.00 35.02 ? 126 HIS A CD2 1 
ATOM   1010 C  CE1 . HIS A 1 126 ? 14.111  -15.923 5.066   1.00 34.61 ? 126 HIS A CE1 1 
ATOM   1011 N  NE2 . HIS A 1 126 ? 14.272  -15.587 3.798   1.00 43.11 ? 126 HIS A NE2 1 
ATOM   1012 N  N   . PRO A 1 127 ? 7.994   -13.063 3.421   1.00 33.37 ? 127 PRO A N   1 
ATOM   1013 C  CA  . PRO A 1 127 ? 6.529   -12.924 3.390   1.00 32.87 ? 127 PRO A CA  1 
ATOM   1014 C  C   . PRO A 1 127 ? 5.832   -13.955 2.525   1.00 33.88 ? 127 PRO A C   1 
ATOM   1015 O  O   . PRO A 1 127 ? 4.656   -14.256 2.770   1.00 32.32 ? 127 PRO A O   1 
ATOM   1016 C  CB  . PRO A 1 127 ? 6.328   -11.504 2.839   1.00 32.67 ? 127 PRO A CB  1 
ATOM   1017 C  CG  . PRO A 1 127 ? 7.650   -11.160 2.142   1.00 34.42 ? 127 PRO A CG  1 
ATOM   1018 C  CD  . PRO A 1 127 ? 8.679   -11.827 3.008   1.00 30.43 ? 127 PRO A CD  1 
ATOM   1019 N  N   . ASN A 1 128 ? 6.512   -14.520 1.523   1.00 29.67 ? 128 ASN A N   1 
ATOM   1020 C  CA  . ASN A 1 128 ? 5.842   -15.526 0.713   1.00 35.03 ? 128 ASN A CA  1 
ATOM   1021 C  C   . ASN A 1 128 ? 5.502   -16.782 1.503   1.00 34.69 ? 128 ASN A C   1 
ATOM   1022 O  O   . ASN A 1 128 ? 4.680   -17.577 1.040   1.00 34.83 ? 128 ASN A O   1 
ATOM   1023 C  CB  . ASN A 1 128 ? 6.683   -15.908 -0.501  1.00 38.60 ? 128 ASN A CB  1 
ATOM   1024 C  CG  . ASN A 1 128 ? 5.824   -16.327 -1.685  1.00 46.85 ? 128 ASN A CG  1 
ATOM   1025 O  OD1 . ASN A 1 128 ? 4.645   -15.969 -1.766  1.00 44.28 ? 128 ASN A OD1 1 
ATOM   1026 N  ND2 . ASN A 1 128 ? 6.409   -17.085 -2.607  1.00 51.77 ? 128 ASN A ND2 1 
ATOM   1027 N  N   . ARG A 1 129 ? 6.115   -16.984 2.677   1.00 32.56 ? 129 ARG A N   1 
ATOM   1028 C  CA  . ARG A 1 129 ? 5.742   -18.096 3.543   1.00 32.63 ? 129 ARG A CA  1 
ATOM   1029 C  C   . ARG A 1 129 ? 4.433   -17.851 4.277   1.00 32.31 ? 129 ARG A C   1 
ATOM   1030 O  O   . ARG A 1 129 ? 3.894   -18.783 4.877   1.00 32.69 ? 129 ARG A O   1 
ATOM   1031 C  CB  . ARG A 1 129 ? 6.853   -18.389 4.551   1.00 30.04 ? 129 ARG A CB  1 
ATOM   1032 C  CG  . ARG A 1 129 ? 8.010   -19.154 3.925   1.00 35.88 ? 129 ARG A CG  1 
ATOM   1033 C  CD  . ARG A 1 129 ? 9.343   -18.928 4.643   1.00 40.92 ? 129 ARG A CD  1 
ATOM   1034 N  NE  . ARG A 1 129 ? 10.449  -18.951 3.672   1.00 47.81 ? 129 ARG A NE  1 
ATOM   1035 C  CZ  . ARG A 1 129 ? 11.689  -19.343 3.922   1.00 50.64 ? 129 ARG A CZ  1 
ATOM   1036 N  NH1 . ARG A 1 129 ? 12.005  -19.763 5.135   1.00 50.55 ? 129 ARG A NH1 1 
ATOM   1037 N  NH2 . ARG A 1 129 ? 12.604  -19.306 2.966   1.00 47.97 ? 129 ARG A NH2 1 
HETATM 1038 N  N   . MSE A 1 130 ? 3.913   -16.629 4.268   1.00 30.86 ? 130 MSE A N   1 
HETATM 1039 C  CA  . MSE A 1 130 ? 2.600   -16.415 4.857   1.00 31.03 ? 130 MSE A CA  1 
HETATM 1040 C  C   . MSE A 1 130 ? 1.486   -16.702 3.879   1.00 30.26 ? 130 MSE A C   1 
HETATM 1041 O  O   . MSE A 1 130 ? 1.679   -16.680 2.661   1.00 29.97 ? 130 MSE A O   1 
HETATM 1042 C  CB  . MSE A 1 130 ? 2.425   -15.008 5.409   1.00 31.15 ? 130 MSE A CB  1 
HETATM 1043 C  CG  . MSE A 1 130 ? 3.365   -14.632 6.523   1.00 31.06 ? 130 MSE A CG  1 
HETATM 1044 SE SE  . MSE A 1 130 ? 2.945   -12.807 7.007   0.37 29.88 ? 130 MSE A SE  1 
HETATM 1045 C  CE  . MSE A 1 130 ? 4.078   -11.842 5.773   1.00 43.01 ? 130 MSE A CE  1 
ATOM   1046 N  N   . SER A 1 131 ? 0.316   -17.000 4.435   1.00 27.63 ? 131 SER A N   1 
ATOM   1047 C  CA  . SER A 1 131 ? -0.884  -17.139 3.627   1.00 32.00 ? 131 SER A CA  1 
ATOM   1048 C  C   . SER A 1 131 ? -1.368  -15.777 3.145   1.00 30.94 ? 131 SER A C   1 
ATOM   1049 O  O   . SER A 1 131 ? -0.954  -14.720 3.637   1.00 29.67 ? 131 SER A O   1 
ATOM   1050 C  CB  . SER A 1 131 ? -1.999  -17.798 4.427   1.00 30.65 ? 131 SER A CB  1 
ATOM   1051 O  OG  . SER A 1 131 ? -2.414  -16.931 5.475   1.00 29.71 ? 131 SER A OG  1 
ATOM   1052 N  N   . LYS A 1 132 ? -2.296  -15.828 2.185   1.00 31.86 ? 132 LYS A N   1 
ATOM   1053 C  CA  . LYS A 1 132 ? -2.976  -14.628 1.704   1.00 35.92 ? 132 LYS A CA  1 
ATOM   1054 C  C   . LYS A 1 132 ? -3.607  -13.841 2.850   1.00 32.62 ? 132 LYS A C   1 
ATOM   1055 O  O   . LYS A 1 132 ? -3.516  -12.610 2.888   1.00 29.93 ? 132 LYS A O   1 
ATOM   1056 C  CB  . LYS A 1 132 ? -4.053  -15.032 0.690   1.00 35.36 ? 132 LYS A CB  1 
ATOM   1057 C  CG  . LYS A 1 132 ? -4.080  -14.225 -0.556  1.00 42.03 ? 132 LYS A CG  1 
ATOM   1058 C  CD  . LYS A 1 132 ? -5.152  -14.709 -1.524  1.00 40.91 ? 132 LYS A CD  1 
ATOM   1059 C  CE  . LYS A 1 132 ? -5.086  -13.905 -2.818  1.00 44.51 ? 132 LYS A CE  1 
ATOM   1060 N  NZ  . LYS A 1 132 ? -6.349  -13.993 -3.617  1.00 43.97 ? 132 LYS A NZ  1 
ATOM   1061 N  N   . ASP A 1 133 ? -4.270  -14.537 3.785   1.00 29.62 ? 133 ASP A N   1 
ATOM   1062 C  CA  . ASP A 1 133 ? -4.959  -13.845 4.874   1.00 29.75 ? 133 ASP A CA  1 
ATOM   1063 C  C   . ASP A 1 133 ? -3.972  -13.243 5.861   1.00 31.10 ? 133 ASP A C   1 
ATOM   1064 O  O   . ASP A 1 133 ? -4.215  -12.161 6.405   1.00 29.14 ? 133 ASP A O   1 
ATOM   1065 C  CB  . ASP A 1 133 ? -5.898  -14.798 5.628   1.00 31.41 ? 133 ASP A CB  1 
ATOM   1066 C  CG  . ASP A 1 133 ? -7.078  -15.233 4.798   1.00 39.41 ? 133 ASP A CG  1 
ATOM   1067 O  OD1 . ASP A 1 133 ? -7.511  -14.450 3.936   1.00 40.72 ? 133 ASP A OD1 1 
ATOM   1068 O  OD2 . ASP A 1 133 ? -7.590  -16.352 5.025   1.00 47.73 ? 133 ASP A OD2 1 
ATOM   1069 N  N   . GLN A 1 134 ? -2.880  -13.961 6.143   1.00 27.56 ? 134 GLN A N   1 
ATOM   1070 C  CA  . GLN A 1 134 ? -1.840  -13.426 7.012   1.00 28.08 ? 134 GLN A CA  1 
ATOM   1071 C  C   . GLN A 1 134 ? -1.205  -12.168 6.418   1.00 28.02 ? 134 GLN A C   1 
ATOM   1072 O  O   . GLN A 1 134 ? -0.979  -11.183 7.130   1.00 27.56 ? 134 GLN A O   1 
ATOM   1073 C  CB  . GLN A 1 134 ? -0.789  -14.508 7.274   1.00 27.06 ? 134 GLN A CB  1 
ATOM   1074 C  CG  . GLN A 1 134 ? -1.301  -15.616 8.193   1.00 27.83 ? 134 GLN A CG  1 
ATOM   1075 C  CD  . GLN A 1 134 ? -0.356  -16.815 8.266   1.00 32.63 ? 134 GLN A CD  1 
ATOM   1076 O  OE1 . GLN A 1 134 ? 0.438   -17.063 7.344   1.00 28.78 ? 134 GLN A OE1 1 
ATOM   1077 N  NE2 . GLN A 1 134 ? -0.447  -17.570 9.361   1.00 33.23 ? 134 GLN A NE2 1 
ATOM   1078 N  N   . ILE A 1 135 ? -0.898  -12.179 5.119   1.00 27.04 ? 135 ILE A N   1 
ATOM   1079 C  CA  . ILE A 1 135 ? -0.318  -10.983 4.508   1.00 25.91 ? 135 ILE A CA  1 
ATOM   1080 C  C   . ILE A 1 135 ? -1.288  -9.813  4.637   1.00 26.96 ? 135 ILE A C   1 
ATOM   1081 O  O   . ILE A 1 135 ? -0.907  -8.706  5.034   1.00 26.89 ? 135 ILE A O   1 
ATOM   1082 C  CB  . ILE A 1 135 ? 0.062   -11.257 3.038   1.00 27.13 ? 135 ILE A CB  1 
ATOM   1083 C  CG1 . ILE A 1 135 ? 1.157   -12.323 2.952   1.00 30.03 ? 135 ILE A CG1 1 
ATOM   1084 C  CG2 . ILE A 1 135 ? 0.480   -9.965  2.317   1.00 28.02 ? 135 ILE A CG2 1 
ATOM   1085 C  CD1 . ILE A 1 135 ? 1.527   -12.741 1.521   1.00 30.10 ? 135 ILE A CD1 1 
ATOM   1086 N  N   . LYS A 1 136 ? -2.565  -10.051 4.348   1.00 27.21 ? 136 LYS A N   1 
ATOM   1087 C  CA  . LYS A 1 136 ? -3.517  -8.949  4.427   1.00 29.55 ? 136 LYS A CA  1 
ATOM   1088 C  C   . LYS A 1 136 ? -3.607  -8.400  5.848   1.00 27.52 ? 136 LYS A C   1 
ATOM   1089 O  O   . LYS A 1 136 ? -3.690  -7.185  6.046   1.00 27.88 ? 136 LYS A O   1 
ATOM   1090 C  CB  . LYS A 1 136 ? -4.894  -9.386  3.934   1.00 28.37 ? 136 LYS A CB  1 
ATOM   1091 C  CG  . LYS A 1 136 ? -5.900  -8.225  3.982   1.00 32.02 ? 136 LYS A CG  1 
ATOM   1092 C  CD  . LYS A 1 136 ? -7.161  -8.506  3.197   1.00 35.80 ? 136 LYS A CD  1 
ATOM   1093 C  CE  . LYS A 1 136 ? -8.096  -7.297  3.237   1.00 33.78 ? 136 LYS A CE  1 
ATOM   1094 N  NZ  . LYS A 1 136 ? -8.533  -6.914  4.609   1.00 33.62 ? 136 LYS A NZ  1 
HETATM 1095 N  N   . MSE A 1 137 ? -3.559  -9.273  6.849   1.00 28.07 ? 137 MSE A N   1 
HETATM 1096 C  CA  . MSE A 1 137 ? -3.589  -8.819  8.234   1.00 26.71 ? 137 MSE A CA  1 
HETATM 1097 C  C   . MSE A 1 137 ? -2.369  -7.972  8.576   1.00 28.03 ? 137 MSE A C   1 
HETATM 1098 O  O   . MSE A 1 137 ? -2.481  -6.968  9.277   1.00 27.64 ? 137 MSE A O   1 
HETATM 1099 C  CB  . MSE A 1 137 ? -3.689  -10.013 9.181   1.00 32.06 ? 137 MSE A CB  1 
HETATM 1100 C  CG  . MSE A 1 137 ? -5.063  -10.605 9.187   1.00 34.60 ? 137 MSE A CG  1 
HETATM 1101 SE SE  . MSE A 1 137 ? -5.245  -11.903 10.593  0.38 43.58 ? 137 MSE A SE  1 
HETATM 1102 C  CE  . MSE A 1 137 ? -4.231  -13.362 9.797   1.00 38.00 ? 137 MSE A CE  1 
ATOM   1103 N  N   . LEU A 1 138 ? -1.208  -8.372  8.066   1.00 24.90 ? 138 LEU A N   1 
ATOM   1104 C  CA  . LEU A 1 138 ? 0.004   -7.602  8.332   1.00 26.41 ? 138 LEU A CA  1 
ATOM   1105 C  C   . LEU A 1 138 ? -0.040  -6.243  7.639   1.00 26.42 ? 138 LEU A C   1 
ATOM   1106 O  O   . LEU A 1 138 ? 0.269   -5.217  8.255   1.00 25.53 ? 138 LEU A O   1 
ATOM   1107 C  CB  . LEU A 1 138 ? 1.238   -8.395  7.887   1.00 24.60 ? 138 LEU A CB  1 
ATOM   1108 C  CG  . LEU A 1 138 ? 2.581   -7.680  8.001   1.00 31.06 ? 138 LEU A CG  1 
ATOM   1109 C  CD1 . LEU A 1 138 ? 2.897   -7.318  9.455   1.00 30.35 ? 138 LEU A CD1 1 
ATOM   1110 C  CD2 . LEU A 1 138 ? 3.674   -8.577  7.420   1.00 24.96 ? 138 LEU A CD2 1 
ATOM   1111 N  N   . LEU A 1 139 ? -0.394  -6.222  6.344   1.00 23.72 ? 139 LEU A N   1 
ATOM   1112 C  CA  . LEU A 1 139 ? -0.505  -4.952  5.618   1.00 23.90 ? 139 LEU A CA  1 
ATOM   1113 C  C   . LEU A 1 139 ? -1.523  -4.017  6.272   1.00 26.52 ? 139 LEU A C   1 
ATOM   1114 O  O   . LEU A 1 139 ? -1.257  -2.821  6.447   1.00 26.04 ? 139 LEU A O   1 
ATOM   1115 C  CB  . LEU A 1 139 ? -0.886  -5.210  4.154   1.00 26.74 ? 139 LEU A CB  1 
ATOM   1116 C  CG  . LEU A 1 139 ? 0.166   -5.904  3.281   1.00 27.10 ? 139 LEU A CG  1 
ATOM   1117 C  CD1 . LEU A 1 139 ? -0.418  -6.272  1.948   1.00 27.51 ? 139 LEU A CD1 1 
ATOM   1118 C  CD2 . LEU A 1 139 ? 1.400   -5.028  3.094   1.00 29.09 ? 139 LEU A CD2 1 
ATOM   1119 N  N   . ASP A 1 140 ? -2.692  -4.548  6.644   1.00 26.02 ? 140 ASP A N   1 
ATOM   1120 C  CA  . ASP A 1 140 ? -3.701  -3.709  7.294   1.00 27.32 ? 140 ASP A CA  1 
ATOM   1121 C  C   . ASP A 1 140 ? -3.173  -3.143  8.605   1.00 29.70 ? 140 ASP A C   1 
ATOM   1122 O  O   . ASP A 1 140 ? -3.432  -1.981  8.944   1.00 27.43 ? 140 ASP A O   1 
ATOM   1123 C  CB  . ASP A 1 140 ? -4.990  -4.501  7.549   1.00 29.03 ? 140 ASP A CB  1 
ATOM   1124 C  CG  . ASP A 1 140 ? -5.854  -4.687  6.297   1.00 35.87 ? 140 ASP A CG  1 
ATOM   1125 O  OD1 . ASP A 1 140 ? -5.632  -4.005  5.262   1.00 35.40 ? 140 ASP A OD1 1 
ATOM   1126 O  OD2 . ASP A 1 140 ? -6.776  -5.534  6.362   1.00 35.70 ? 140 ASP A OD2 1 
ATOM   1127 N  N   . GLN A 1 141 ? -2.419  -3.948  9.355   1.00 26.21 ? 141 GLN A N   1 
ATOM   1128 C  CA  . GLN A 1 141 ? -1.912  -3.475  10.639  1.00 29.42 ? 141 GLN A CA  1 
ATOM   1129 C  C   . GLN A 1 141 ? -0.835  -2.413  10.453  1.00 27.98 ? 141 GLN A C   1 
ATOM   1130 O  O   . GLN A 1 141 ? -0.739  -1.473  11.251  1.00 26.70 ? 141 GLN A O   1 
ATOM   1131 C  CB  . GLN A 1 141 ? -1.388  -4.651  11.466  1.00 28.14 ? 141 GLN A CB  1 
ATOM   1132 C  CG  . GLN A 1 141 ? -0.838  -4.248  12.835  1.00 30.48 ? 141 GLN A CG  1 
ATOM   1133 C  CD  . GLN A 1 141 ? -1.872  -3.607  13.756  1.00 32.25 ? 141 GLN A CD  1 
ATOM   1134 O  OE1 . GLN A 1 141 ? -1.528  -2.807  14.625  1.00 35.16 ? 141 GLN A OE1 1 
ATOM   1135 N  NE2 . GLN A 1 141 ? -3.130  -3.980  13.594  1.00 29.32 ? 141 GLN A NE2 1 
ATOM   1136 N  N   . ILE A 1 142 ? -0.014  -2.532  9.405   1.00 24.62 ? 142 ILE A N   1 
ATOM   1137 C  CA  . ILE A 1 142 ? 0.974   -1.495  9.125   1.00 26.12 ? 142 ILE A CA  1 
ATOM   1138 C  C   . ILE A 1 142 ? 0.276   -0.166  8.845   1.00 26.64 ? 142 ILE A C   1 
ATOM   1139 O  O   . ILE A 1 142 ? 0.651   0.877   9.389   1.00 27.08 ? 142 ILE A O   1 
ATOM   1140 C  CB  . ILE A 1 142 ? 1.888   -1.915  7.958   1.00 25.34 ? 142 ILE A CB  1 
ATOM   1141 C  CG1 . ILE A 1 142 ? 2.794   -3.078  8.365   1.00 28.22 ? 142 ILE A CG1 1 
ATOM   1142 C  CG2 . ILE A 1 142 ? 2.752   -0.745  7.502   1.00 26.42 ? 142 ILE A CG2 1 
ATOM   1143 C  CD1 . ILE A 1 142 ? 3.476   -3.738  7.150   1.00 24.50 ? 142 ILE A CD1 1 
ATOM   1144 N  N   . ILE A 1 143 ? -0.766  -0.191  8.010   1.00 26.86 ? 143 ILE A N   1 
ATOM   1145 C  CA  . ILE A 1 143 ? -1.520  1.026   7.706   1.00 26.75 ? 143 ILE A CA  1 
ATOM   1146 C  C   . ILE A 1 143 ? -2.107  1.629   8.981   1.00 26.97 ? 143 ILE A C   1 
ATOM   1147 O  O   . ILE A 1 143 ? -2.058  2.851   9.188   1.00 29.30 ? 143 ILE A O   1 
ATOM   1148 C  CB  . ILE A 1 143 ? -2.625  0.734   6.674   1.00 26.75 ? 143 ILE A CB  1 
ATOM   1149 C  CG1 . ILE A 1 143 ? -2.018  0.273   5.345   1.00 27.23 ? 143 ILE A CG1 1 
ATOM   1150 C  CG2 . ILE A 1 143 ? -3.485  1.983   6.444   1.00 28.88 ? 143 ILE A CG2 1 
ATOM   1151 C  CD1 . ILE A 1 143 ? -3.034  -0.377  4.378   1.00 25.84 ? 143 ILE A CD1 1 
ATOM   1152 N  N   . LYS A 1 144 ? -2.678  0.785   9.843   1.00 29.67 ? 144 LYS A N   1 
ATOM   1153 C  CA  . LYS A 1 144 ? -3.283  1.267   11.082  1.00 31.58 ? 144 LYS A CA  1 
ATOM   1154 C  C   . LYS A 1 144 ? -2.257  1.965   11.971  1.00 35.28 ? 144 LYS A C   1 
ATOM   1155 O  O   . LYS A 1 144 ? -2.527  3.043   12.519  1.00 31.43 ? 144 LYS A O   1 
ATOM   1156 C  CB  . LYS A 1 144 ? -3.933  0.095   11.815  1.00 29.10 ? 144 LYS A CB  1 
ATOM   1157 C  CG  . LYS A 1 144 ? -4.657  0.467   13.113  1.00 35.39 ? 144 LYS A CG  1 
ATOM   1158 C  CD  . LYS A 1 144 ? -5.291  -0.769  13.753  1.00 39.33 ? 144 LYS A CD  1 
ATOM   1159 C  CE  . LYS A 1 144 ? -5.967  -0.411  15.077  1.00 43.62 ? 144 LYS A CE  1 
ATOM   1160 N  NZ  . LYS A 1 144 ? -6.645  -1.586  15.674  1.00 45.97 ? 144 LYS A NZ  1 
HETATM 1161 N  N   . MSE A 1 145 ? -1.066  1.382   12.108  1.00 30.17 ? 145 MSE A N   1 
HETATM 1162 C  CA  . MSE A 1 145 ? -0.017  1.946   12.961  1.00 32.53 ? 145 MSE A CA  1 
HETATM 1163 C  C   . MSE A 1 145 ? 0.693   3.180   12.414  1.00 35.00 ? 145 MSE A C   1 
HETATM 1164 O  O   . MSE A 1 145 ? 1.211   3.989   13.191  1.00 34.68 ? 145 MSE A O   1 
HETATM 1165 C  CB  . MSE A 1 145 ? 1.034   0.877   13.254  1.00 32.65 ? 145 MSE A CB  1 
HETATM 1166 C  CG  . MSE A 1 145 ? 0.463   -0.335  13.934  1.00 35.46 ? 145 MSE A CG  1 
HETATM 1167 SE SE  . MSE A 1 145 ? 1.859   -1.595  14.346  0.33 38.19 ? 145 MSE A SE  1 
HETATM 1168 C  CE  . MSE A 1 145 ? 2.602   -1.845  12.583  1.00 39.00 ? 145 MSE A CE  1 
ATOM   1169 N  N   . ALA A 1 146 ? 0.747   3.298   11.085  1.00 32.55 ? 146 ALA A N   1 
ATOM   1170 C  CA  . ALA A 1 146 ? 1.509   4.364   10.440  1.00 30.69 ? 146 ALA A CA  1 
ATOM   1171 C  C   . ALA A 1 146 ? 0.961   5.733   10.824  1.00 36.45 ? 146 ALA A C   1 
ATOM   1172 O  O   . ALA A 1 146 ? -0.252  5.923   10.927  1.00 34.87 ? 146 ALA A O   1 
ATOM   1173 C  CB  . ALA A 1 146 ? 1.458   4.203   8.915   1.00 29.25 ? 146 ALA A CB  1 
ATOM   1174 N  N   . LYS A 1 147 ? 1.862   6.697   11.020  1.00 32.54 ? 147 LYS A N   1 
ATOM   1175 C  CA  . LYS A 1 147 ? 1.463   8.039   11.432  1.00 38.36 ? 147 LYS A CA  1 
ATOM   1176 C  C   . LYS A 1 147 ? 2.347   9.077   10.762  1.00 40.35 ? 147 LYS A C   1 
ATOM   1177 O  O   . LYS A 1 147 ? 3.526   8.830   10.482  1.00 34.96 ? 147 LYS A O   1 
ATOM   1178 C  CB  . LYS A 1 147 ? 1.538   8.224   12.964  1.00 38.83 ? 147 LYS A CB  1 
ATOM   1179 C  CG  . LYS A 1 147 ? 0.558   7.369   13.756  1.00 40.33 ? 147 LYS A CG  1 
ATOM   1180 C  CD  . LYS A 1 147 ? -0.878  7.776   13.467  1.00 47.69 ? 147 LYS A CD  1 
ATOM   1181 C  CE  . LYS A 1 147 ? -1.879  6.947   14.278  1.00 48.85 ? 147 LYS A CE  1 
ATOM   1182 N  NZ  . LYS A 1 147 ? -3.263  7.508   14.169  1.00 53.95 ? 147 LYS A NZ  1 
ATOM   1183 N  N   . ALA A 1 148 ? 1.764   10.258  10.524  1.00 37.43 ? 148 ALA A N   1 
ATOM   1184 C  CA  . ALA A 1 148 ? 2.542   11.371  9.990   1.00 41.14 ? 148 ALA A CA  1 
ATOM   1185 C  C   . ALA A 1 148 ? 3.677   11.749  10.930  1.00 43.23 ? 148 ALA A C   1 
ATOM   1186 O  O   . ALA A 1 148 ? 4.784   12.068  10.478  1.00 45.79 ? 148 ALA A O   1 
ATOM   1187 C  CB  . ALA A 1 148 ? 1.640   12.579  9.732   1.00 43.49 ? 148 ALA A CB  1 
ATOM   1188 N  N   . GLU A 1 149 ? 3.429   11.725  12.239  1.00 46.08 ? 149 GLU A N   1 
ATOM   1189 C  CA  . GLU A 1 149 ? 4.498   11.935  13.208  1.00 52.01 ? 149 GLU A CA  1 
ATOM   1190 C  C   . GLU A 1 149 ? 4.614   10.697  14.082  1.00 46.88 ? 149 GLU A C   1 
ATOM   1191 O  O   . GLU A 1 149 ? 3.698   10.383  14.852  1.00 45.27 ? 149 GLU A O   1 
ATOM   1192 C  CB  . GLU A 1 149 ? 4.268   13.197  14.037  1.00 55.36 ? 149 GLU A CB  1 
ATOM   1193 C  CG  . GLU A 1 149 ? 5.581   13.885  14.424  1.00 61.08 ? 149 GLU A CG  1 
ATOM   1194 C  CD  . GLU A 1 149 ? 6.536   14.064  13.239  1.00 66.33 ? 149 GLU A CD  1 
ATOM   1195 O  OE1 . GLU A 1 149 ? 6.079   14.453  12.142  1.00 65.75 ? 149 GLU A OE1 1 
ATOM   1196 O  OE2 . GLU A 1 149 ? 7.749   13.805  13.409  1.00 68.04 ? 149 GLU A OE2 1 
ATOM   1197 N  N   . SER A 1 150 ? 5.731   9.991   13.937  1.00 49.26 ? 150 SER A N   1 
ATOM   1198 C  CA  . SER A 1 150 ? 6.008   8.831   14.767  1.00 47.13 ? 150 SER A CA  1 
ATOM   1199 C  C   . SER A 1 150 ? 6.191   9.266   16.217  1.00 46.40 ? 150 SER A C   1 
ATOM   1200 O  O   . SER A 1 150 ? 6.830   10.284  16.502  1.00 49.48 ? 150 SER A O   1 
ATOM   1201 C  CB  . SER A 1 150 ? 7.264   8.110   14.246  1.00 48.82 ? 150 SER A CB  1 
ATOM   1202 O  OG  . SER A 1 150 ? 7.554   6.923   14.975  1.00 52.44 ? 150 SER A OG  1 
ATOM   1203 N  N   . SER A 1 151 ? 5.608   8.508   17.135  1.00 47.76 ? 151 SER A N   1 
ATOM   1204 C  CA  . SER A 1 151 ? 5.736   8.833   18.546  1.00 41.56 ? 151 SER A CA  1 
ATOM   1205 C  C   . SER A 1 151 ? 6.950   8.176   19.203  1.00 45.85 ? 151 SER A C   1 
ATOM   1206 O  O   . SER A 1 151 ? 7.188   8.405   20.393  1.00 41.91 ? 151 SER A O   1 
ATOM   1207 C  CB  . SER A 1 151 ? 4.460   8.419   19.289  1.00 47.79 ? 151 SER A CB  1 
ATOM   1208 O  OG  . SER A 1 151 ? 4.687   8.380   20.684  1.00 57.95 ? 151 SER A OG  1 
ATOM   1209 N  N   . ASP A 1 152 ? 7.728   7.381   18.464  1.00 45.29 ? 152 ASP A N   1 
ATOM   1210 C  CA  . ASP A 1 152 ? 8.917   6.722   18.996  1.00 40.64 ? 152 ASP A CA  1 
ATOM   1211 C  C   . ASP A 1 152 ? 10.049  6.906   18.000  1.00 40.49 ? 152 ASP A C   1 
ATOM   1212 O  O   . ASP A 1 152 ? 9.966   6.422   16.864  1.00 40.00 ? 152 ASP A O   1 
ATOM   1213 C  CB  . ASP A 1 152 ? 8.666   5.234   19.266  1.00 39.33 ? 152 ASP A CB  1 
ATOM   1214 C  CG  . ASP A 1 152 ? 9.849   4.558   19.954  1.00 41.74 ? 152 ASP A CG  1 
ATOM   1215 O  OD1 . ASP A 1 152 ? 10.868  4.299   19.271  1.00 39.07 ? 152 ASP A OD1 1 
ATOM   1216 O  OD2 . ASP A 1 152 ? 9.751   4.298   21.183  1.00 39.82 ? 152 ASP A OD2 1 
ATOM   1217 N  N   . THR A 1 153 ? 11.109  7.596   18.430  1.00 38.33 ? 153 THR A N   1 
ATOM   1218 C  CA  . THR A 1 153 ? 12.210  7.910   17.525  1.00 37.59 ? 153 THR A CA  1 
ATOM   1219 C  C   . THR A 1 153 ? 12.916  6.653   17.032  1.00 36.95 ? 153 THR A C   1 
ATOM   1220 O  O   . THR A 1 153 ? 13.383  6.615   15.888  1.00 38.57 ? 153 THR A O   1 
ATOM   1221 C  CB  . THR A 1 153 ? 13.209  8.840   18.219  1.00 45.53 ? 153 THR A CB  1 
ATOM   1222 O  OG1 . THR A 1 153 ? 14.068  9.441   17.243  1.00 53.29 ? 153 THR A OG1 1 
ATOM   1223 C  CG2 . THR A 1 153 ? 14.071  8.067   19.210  1.00 44.08 ? 153 THR A CG2 1 
ATOM   1224 N  N   . GLU A 1 154 ? 13.012  5.613   17.870  1.00 41.98 ? 154 GLU A N   1 
ATOM   1225 C  CA  . GLU A 1 154 ? 13.740  4.422   17.448  1.00 39.05 ? 154 GLU A CA  1 
ATOM   1226 C  C   . GLU A 1 154 ? 12.947  3.649   16.409  1.00 35.80 ? 154 GLU A C   1 
ATOM   1227 O  O   . GLU A 1 154 ? 13.502  3.220   15.389  1.00 34.45 ? 154 GLU A O   1 
ATOM   1228 C  CB  . GLU A 1 154 ? 14.064  3.540   18.650  1.00 40.07 ? 154 GLU A CB  1 
ATOM   1229 C  CG  . GLU A 1 154 ? 14.602  2.176   18.267  1.00 41.48 ? 154 GLU A CG  1 
ATOM   1230 C  CD  . GLU A 1 154 ? 14.948  1.320   19.476  1.00 43.28 ? 154 GLU A CD  1 
ATOM   1231 O  OE1 . GLU A 1 154 ? 16.140  0.993   19.635  1.00 49.30 ? 154 GLU A OE1 1 
ATOM   1232 O  OE2 . GLU A 1 154 ? 14.032  0.981   20.259  1.00 41.58 ? 154 GLU A OE2 1 
ATOM   1233 N  N   . GLU A 1 155 ? 11.643  3.481   16.642  1.00 35.65 ? 155 GLU A N   1 
ATOM   1234 C  CA  . GLU A 1 155 ? 10.791  2.856   15.638  1.00 34.69 ? 155 GLU A CA  1 
ATOM   1235 C  C   . GLU A 1 155 ? 10.860  3.616   14.321  1.00 35.48 ? 155 GLU A C   1 
ATOM   1236 O  O   . GLU A 1 155 ? 10.873  3.007   13.243  1.00 34.13 ? 155 GLU A O   1 
ATOM   1237 C  CB  . GLU A 1 155 ? 9.353   2.782   16.146  1.00 36.42 ? 155 GLU A CB  1 
ATOM   1238 C  CG  . GLU A 1 155 ? 9.185   1.869   17.353  1.00 38.35 ? 155 GLU A CG  1 
ATOM   1239 C  CD  . GLU A 1 155 ? 7.776   1.894   17.935  1.00 41.40 ? 155 GLU A CD  1 
ATOM   1240 O  OE1 . GLU A 1 155 ? 6.920   2.634   17.415  1.00 45.53 ? 155 GLU A OE1 1 
ATOM   1241 O  OE2 . GLU A 1 155 ? 7.533   1.168   18.919  1.00 47.21 ? 155 GLU A OE2 1 
ATOM   1242 N  N   . TYR A 1 156 ? 10.937  4.947   14.385  1.00 32.38 ? 156 TYR A N   1 
ATOM   1243 C  CA  . TYR A 1 156 ? 10.974  5.724   13.147  1.00 35.64 ? 156 TYR A CA  1 
ATOM   1244 C  C   . TYR A 1 156 ? 12.256  5.461   12.374  1.00 36.08 ? 156 TYR A C   1 
ATOM   1245 O  O   . TYR A 1 156 ? 12.220  5.155   11.174  1.00 33.56 ? 156 TYR A O   1 
ATOM   1246 C  CB  . TYR A 1 156 ? 10.824  7.213   13.439  1.00 36.91 ? 156 TYR A CB  1 
ATOM   1247 C  CG  . TYR A 1 156 ? 10.861  8.025   12.169  1.00 38.03 ? 156 TYR A CG  1 
ATOM   1248 C  CD1 . TYR A 1 156 ? 9.734   8.128   11.366  1.00 37.61 ? 156 TYR A CD1 1 
ATOM   1249 C  CD2 . TYR A 1 156 ? 12.034  8.640   11.746  1.00 44.15 ? 156 TYR A CD2 1 
ATOM   1250 C  CE1 . TYR A 1 156 ? 9.758   8.849   10.197  1.00 43.99 ? 156 TYR A CE1 1 
ATOM   1251 C  CE2 . TYR A 1 156 ? 12.073  9.362   10.573  1.00 47.87 ? 156 TYR A CE2 1 
ATOM   1252 C  CZ  . TYR A 1 156 ? 10.929  9.465   9.805   1.00 50.81 ? 156 TYR A CZ  1 
ATOM   1253 O  OH  . TYR A 1 156 ? 10.954  10.184  8.637   1.00 56.09 ? 156 TYR A OH  1 
ATOM   1254 N  N   . GLU A 1 157 ? 13.402  5.555   13.056  1.00 33.27 ? 157 GLU A N   1 
ATOM   1255 C  CA  . GLU A 1 157 ? 14.693  5.388   12.398  1.00 35.94 ? 157 GLU A CA  1 
ATOM   1256 C  C   . GLU A 1 157 ? 14.891  3.968   11.891  1.00 34.82 ? 157 GLU A C   1 
ATOM   1257 O  O   . GLU A 1 157 ? 15.412  3.758   10.792  1.00 34.70 ? 157 GLU A O   1 
ATOM   1258 C  CB  . GLU A 1 157 ? 15.823  5.746   13.363  1.00 38.01 ? 157 GLU A CB  1 
ATOM   1259 C  CG  . GLU A 1 157 ? 15.969  7.226   13.645  1.00 43.32 ? 157 GLU A CG  1 
ATOM   1260 C  CD  . GLU A 1 157 ? 16.281  8.032   12.389  1.00 50.24 ? 157 GLU A CD  1 
ATOM   1261 O  OE1 . GLU A 1 157 ? 15.700  9.136   12.235  1.00 51.71 ? 157 GLU A OE1 1 
ATOM   1262 O  OE2 . GLU A 1 157 ? 17.093  7.562   11.556  1.00 49.91 ? 157 GLU A OE2 1 
ATOM   1263 N  N   . LYS A 1 158 ? 14.499  2.981   12.685  1.00 31.41 ? 158 LYS A N   1 
ATOM   1264 C  CA  . LYS A 1 158 ? 14.837  1.598   12.402  1.00 31.99 ? 158 LYS A CA  1 
ATOM   1265 C  C   . LYS A 1 158 ? 13.741  0.831   11.680  1.00 31.79 ? 158 LYS A C   1 
ATOM   1266 O  O   . LYS A 1 158 ? 14.016  -0.252  11.160  1.00 30.78 ? 158 LYS A O   1 
ATOM   1267 C  CB  . LYS A 1 158 ? 15.181  0.877   13.709  1.00 37.14 ? 158 LYS A CB  1 
ATOM   1268 C  CG  . LYS A 1 158 ? 16.488  1.359   14.312  1.00 38.13 ? 158 LYS A CG  1 
ATOM   1269 C  CD  . LYS A 1 158 ? 16.710  0.767   15.694  1.00 44.31 ? 158 LYS A CD  1 
ATOM   1270 C  CE  . LYS A 1 158 ? 18.171  0.840   16.101  1.00 49.02 ? 158 LYS A CE  1 
ATOM   1271 N  NZ  . LYS A 1 158 ? 18.794  -0.509  16.028  1.00 56.92 ? 158 LYS A NZ  1 
ATOM   1272 N  N   . VAL A 1 159 ? 12.509  1.337   11.665  1.00 29.31 ? 159 VAL A N   1 
ATOM   1273 C  CA  . VAL A 1 159 ? 11.412  0.606   11.042  1.00 32.64 ? 159 VAL A CA  1 
ATOM   1274 C  C   . VAL A 1 159 ? 10.710  1.460   9.993   1.00 30.57 ? 159 VAL A C   1 
ATOM   1275 O  O   . VAL A 1 159 ? 10.662  1.088   8.813   1.00 27.74 ? 159 VAL A O   1 
ATOM   1276 C  CB  . VAL A 1 159 ? 10.412  0.100   12.099  1.00 33.19 ? 159 VAL A CB  1 
ATOM   1277 C  CG1 . VAL A 1 159 ? 9.165   -0.456  11.419  1.00 27.76 ? 159 VAL A CG1 1 
ATOM   1278 C  CG2 . VAL A 1 159 ? 11.076  -0.968  12.965  1.00 30.51 ? 159 VAL A CG2 1 
ATOM   1279 N  N   . TRP A 1 160 ? 10.160  2.609   10.407  1.00 31.34 ? 160 TRP A N   1 
ATOM   1280 C  CA  . TRP A 1 160 ? 9.342   3.403   9.484   1.00 31.44 ? 160 TRP A CA  1 
ATOM   1281 C  C   . TRP A 1 160 ? 10.159  3.992   8.338   1.00 33.05 ? 160 TRP A C   1 
ATOM   1282 O  O   . TRP A 1 160 ? 9.632   4.149   7.231   1.00 30.47 ? 160 TRP A O   1 
ATOM   1283 C  CB  . TRP A 1 160 ? 8.599   4.506   10.247  1.00 30.91 ? 160 TRP A CB  1 
ATOM   1284 C  CG  . TRP A 1 160 ? 7.597   3.937   11.206  1.00 32.74 ? 160 TRP A CG  1 
ATOM   1285 C  CD1 . TRP A 1 160 ? 7.654   3.960   12.571  1.00 32.70 ? 160 TRP A CD1 1 
ATOM   1286 C  CD2 . TRP A 1 160 ? 6.400   3.221   10.865  1.00 33.57 ? 160 TRP A CD2 1 
ATOM   1287 N  NE1 . TRP A 1 160 ? 6.566   3.306   13.102  1.00 31.54 ? 160 TRP A NE1 1 
ATOM   1288 C  CE2 . TRP A 1 160 ? 5.778   2.845   12.078  1.00 31.42 ? 160 TRP A CE2 1 
ATOM   1289 C  CE3 . TRP A 1 160 ? 5.790   2.869   9.650   1.00 31.74 ? 160 TRP A CE3 1 
ATOM   1290 C  CZ2 . TRP A 1 160 ? 4.573   2.131   12.118  1.00 31.18 ? 160 TRP A CZ2 1 
ATOM   1291 C  CZ3 . TRP A 1 160 ? 4.595   2.157   9.688   1.00 28.08 ? 160 TRP A CZ3 1 
ATOM   1292 C  CH2 . TRP A 1 160 ? 4.002   1.794   10.914  1.00 35.22 ? 160 TRP A CH2 1 
ATOM   1293 N  N   . LYS A 1 161 ? 11.446  4.277   8.545   1.00 31.26 ? 161 LYS A N   1 
ATOM   1294 C  CA  . LYS A 1 161 ? 12.222  4.843   7.445   1.00 33.44 ? 161 LYS A CA  1 
ATOM   1295 C  C   . LYS A 1 161 ? 12.458  3.849   6.312   1.00 35.19 ? 161 LYS A C   1 
ATOM   1296 O  O   . LYS A 1 161 ? 12.714  4.274   5.183   1.00 35.79 ? 161 LYS A O   1 
ATOM   1297 C  CB  . LYS A 1 161 ? 13.555  5.401   7.946   1.00 36.30 ? 161 LYS A CB  1 
ATOM   1298 C  CG  . LYS A 1 161 ? 13.422  6.828   8.466   1.00 43.24 ? 161 LYS A CG  1 
ATOM   1299 C  CD  . LYS A 1 161 ? 14.731  7.383   9.002   1.00 46.30 ? 161 LYS A CD  1 
ATOM   1300 C  CE  . LYS A 1 161 ? 15.684  7.754   7.887   1.00 53.37 ? 161 LYS A CE  1 
ATOM   1301 N  NZ  . LYS A 1 161 ? 17.024  8.177   8.407   1.00 57.51 ? 161 LYS A NZ  1 
ATOM   1302 N  N   . LYS A 1 162 ? 12.354  2.548   6.564   1.00 29.71 ? 162 LYS A N   1 
ATOM   1303 C  CA  . LYS A 1 162 ? 12.468  1.560   5.501   1.00 29.52 ? 162 LYS A CA  1 
ATOM   1304 C  C   . LYS A 1 162 ? 11.114  0.960   5.151   1.00 28.87 ? 162 LYS A C   1 
ATOM   1305 O  O   . LYS A 1 162 ? 11.035  0.071   4.296   1.00 31.29 ? 162 LYS A O   1 
ATOM   1306 C  CB  . LYS A 1 162 ? 13.472  0.468   5.915   1.00 35.13 ? 162 LYS A CB  1 
ATOM   1307 C  CG  . LYS A 1 162 ? 13.903  -0.535  4.819   1.00 36.18 ? 162 LYS A CG  1 
ATOM   1308 C  CD  . LYS A 1 162 ? 14.435  0.137   3.557   1.00 35.53 ? 162 LYS A CD  1 
ATOM   1309 C  CE  . LYS A 1 162 ? 14.869  -0.899  2.524   1.00 35.36 ? 162 LYS A CE  1 
ATOM   1310 N  NZ  . LYS A 1 162 ? 16.142  -1.590  2.888   1.00 38.89 ? 162 LYS A NZ  1 
HETATM 1311 N  N   . MSE A 1 163 ? 10.039  1.444   5.763   1.00 25.38 ? 163 MSE A N   1 
HETATM 1312 C  CA  . MSE A 1 163 ? 8.734   0.810   5.594   1.00 26.00 ? 163 MSE A CA  1 
HETATM 1313 C  C   . MSE A 1 163 ? 8.110   0.916   4.176   1.00 27.82 ? 163 MSE A C   1 
HETATM 1314 O  O   . MSE A 1 163 ? 7.456   -0.041  3.760   1.00 26.05 ? 163 MSE A O   1 
HETATM 1315 C  CB  . MSE A 1 163 ? 7.748   1.357   6.625   1.00 26.38 ? 163 MSE A CB  1 
HETATM 1316 C  CG  . MSE A 1 163 ? 6.386   0.668   6.599   1.00 29.82 ? 163 MSE A CG  1 
HETATM 1317 SE SE  . MSE A 1 163 ? 6.458   -1.261  6.818   0.40 30.37 ? 163 MSE A SE  1 
HETATM 1318 C  CE  . MSE A 1 163 ? 6.844   -1.337  8.703   1.00 31.21 ? 163 MSE A CE  1 
ATOM   1319 N  N   . PRO A 1 164 ? 8.290   2.030   3.432   1.00 27.90 ? 164 PRO A N   1 
ATOM   1320 C  CA  . PRO A 1 164 ? 7.716   2.037   2.069   1.00 29.16 ? 164 PRO A CA  1 
ATOM   1321 C  C   . PRO A 1 164 ? 8.241   0.886   1.235   1.00 25.71 ? 164 PRO A C   1 
ATOM   1322 O  O   . PRO A 1 164 ? 7.447   0.177   0.605   1.00 26.40 ? 164 PRO A O   1 
ATOM   1323 C  CB  . PRO A 1 164 ? 8.113   3.415   1.509   1.00 28.22 ? 164 PRO A CB  1 
ATOM   1324 C  CG  . PRO A 1 164 ? 8.206   4.286   2.730   1.00 31.39 ? 164 PRO A CG  1 
ATOM   1325 C  CD  . PRO A 1 164 ? 8.827   3.359   3.784   1.00 26.26 ? 164 PRO A CD  1 
ATOM   1326 N  N   . THR A 1 165 ? 9.552   0.634   1.269   1.00 23.52 ? 165 THR A N   1 
ATOM   1327 C  CA  . THR A 1 165 ? 10.096  -0.490  0.519   1.00 25.83 ? 165 THR A CA  1 
ATOM   1328 C  C   . THR A 1 165 ? 9.719   -1.834  1.152   1.00 27.38 ? 165 THR A C   1 
ATOM   1329 O  O   . THR A 1 165 ? 9.420   -2.799  0.438   1.00 25.17 ? 165 THR A O   1 
ATOM   1330 C  CB  . THR A 1 165 ? 11.613  -0.338  0.388   1.00 29.51 ? 165 THR A CB  1 
ATOM   1331 O  OG1 . THR A 1 165 ? 11.904  0.684   -0.575  1.00 29.01 ? 165 THR A OG1 1 
ATOM   1332 C  CG2 . THR A 1 165 ? 12.254  -1.639  -0.070  1.00 29.27 ? 165 THR A CG2 1 
ATOM   1333 N  N   . TYR A 1 166 ? 9.707   -1.924  2.487   1.00 24.40 ? 166 TYR A N   1 
ATOM   1334 C  CA  . TYR A 1 166 ? 9.304   -3.181  3.118   1.00 26.53 ? 166 TYR A CA  1 
ATOM   1335 C  C   . TYR A 1 166 ? 7.848   -3.530  2.793   1.00 26.02 ? 166 TYR A C   1 
ATOM   1336 O  O   . TYR A 1 166 ? 7.540   -4.675  2.436   1.00 25.22 ? 166 TYR A O   1 
ATOM   1337 C  CB  . TYR A 1 166 ? 9.526   -3.113  4.632   1.00 28.60 ? 166 TYR A CB  1 
ATOM   1338 C  CG  . TYR A 1 166 ? 9.195   -4.411  5.320   1.00 28.53 ? 166 TYR A CG  1 
ATOM   1339 C  CD1 . TYR A 1 166 ? 9.971   -5.546  5.117   1.00 30.50 ? 166 TYR A CD1 1 
ATOM   1340 C  CD2 . TYR A 1 166 ? 8.091   -4.511  6.151   1.00 35.11 ? 166 TYR A CD2 1 
ATOM   1341 C  CE1 . TYR A 1 166 ? 9.663   -6.741  5.735   1.00 29.29 ? 166 TYR A CE1 1 
ATOM   1342 C  CE2 . TYR A 1 166 ? 7.777   -5.704  6.776   1.00 34.99 ? 166 TYR A CE2 1 
ATOM   1343 C  CZ  . TYR A 1 166 ? 8.566   -6.810  6.563   1.00 33.45 ? 166 TYR A CZ  1 
ATOM   1344 O  OH  . TYR A 1 166 ? 8.256   -7.998  7.190   1.00 34.67 ? 166 TYR A OH  1 
ATOM   1345 N  N   . PHE A 1 167 ? 6.953   -2.541  2.852   1.00 24.19 ? 167 PHE A N   1 
ATOM   1346 C  CA  . PHE A 1 167 ? 5.549   -2.766  2.517   1.00 27.24 ? 167 PHE A CA  1 
ATOM   1347 C  C   . PHE A 1 167 ? 5.394   -3.246  1.081   1.00 27.56 ? 167 PHE A C   1 
ATOM   1348 O  O   . PHE A 1 167 ? 4.604   -4.158  0.804   1.00 26.68 ? 167 PHE A O   1 
ATOM   1349 C  CB  . PHE A 1 167 ? 4.776   -1.464  2.729   1.00 26.88 ? 167 PHE A CB  1 
ATOM   1350 C  CG  . PHE A 1 167 ? 3.279   -1.592  2.626   1.00 29.36 ? 167 PHE A CG  1 
ATOM   1351 C  CD1 . PHE A 1 167 ? 2.641   -1.608  1.387   1.00 26.89 ? 167 PHE A CD1 1 
ATOM   1352 C  CD2 . PHE A 1 167 ? 2.504   -1.612  3.775   1.00 29.81 ? 167 PHE A CD2 1 
ATOM   1353 C  CE1 . PHE A 1 167 ? 1.249   -1.679  1.300   1.00 27.75 ? 167 PHE A CE1 1 
ATOM   1354 C  CE2 . PHE A 1 167 ? 1.107   -1.680  3.705   1.00 29.92 ? 167 PHE A CE2 1 
ATOM   1355 C  CZ  . PHE A 1 167 ? 0.480   -1.711  2.461   1.00 31.95 ? 167 PHE A CZ  1 
ATOM   1356 N  N   . GLU A 1 168 ? 6.134   -2.627  0.158   1.00 27.05 ? 168 GLU A N   1 
ATOM   1357 C  CA  . GLU A 1 168 ? 6.099   -3.029  -1.244  1.00 27.61 ? 168 GLU A CA  1 
ATOM   1358 C  C   . GLU A 1 168 ? 6.497   -4.491  -1.393  1.00 28.61 ? 168 GLU A C   1 
ATOM   1359 O  O   . GLU A 1 168 ? 5.921   -5.224  -2.205  1.00 28.53 ? 168 GLU A O   1 
ATOM   1360 C  CB  . GLU A 1 168 ? 7.035   -2.118  -2.050  1.00 28.63 ? 168 GLU A CB  1 
ATOM   1361 C  CG  . GLU A 1 168 ? 7.023   -2.334  -3.557  1.00 28.31 ? 168 GLU A CG  1 
ATOM   1362 C  CD  . GLU A 1 168 ? 7.993   -1.419  -4.326  1.00 34.45 ? 168 GLU A CD  1 
ATOM   1363 O  OE1 . GLU A 1 168 ? 8.845   -0.739  -3.711  1.00 36.26 ? 168 GLU A OE1 1 
ATOM   1364 O  OE2 . GLU A 1 168 ? 7.886   -1.384  -5.563  1.00 34.27 ? 168 GLU A OE2 1 
ATOM   1365 N  N   . SER A 1 169 ? 7.464   -4.942  -0.592  1.00 27.17 ? 169 SER A N   1 
ATOM   1366 C  CA  . SER A 1 169 ? 7.916   -6.322  -0.667  1.00 28.47 ? 169 SER A CA  1 
ATOM   1367 C  C   . SER A 1 169 ? 6.932   -7.301  -0.042  1.00 30.14 ? 169 SER A C   1 
ATOM   1368 O  O   . SER A 1 169 ? 7.042   -8.503  -0.306  1.00 31.37 ? 169 SER A O   1 
ATOM   1369 C  CB  . SER A 1 169 ? 9.293   -6.473  0.000   1.00 34.25 ? 169 SER A CB  1 
ATOM   1370 O  OG  . SER A 1 169 ? 9.197   -6.526  1.417   1.00 32.74 ? 169 SER A OG  1 
ATOM   1371 N  N   . ILE A 1 170 ? 5.994   -6.824  0.784   1.00 26.20 ? 170 ILE A N   1 
ATOM   1372 C  CA  . ILE A 1 170 ? 4.951   -7.676  1.363   1.00 27.72 ? 170 ILE A CA  1 
ATOM   1373 C  C   . ILE A 1 170 ? 3.735   -7.753  0.451   1.00 29.11 ? 170 ILE A C   1 
ATOM   1374 O  O   . ILE A 1 170 ? 3.127   -8.814  0.302   1.00 27.21 ? 170 ILE A O   1 
ATOM   1375 C  CB  . ILE A 1 170 ? 4.542   -7.167  2.766   1.00 26.51 ? 170 ILE A CB  1 
ATOM   1376 C  CG1 . ILE A 1 170 ? 5.753   -7.063  3.712   1.00 30.57 ? 170 ILE A CG1 1 
ATOM   1377 C  CG2 . ILE A 1 170 ? 3.435   -8.054  3.375   1.00 28.24 ? 170 ILE A CG2 1 
ATOM   1378 C  CD1 . ILE A 1 170 ? 6.411   -8.347  4.029   1.00 37.88 ? 170 ILE A CD1 1 
ATOM   1379 N  N   . ILE A 1 171 ? 3.347   -6.634  -0.158  1.00 25.84 ? 171 ILE A N   1 
ATOM   1380 C  CA  . ILE A 1 171 ? 2.145   -6.664  -0.975  1.00 27.67 ? 171 ILE A CA  1 
ATOM   1381 C  C   . ILE A 1 171 ? 2.406   -7.327  -2.319  1.00 28.72 ? 171 ILE A C   1 
ATOM   1382 O  O   . ILE A 1 171 ? 1.474   -7.857  -2.931  1.00 26.55 ? 171 ILE A O   1 
ATOM   1383 C  CB  . ILE A 1 171 ? 1.566   -5.248  -1.140  1.00 28.99 ? 171 ILE A CB  1 
ATOM   1384 C  CG1 . ILE A 1 171 ? 0.127   -5.315  -1.661  1.00 26.41 ? 171 ILE A CG1 1 
ATOM   1385 C  CG2 . ILE A 1 171 ? 2.466   -4.391  -2.043  1.00 26.48 ? 171 ILE A CG2 1 
ATOM   1386 C  CD1 . ILE A 1 171 ? -0.671  -4.009  -1.456  1.00 30.34 ? 171 ILE A CD1 1 
ATOM   1387 N  N   . GLN A 1 172 ? 3.659   -7.337  -2.783  1.00 29.12 ? 172 GLN A N   1 
ATOM   1388 C  CA  . GLN A 1 172 ? 3.975   -7.984  -4.054  1.00 30.11 ? 172 GLN A CA  1 
ATOM   1389 C  C   . GLN A 1 172 ? 3.626   -9.472  -4.058  1.00 31.00 ? 172 GLN A C   1 
ATOM   1390 O  O   . GLN A 1 172 ? 2.918   -9.911  -4.982  1.00 28.89 ? 172 GLN A O   1 
ATOM   1391 C  CB  . GLN A 1 172 ? 5.450   -7.728  -4.395  1.00 34.33 ? 172 GLN A CB  1 
ATOM   1392 C  CG  . GLN A 1 172 ? 6.030   -8.661  -5.458  1.00 38.95 ? 172 GLN A CG  1 
ATOM   1393 C  CD  . GLN A 1 172 ? 5.460   -8.378  -6.823  1.00 40.36 ? 172 GLN A CD  1 
ATOM   1394 O  OE1 . GLN A 1 172 ? 5.010   -7.262  -7.107  1.00 38.72 ? 172 GLN A OE1 1 
ATOM   1395 N  NE2 . GLN A 1 172 ? 5.492   -9.384  -7.696  1.00 42.60 ? 172 GLN A NE2 1 
ATOM   1396 N  N   . PRO A 1 173 ? 4.053   -10.298 -3.090  1.00 31.41 ? 173 PRO A N   1 
ATOM   1397 C  CA  . PRO A 1 173 ? 3.640   -11.710 -3.139  1.00 29.02 ? 173 PRO A CA  1 
ATOM   1398 C  C   . PRO A 1 173 ? 2.147   -11.911 -2.944  1.00 28.87 ? 173 PRO A C   1 
ATOM   1399 O  O   . PRO A 1 173 ? 1.610   -12.919 -3.415  1.00 30.45 ? 173 PRO A O   1 
ATOM   1400 C  CB  . PRO A 1 173 ? 4.456   -12.365 -2.014  1.00 32.72 ? 173 PRO A CB  1 
ATOM   1401 C  CG  . PRO A 1 173 ? 4.892   -11.269 -1.156  1.00 33.28 ? 173 PRO A CG  1 
ATOM   1402 C  CD  . PRO A 1 173 ? 5.064   -10.080 -2.037  1.00 30.85 ? 173 PRO A CD  1 
ATOM   1403 N  N   . LEU A 1 174 ? 1.458   -10.983 -2.273  1.00 26.34 ? 174 LEU A N   1 
ATOM   1404 C  CA  . LEU A 1 174 ? 0.005   -11.074 -2.173  1.00 26.55 ? 174 LEU A CA  1 
ATOM   1405 C  C   . LEU A 1 174 ? -0.637  -11.137 -3.554  1.00 27.34 ? 174 LEU A C   1 
ATOM   1406 O  O   . LEU A 1 174 ? -1.646  -11.827 -3.749  1.00 29.01 ? 174 LEU A O   1 
ATOM   1407 C  CB  . LEU A 1 174 ? -0.548  -9.878  -1.392  1.00 29.19 ? 174 LEU A CB  1 
ATOM   1408 C  CG  . LEU A 1 174 ? -2.064  -9.872  -1.193  1.00 30.90 ? 174 LEU A CG  1 
ATOM   1409 C  CD1 . LEU A 1 174 ? -2.497  -11.139 -0.451  1.00 28.56 ? 174 LEU A CD1 1 
ATOM   1410 C  CD2 . LEU A 1 174 ? -2.486  -8.639  -0.403  1.00 30.18 ? 174 LEU A CD2 1 
ATOM   1411 N  N   . LEU A 1 175 ? -0.070  -10.411 -4.521  1.00 26.60 ? 175 LEU A N   1 
ATOM   1412 C  CA  . LEU A 1 175 ? -0.616  -10.345 -5.876  1.00 29.22 ? 175 LEU A CA  1 
ATOM   1413 C  C   . LEU A 1 175 ? -0.550  -11.674 -6.604  1.00 32.09 ? 175 LEU A C   1 
ATOM   1414 O  O   . LEU A 1 175 ? -1.175  -11.816 -7.659  1.00 33.40 ? 175 LEU A O   1 
ATOM   1415 C  CB  . LEU A 1 175 ? 0.146   -9.296  -6.685  1.00 26.47 ? 175 LEU A CB  1 
ATOM   1416 C  CG  . LEU A 1 175 ? -0.009  -7.859  -6.202  1.00 27.20 ? 175 LEU A CG  1 
ATOM   1417 C  CD1 . LEU A 1 175 ? 0.916   -6.942  -6.979  1.00 31.40 ? 175 LEU A CD1 1 
ATOM   1418 C  CD2 . LEU A 1 175 ? -1.465  -7.414  -6.374  1.00 28.01 ? 175 LEU A CD2 1 
ATOM   1419 N  N   . HIS A 1 176 ? 0.230   -12.626 -6.100  1.00 31.34 ? 176 HIS A N   1 
ATOM   1420 C  CA  . HIS A 1 176 ? 0.436   -13.900 -6.770  1.00 34.55 ? 176 HIS A CA  1 
ATOM   1421 C  C   . HIS A 1 176 ? -0.018  -15.086 -5.930  1.00 37.94 ? 176 HIS A C   1 
ATOM   1422 O  O   . HIS A 1 176 ? 0.188   -16.237 -6.334  1.00 40.21 ? 176 HIS A O   1 
ATOM   1423 C  CB  . HIS A 1 176 ? 1.904   -14.016 -7.167  1.00 36.20 ? 176 HIS A CB  1 
ATOM   1424 C  CG  . HIS A 1 176 ? 2.326   -12.942 -8.118  1.00 37.58 ? 176 HIS A CG  1 
ATOM   1425 N  ND1 . HIS A 1 176 ? 1.984   -12.959 -9.454  1.00 37.41 ? 176 HIS A ND1 1 
ATOM   1426 C  CD2 . HIS A 1 176 ? 3.012   -11.790 -7.920  1.00 32.95 ? 176 HIS A CD2 1 
ATOM   1427 C  CE1 . HIS A 1 176 ? 2.464   -11.878 -10.042 1.00 37.11 ? 176 HIS A CE1 1 
ATOM   1428 N  NE2 . HIS A 1 176 ? 3.086   -11.150 -9.134  1.00 37.95 ? 176 HIS A NE2 1 
ATOM   1429 N  N   . LYS A 1 177 ? -0.646  -14.839 -4.785  1.00 35.84 ? 177 LYS A N   1 
ATOM   1430 C  CA  . LYS A 1 177 ? -1.273  -15.906 -4.020  1.00 37.94 ? 177 LYS A CA  1 
ATOM   1431 C  C   . LYS A 1 177 ? -2.594  -16.288 -4.666  1.00 43.95 ? 177 LYS A C   1 
ATOM   1432 O  O   . LYS A 1 177 ? -3.354  -15.424 -5.108  1.00 41.22 ? 177 LYS A O   1 
ATOM   1433 C  CB  . LYS A 1 177 ? -1.532  -15.466 -2.583  1.00 35.63 ? 177 LYS A CB  1 
ATOM   1434 C  CG  . LYS A 1 177 ? -0.305  -15.117 -1.797  1.00 37.64 ? 177 LYS A CG  1 
ATOM   1435 C  CD  . LYS A 1 177 ? 0.433   -16.361 -1.430  1.00 39.93 ? 177 LYS A CD  1 
ATOM   1436 C  CE  . LYS A 1 177 ? 1.555   -16.071 -0.461  1.00 36.26 ? 177 LYS A CE  1 
ATOM   1437 N  NZ  . LYS A 1 177 ? 2.194   -17.356 -0.088  1.00 34.40 ? 177 LYS A NZ  1 
ATOM   1438 N  N   . THR A 1 178 ? -2.877  -17.582 -4.705  1.00 46.57 ? 178 THR A N   1 
ATOM   1439 C  CA  . THR A 1 178 ? -4.131  -18.039 -5.295  1.00 48.62 ? 178 THR A CA  1 
ATOM   1440 C  C   . THR A 1 178 ? -5.225  -18.120 -4.241  1.00 54.67 ? 178 THR A C   1 
ATOM   1441 O  O   . THR A 1 178 ? -6.281  -17.509 -4.396  1.00 59.20 ? 178 THR A O   1 
ATOM   1442 C  CB  . THR A 1 178 ? -3.971  -19.405 -5.975  1.00 51.31 ? 178 THR A CB  1 
ATOM   1443 O  OG1 . THR A 1 178 ? -3.518  -20.364 -5.013  1.00 56.72 ? 178 THR A OG1 1 
ATOM   1444 C  CG2 . THR A 1 178 ? -2.964  -19.315 -7.112  1.00 57.11 ? 178 THR A CG2 1 
HETATM 1445 O  O   . HOH B 2 .   ? 3.066   -11.399 -13.393 1.00 53.37 ? 201 HOH A O   1 
HETATM 1446 O  O   . HOH B 2 .   ? 8.906   0.079   19.995  1.00 50.44 ? 202 HOH A O   1 
HETATM 1447 O  O   . HOH B 2 .   ? -9.408  16.786  -6.668  1.00 54.16 ? 203 HOH A O   1 
HETATM 1448 O  O   . HOH B 2 .   ? 13.988  -16.557 8.622   1.00 40.28 ? 204 HOH A O   1 
HETATM 1449 O  O   . HOH B 2 .   ? 9.884   9.538   6.683   1.00 46.00 ? 205 HOH A O   1 
HETATM 1450 O  O   . HOH B 2 .   ? 15.276  -11.443 11.611  1.00 40.23 ? 206 HOH A O   1 
HETATM 1451 O  O   . HOH B 2 .   ? -7.562  6.820   9.758   1.00 45.66 ? 207 HOH A O   1 
HETATM 1452 O  O   . HOH B 2 .   ? -9.600  13.705  2.092   1.00 52.87 ? 208 HOH A O   1 
HETATM 1453 O  O   . HOH B 2 .   ? 15.982  9.938   5.737   1.00 53.60 ? 209 HOH A O   1 
HETATM 1454 O  O   . HOH B 2 .   ? 19.227  8.221   7.217   1.00 59.40 ? 210 HOH A O   1 
HETATM 1455 O  O   . HOH B 2 .   ? 1.880   14.344  -4.517  1.00 40.99 ? 211 HOH A O   1 
HETATM 1456 O  O   . HOH B 2 .   ? -23.523 19.707  -20.810 1.00 49.30 ? 212 HOH A O   1 
HETATM 1457 O  O   . HOH B 2 .   ? -8.872  3.255   -19.133 1.00 48.31 ? 213 HOH A O   1 
HETATM 1458 O  O   . HOH B 2 .   ? 0.108   8.341   -7.908  1.00 32.34 ? 214 HOH A O   1 
HETATM 1459 O  O   . HOH B 2 .   ? -17.530 5.888   -6.099  1.00 33.08 ? 215 HOH A O   1 
HETATM 1460 O  O   . HOH B 2 .   ? -10.835 14.359  -1.558  1.00 51.21 ? 216 HOH A O   1 
HETATM 1461 O  O   . HOH B 2 .   ? 5.038   -0.143  -10.917 1.00 32.09 ? 217 HOH A O   1 
HETATM 1462 O  O   . HOH B 2 .   ? -0.130  6.558   -15.506 1.00 31.17 ? 218 HOH A O   1 
HETATM 1463 O  O   . HOH B 2 .   ? -14.757 2.420   -7.481  1.00 22.29 ? 219 HOH A O   1 
HETATM 1464 O  O   . HOH B 2 .   ? -23.816 -0.761  -2.743  1.00 53.00 ? 220 HOH A O   1 
HETATM 1465 O  O   . HOH B 2 .   ? 0.970   11.832  13.232  1.00 54.98 ? 221 HOH A O   1 
HETATM 1466 O  O   . HOH B 2 .   ? 6.951   -2.611  -7.728  1.00 36.90 ? 222 HOH A O   1 
HETATM 1467 O  O   . HOH B 2 .   ? -15.494 10.385  -6.121  0.50 14.10 ? 223 HOH A O   1 
HETATM 1468 O  O   . HOH B 2 .   ? -2.695  -13.399 17.313  1.00 40.85 ? 224 HOH A O   1 
HETATM 1469 O  O   . HOH B 2 .   ? 2.282   -18.776 13.776  1.00 33.58 ? 225 HOH A O   1 
HETATM 1470 O  O   . HOH B 2 .   ? 12.266  4.039   -0.127  1.00 39.52 ? 226 HOH A O   1 
HETATM 1471 O  O   . HOH B 2 .   ? 4.109   -5.973  -9.362  1.00 35.47 ? 227 HOH A O   1 
HETATM 1472 O  O   . HOH B 2 .   ? 20.857  -2.236  16.156  1.00 51.68 ? 228 HOH A O   1 
HETATM 1473 O  O   . HOH B 2 .   ? -7.633  -3.740  3.469   1.00 31.09 ? 229 HOH A O   1 
HETATM 1474 O  O   . HOH B 2 .   ? 7.587   5.899   -7.773  1.00 42.86 ? 230 HOH A O   1 
HETATM 1475 O  O   . HOH B 2 .   ? 11.402  1.629   20.170  1.00 43.77 ? 231 HOH A O   1 
HETATM 1476 O  O   . HOH B 2 .   ? 3.150   9.038   -16.515 1.00 41.24 ? 232 HOH A O   1 
HETATM 1477 O  O   . HOH B 2 .   ? 11.499  -0.445  -3.244  1.00 27.41 ? 233 HOH A O   1 
HETATM 1478 O  O   . HOH B 2 .   ? 9.041   -9.997  -1.389  1.00 40.93 ? 234 HOH A O   1 
HETATM 1479 O  O   . HOH B 2 .   ? 3.118   -15.134 -3.908  1.00 38.54 ? 235 HOH A O   1 
HETATM 1480 O  O   . HOH B 2 .   ? -3.971  -18.387 7.174   1.00 40.25 ? 236 HOH A O   1 
HETATM 1481 O  O   . HOH B 2 .   ? -1.814  -12.982 -10.039 1.00 41.99 ? 237 HOH A O   1 
HETATM 1482 O  O   . HOH B 2 .   ? 6.663   2.630   -12.873 1.00 39.59 ? 238 HOH A O   1 
HETATM 1483 O  O   . HOH B 2 .   ? 2.002   -2.053  -16.886 1.00 44.60 ? 239 HOH A O   1 
HETATM 1484 O  O   . HOH B 2 .   ? -19.530 8.665   1.678   1.00 35.08 ? 240 HOH A O   1 
HETATM 1485 O  O   . HOH B 2 .   ? -7.031  -6.810  8.768   1.00 38.20 ? 241 HOH A O   1 
HETATM 1486 O  O   . HOH B 2 .   ? 6.216   9.339   10.514  1.00 45.71 ? 242 HOH A O   1 
HETATM 1487 O  O   . HOH B 2 .   ? 0.622   -4.173  17.359  1.00 29.37 ? 243 HOH A O   1 
HETATM 1488 O  O   . HOH B 2 .   ? 4.625   -13.519 17.876  1.00 31.05 ? 244 HOH A O   1 
HETATM 1489 O  O   . HOH B 2 .   ? 1.534   -19.453 6.466   1.00 35.37 ? 245 HOH A O   1 
HETATM 1490 O  O   . HOH B 2 .   ? 13.449  10.247  1.128   1.00 54.82 ? 246 HOH A O   1 
HETATM 1491 O  O   . HOH B 2 .   ? 3.566   5.107   14.184  1.00 40.86 ? 247 HOH A O   1 
HETATM 1492 O  O   . HOH B 2 .   ? -9.658  13.667  6.364   1.00 46.15 ? 248 HOH A O   1 
HETATM 1493 O  O   . HOH B 2 .   ? -15.416 -8.719  0.697   1.00 61.00 ? 249 HOH A O   1 
HETATM 1494 O  O   . HOH B 2 .   ? 3.718   -8.627  -10.164 1.00 38.50 ? 250 HOH A O   1 
HETATM 1495 O  O   . HOH B 2 .   ? -12.429 -3.016  -12.409 1.00 41.05 ? 251 HOH A O   1 
HETATM 1496 O  O   . HOH B 2 .   ? -5.209  -4.002  15.514  1.00 41.77 ? 252 HOH A O   1 
HETATM 1497 O  O   . HOH B 2 .   ? -16.256 3.817   -10.180 1.00 50.20 ? 253 HOH A O   1 
HETATM 1498 O  O   . HOH B 2 .   ? 9.818   -15.461 15.618  1.00 27.61 ? 254 HOH A O   1 
HETATM 1499 O  O   . HOH B 2 .   ? -0.886  11.239  12.818  1.00 58.47 ? 255 HOH A O   1 
HETATM 1500 O  O   . HOH B 2 .   ? 2.427   9.208   -6.695  1.00 37.38 ? 256 HOH A O   1 
HETATM 1501 O  O   . HOH B 2 .   ? -9.392  -6.352  -7.763  1.00 32.80 ? 257 HOH A O   1 
HETATM 1502 O  O   . HOH B 2 .   ? 1.420   14.430  2.859   1.00 42.05 ? 258 HOH A O   1 
HETATM 1503 O  O   . HOH B 2 .   ? -12.924 -3.667  -5.047  1.00 33.81 ? 259 HOH A O   1 
HETATM 1504 O  O   . HOH B 2 .   ? -3.811  15.428  -8.958  1.00 38.71 ? 260 HOH A O   1 
HETATM 1505 O  O   . HOH B 2 .   ? -4.931  -6.559  10.699  1.00 37.34 ? 261 HOH A O   1 
HETATM 1506 O  O   . HOH B 2 .   ? -2.760  13.336  -17.171 1.00 44.10 ? 262 HOH A O   1 
HETATM 1507 O  O   . HOH B 2 .   ? 7.778   6.666   -3.792  1.00 43.04 ? 263 HOH A O   1 
HETATM 1508 O  O   . HOH B 2 .   ? -7.714  -13.407 -6.204  1.00 41.99 ? 264 HOH A O   1 
HETATM 1509 O  O   . HOH B 2 .   ? 0.386   -19.502 0.591   1.00 46.82 ? 265 HOH A O   1 
HETATM 1510 O  O   . HOH B 2 .   ? -6.365  13.989  -12.888 1.00 45.02 ? 266 HOH A O   1 
HETATM 1511 O  O   . HOH B 2 .   ? 4.614   -1.928  -8.645  1.00 27.93 ? 267 HOH A O   1 
HETATM 1512 O  O   . HOH B 2 .   ? 7.256   6.069   -11.796 1.00 48.08 ? 268 HOH A O   1 
HETATM 1513 O  O   . HOH B 2 .   ? 16.614  -7.179  11.386  1.00 49.81 ? 269 HOH A O   1 
HETATM 1514 O  O   . HOH B 2 .   ? -13.446 4.950   -18.106 1.00 44.96 ? 270 HOH A O   1 
HETATM 1515 O  O   . HOH B 2 .   ? -6.362  12.931  8.626   1.00 39.83 ? 271 HOH A O   1 
HETATM 1516 O  O   . HOH B 2 .   ? 10.845  -3.343  21.745  1.00 48.05 ? 272 HOH A O   1 
HETATM 1517 O  O   . HOH B 2 .   ? 3.177   -1.424  19.338  1.00 43.19 ? 273 HOH A O   1 
HETATM 1518 O  O   . HOH B 2 .   ? -7.055  -11.456 6.390   1.00 43.50 ? 274 HOH A O   1 
HETATM 1519 O  O   . HOH B 2 .   ? -2.622  -18.362 0.754   1.00 41.08 ? 275 HOH A O   1 
HETATM 1520 O  O   . HOH B 2 .   ? -7.780  -14.400 -9.689  1.00 56.77 ? 276 HOH A O   1 
HETATM 1521 O  O   . HOH B 2 .   ? -9.138  6.029   7.112   1.00 42.48 ? 277 HOH A O   1 
HETATM 1522 O  O   . HOH B 2 .   ? 5.660   -13.871 20.591  1.00 43.88 ? 278 HOH A O   1 
HETATM 1523 O  O   . HOH B 2 .   ? -5.236  -17.314 3.471   1.00 40.86 ? 279 HOH A O   1 
HETATM 1524 O  O   . HOH B 2 .   ? -1.645  -15.086 -11.652 1.00 43.13 ? 280 HOH A O   1 
HETATM 1525 O  O   . HOH B 2 .   ? -19.551 5.925   0.881   1.00 37.69 ? 281 HOH A O   1 
HETATM 1526 O  O   . HOH B 2 .   ? -5.376  -4.538  11.710  1.00 44.38 ? 282 HOH A O   1 
HETATM 1527 O  O   . HOH B 2 .   ? 16.302  5.955   -0.605  1.00 44.05 ? 283 HOH A O   1 
HETATM 1528 O  O   . HOH B 2 .   ? -17.442 -1.813  -3.777  1.00 55.48 ? 284 HOH A O   1 
HETATM 1529 O  O   . HOH B 2 .   ? 15.542  -3.952  4.789   1.00 43.31 ? 285 HOH A O   1 
HETATM 1530 O  O   . HOH B 2 .   ? -4.246  -11.418 14.251  1.00 43.47 ? 286 HOH A O   1 
HETATM 1531 O  O   . HOH B 2 .   ? 2.622   13.619  5.928   1.00 51.93 ? 287 HOH A O   1 
HETATM 1532 O  O   . HOH B 2 .   ? 4.682   5.986   11.963  1.00 38.19 ? 288 HOH A O   1 
HETATM 1533 O  O   . HOH B 2 .   ? -7.794  14.541  1.361   1.00 40.34 ? 289 HOH A O   1 
HETATM 1534 O  O   . HOH B 2 .   ? 5.847   10.282  -14.671 1.00 63.13 ? 290 HOH A O   1 
HETATM 1535 O  O   . HOH B 2 .   ? -11.264 13.374  0.195   1.00 52.11 ? 291 HOH A O   1 
HETATM 1536 O  O   . HOH B 2 .   ? 3.518   6.274   16.699  1.00 52.44 ? 292 HOH A O   1 
HETATM 1537 O  O   . HOH B 2 .   ? 9.474   -14.385 0.635   1.00 39.02 ? 293 HOH A O   1 
HETATM 1538 O  O   . HOH B 2 .   ? 3.252   -14.047 21.629  1.00 51.05 ? 294 HOH A O   1 
HETATM 1539 O  O   . HOH B 2 .   ? 6.609   9.103   -4.283  1.00 44.28 ? 295 HOH A O   1 
HETATM 1540 O  O   . HOH B 2 .   ? -0.418  12.560  5.760   1.00 41.98 ? 296 HOH A O   1 
HETATM 1541 O  O   . HOH B 2 .   ? -2.818  -17.036 11.373  1.00 39.04 ? 297 HOH A O   1 
HETATM 1542 O  O   . HOH B 2 .   ? 10.942  -9.066  2.140   1.00 44.88 ? 298 HOH A O   1 
HETATM 1543 O  O   . HOH B 2 .   ? -2.835  -0.657  16.591  1.00 44.53 ? 299 HOH A O   1 
HETATM 1544 O  O   . HOH B 2 .   ? 11.743  2.787   2.155   1.00 32.60 ? 300 HOH A O   1 
HETATM 1545 O  O   . HOH B 2 .   ? 2.527   -18.140 -5.080  1.00 51.33 ? 301 HOH A O   1 
HETATM 1546 O  O   . HOH B 2 .   ? -11.203 -9.007  -14.610 1.00 56.64 ? 302 HOH A O   1 
HETATM 1547 O  O   . HOH B 2 .   ? -3.122  -19.019 -1.755  1.00 50.35 ? 303 HOH A O   1 
HETATM 1548 O  O   . HOH B 2 .   ? -7.057  -2.699  10.622  1.00 50.97 ? 304 HOH A O   1 
HETATM 1549 O  O   . HOH B 2 .   ? -11.579 3.032   -17.546 1.00 55.60 ? 305 HOH A O   1 
HETATM 1550 O  O   . HOH B 2 .   ? 12.236  -11.973 20.685  1.00 60.25 ? 306 HOH A O   1 
HETATM 1551 O  O   . HOH B 2 .   ? -0.001  -19.258 -4.148  1.00 53.64 ? 307 HOH A O   1 
HETATM 1552 O  O   . HOH B 2 .   ? -2.632  14.141  -14.399 1.00 48.45 ? 308 HOH A O   1 
HETATM 1553 O  O   . HOH B 2 .   ? 7.109   5.059   -5.568  1.00 49.43 ? 309 HOH A O   1 
HETATM 1554 O  O   . HOH B 2 .   ? -14.954 11.744  3.113   1.00 49.12 ? 310 HOH A O   1 
HETATM 1555 O  O   . HOH B 2 .   ? 1.809   -20.194 2.090   1.00 50.07 ? 311 HOH A O   1 
HETATM 1556 O  O   . HOH B 2 .   ? -18.879 4.973   2.818   1.00 45.07 ? 312 HOH A O   1 
HETATM 1557 O  O   . HOH B 2 .   ? 7.674   -0.740  -11.528 1.00 43.35 ? 313 HOH A O   1 
HETATM 1558 O  O   . HOH B 2 .   ? -0.958  -2.192  18.158  1.00 40.52 ? 314 HOH A O   1 
HETATM 1559 O  O   . HOH B 2 .   ? 8.137   -2.463  20.602  1.00 45.39 ? 315 HOH A O   1 
HETATM 1560 O  O   . HOH B 2 .   ? 9.003   5.281   -12.247 1.00 49.36 ? 316 HOH A O   1 
HETATM 1561 O  O   . HOH B 2 .   ? 9.068   -21.760 6.090   1.00 52.11 ? 317 HOH A O   1 
HETATM 1562 O  O   . HOH B 2 .   ? -12.499 0.347   3.158   1.00 64.95 ? 318 HOH A O   1 
HETATM 1563 O  O   . HOH B 2 .   ? -8.804  14.127  8.720   1.00 53.45 ? 319 HOH A O   1 
HETATM 1564 O  O   . HOH B 2 .   ? 25.316  4.677   0.481   1.00 55.45 ? 320 HOH A O   1 
HETATM 1565 O  O   . HOH B 2 .   ? 1.874   -8.062  23.746  1.00 46.65 ? 321 HOH A O   1 
HETATM 1566 O  O   . HOH B 2 .   ? 8.288   1.187   -13.302 1.00 45.76 ? 322 HOH A O   1 
HETATM 1567 O  O   . HOH B 2 .   ? 7.807   -16.387 17.295  1.00 42.07 ? 323 HOH A O   1 
HETATM 1568 O  O   . HOH B 2 .   ? 3.340   12.125  -6.508  1.00 50.70 ? 324 HOH A O   1 
HETATM 1569 O  O   . HOH B 2 .   ? 5.589   -14.440 -5.481  1.00 48.49 ? 325 HOH A O   1 
HETATM 1570 O  O   . HOH B 2 .   ? 12.096  -13.806 0.605   1.00 50.58 ? 326 HOH A O   1 
HETATM 1571 O  O   . HOH B 2 .   ? -11.453 -0.892  2.025   1.00 43.93 ? 327 HOH A O   1 
HETATM 1572 O  O   . HOH B 2 .   ? -10.888 -6.878  -9.808  1.00 50.46 ? 328 HOH A O   1 
HETATM 1573 O  O   . HOH B 2 .   ? -11.914 -5.896  -6.288  1.00 41.10 ? 329 HOH A O   1 
HETATM 1574 O  O   . HOH B 2 .   ? -10.416 -3.303  3.694   1.00 51.09 ? 330 HOH A O   1 
HETATM 1575 O  O   . HOH B 2 .   ? 12.970  -4.437  3.010   1.00 40.83 ? 331 HOH A O   1 
HETATM 1576 O  O   . HOH B 2 .   ? 6.159   -15.275 19.299  1.00 45.03 ? 332 HOH A O   1 
HETATM 1577 O  O   . HOH B 2 .   ? 11.574  -10.048 0.533   1.00 52.88 ? 333 HOH A O   1 
HETATM 1578 O  O   . HOH B 2 .   ? -1.191  13.690  -19.184 1.00 54.07 ? 334 HOH A O   1 
HETATM 1579 O  O   . HOH B 2 .   ? -12.664 -5.369  -11.173 1.00 51.58 ? 335 HOH A O   1 
HETATM 1580 O  O   . HOH B 2 .   ? -20.445 9.043   4.074   1.00 50.03 ? 336 HOH A O   1 
HETATM 1581 O  O   . HOH B 2 .   ? -0.691  14.023  -12.341 1.00 47.29 ? 337 HOH A O   1 
HETATM 1582 O  O   . HOH B 2 .   ? -15.619 -3.933  -4.429  1.00 43.89 ? 338 HOH A O   1 
HETATM 1583 O  O   . HOH B 2 .   ? 14.488  -8.933  6.288   1.00 46.58 ? 339 HOH A O   1 
HETATM 1584 O  O   . HOH B 2 .   ? 10.687  -8.902  -3.046  1.00 47.38 ? 340 HOH A O   1 
HETATM 1585 O  O   . HOH B 2 .   ? -5.633  -8.706  12.705  1.00 43.29 ? 341 HOH A O   1 
HETATM 1586 O  O   . HOH B 2 .   ? 3.748   -6.223  24.028  1.00 50.56 ? 342 HOH A O   1 
HETATM 1587 O  O   . HOH B 2 .   ? -6.253  -16.388 -8.959  1.00 51.74 ? 343 HOH A O   1 
HETATM 1588 O  O   . HOH B 2 .   ? -13.650 -8.117  -5.950  1.00 52.83 ? 344 HOH A O   1 
HETATM 1589 O  O   . HOH B 2 .   ? -4.481  15.836  -11.430 1.00 44.11 ? 345 HOH A O   1 
HETATM 1590 O  O   . HOH B 2 .   ? -14.330 -5.972  -6.085  1.00 63.94 ? 346 HOH A O   1 
HETATM 1591 O  O   . HOH B 2 .   ? 13.300  -7.510  4.559   1.00 50.29 ? 347 HOH A O   1 
HETATM 1592 O  O   . HOH B 2 .   ? -12.290 -7.113  -15.369 1.00 58.40 ? 348 HOH A O   1 
# 
